data_4CBE
# 
_entry.id   4CBE 
# 
_audit_conform.dict_name       mmcif_pdbx.dic 
_audit_conform.dict_version    5.383 
_audit_conform.dict_location   http://mmcif.pdb.org/dictionaries/ascii/mmcif_pdbx.dic 
# 
loop_
_database_2.database_id 
_database_2.database_code 
_database_2.pdbx_database_accession 
_database_2.pdbx_DOI 
PDB   4CBE         pdb_00004cbe 10.2210/pdb4cbe/pdb 
PDBE  EBI-58716    ?            ?                   
WWPDB D_1290058716 ?            ?                   
# 
_pdbx_database_related.db_name        PDB 
_pdbx_database_related.db_id          4BG0 
_pdbx_database_related.content_type   unspecified 
_pdbx_database_related.details        
'CRYSTAL STRUCTURE OF COMPLEMENT FACTORS H AND FHL-1 BINDING PROTEIN BBH06 OR CRASP-2 FROM BORRELIA BURGDORFERI' 
# 
_pdbx_database_status.status_code                     REL 
_pdbx_database_status.entry_id                        4CBE 
_pdbx_database_status.deposit_site                    PDBE 
_pdbx_database_status.process_site                    PDBE 
_pdbx_database_status.SG_entry                        . 
_pdbx_database_status.recvd_initial_deposition_date   2013-10-13 
_pdbx_database_status.pdb_format_compatible           Y 
_pdbx_database_status.status_code_sf                  REL 
_pdbx_database_status.status_code_mr                  ? 
_pdbx_database_status.status_code_cs                  ? 
_pdbx_database_status.methods_development_category    ? 
_pdbx_database_status.status_code_nmr_data            ? 
# 
loop_
_audit_author.name 
_audit_author.pdbx_ordinal 
'Brangulis, K.'  1 
'Petrovskis, I.' 2 
'Kazaks, A.'     3 
'Ranka, R.'      4 
'Tars, K.'       5 
# 
_citation.id                        primary 
_citation.title                     
'Structural Characterization of Cspz, a Complement Regulator Factor H and Fhl-1 Binding Protein from Borrelia Burgdorferi.' 
_citation.journal_abbrev            'FEBS J.' 
_citation.journal_volume            281 
_citation.page_first                2613 
_citation.page_last                 ? 
_citation.year                      2014 
_citation.journal_id_ASTM           ? 
_citation.country                   UK 
_citation.journal_id_ISSN           1742-464X 
_citation.journal_id_CSD            ? 
_citation.book_publisher            ? 
_citation.pdbx_database_id_PubMed   24702793 
_citation.pdbx_database_id_DOI      10.1111/FEBS.12808 
# 
loop_
_citation_author.citation_id 
_citation_author.name 
_citation_author.ordinal 
_citation_author.identifier_ORCID 
primary 'Brangulis, K.'  1 ? 
primary 'Petrovskis, I.' 2 ? 
primary 'Kazaks, A.'     3 ? 
primary 'Bogans, J.'     4 ? 
primary 'Otikovs, M.'    5 ? 
primary 'Jaudzems, K.'   6 ? 
primary 'Ranka, R.'      7 ? 
primary 'Tars, K.'       8 ? 
# 
_cell.entry_id           4CBE 
_cell.length_a           90.690 
_cell.length_b           48.840 
_cell.length_c           44.150 
_cell.angle_alpha        90.00 
_cell.angle_beta         90.00 
_cell.angle_gamma        90.00 
_cell.Z_PDB              4 
_cell.pdbx_unique_axis   ? 
# 
_symmetry.entry_id                         4CBE 
_symmetry.space_group_name_H-M             'P 21 21 2' 
_symmetry.pdbx_full_space_group_name_H-M   ? 
_symmetry.cell_setting                     ? 
_symmetry.Int_Tables_number                18 
# 
loop_
_entity.id 
_entity.type 
_entity.src_method 
_entity.pdbx_description 
_entity.formula_weight 
_entity.pdbx_number_of_molecules 
_entity.pdbx_ec 
_entity.pdbx_mutation 
_entity.pdbx_fragment 
_entity.details 
1 polymer man 'COMPLEMENT REGULATOR-ACQUIRING SURFACE PROTEIN 2 (CRASP-2)' 25052.602 1   ? ? 'RESIDUES 23-236' ? 
2 water   nat water                                                        18.015    107 ? ? ?                 ? 
# 
_entity_name_com.entity_id   1 
_entity_name_com.name        'BBH06, CRASP-2' 
# 
_entity_poly.entity_id                      1 
_entity_poly.type                           'polypeptide(L)' 
_entity_poly.nstd_linkage                   no 
_entity_poly.nstd_monomer                   no 
_entity_poly.pdbx_seq_one_letter_code       
;GAMGRLNQRNINELKIFVEKAKYYSIKLDAIYNECTGAYNDIMTYSEGTFSDQSKVNQAISIFKKDNKIVNKFKELEKII
EEYKPMFLSKLIDDFAIELDQAVDNDVSNARHVADSYKKLRKSVVLAYIESFDVISSKFVDSKFVEASKKFVNKAKEFVE
ENDLIALECIVKTIGDMVNDREINSRSRYNNFYKKEADFLGAAVELEGAYKAIKQTLL
;
_entity_poly.pdbx_seq_one_letter_code_can   
;GAMGRLNQRNINELKIFVEKAKYYSIKLDAIYNECTGAYNDIMTYSEGTFSDQSKVNQAISIFKKDNKIVNKFKELEKII
EEYKPMFLSKLIDDFAIELDQAVDNDVSNARHVADSYKKLRKSVVLAYIESFDVISSKFVDSKFVEASKKFVNKAKEFVE
ENDLIALECIVKTIGDMVNDREINSRSRYNNFYKKEADFLGAAVELEGAYKAIKQTLL
;
_entity_poly.pdbx_strand_id                 A 
_entity_poly.pdbx_target_identifier         ? 
# 
loop_
_entity_poly_seq.entity_id 
_entity_poly_seq.num 
_entity_poly_seq.mon_id 
_entity_poly_seq.hetero 
1 1   GLY n 
1 2   ALA n 
1 3   MET n 
1 4   GLY n 
1 5   ARG n 
1 6   LEU n 
1 7   ASN n 
1 8   GLN n 
1 9   ARG n 
1 10  ASN n 
1 11  ILE n 
1 12  ASN n 
1 13  GLU n 
1 14  LEU n 
1 15  LYS n 
1 16  ILE n 
1 17  PHE n 
1 18  VAL n 
1 19  GLU n 
1 20  LYS n 
1 21  ALA n 
1 22  LYS n 
1 23  TYR n 
1 24  TYR n 
1 25  SER n 
1 26  ILE n 
1 27  LYS n 
1 28  LEU n 
1 29  ASP n 
1 30  ALA n 
1 31  ILE n 
1 32  TYR n 
1 33  ASN n 
1 34  GLU n 
1 35  CYS n 
1 36  THR n 
1 37  GLY n 
1 38  ALA n 
1 39  TYR n 
1 40  ASN n 
1 41  ASP n 
1 42  ILE n 
1 43  MET n 
1 44  THR n 
1 45  TYR n 
1 46  SER n 
1 47  GLU n 
1 48  GLY n 
1 49  THR n 
1 50  PHE n 
1 51  SER n 
1 52  ASP n 
1 53  GLN n 
1 54  SER n 
1 55  LYS n 
1 56  VAL n 
1 57  ASN n 
1 58  GLN n 
1 59  ALA n 
1 60  ILE n 
1 61  SER n 
1 62  ILE n 
1 63  PHE n 
1 64  LYS n 
1 65  LYS n 
1 66  ASP n 
1 67  ASN n 
1 68  LYS n 
1 69  ILE n 
1 70  VAL n 
1 71  ASN n 
1 72  LYS n 
1 73  PHE n 
1 74  LYS n 
1 75  GLU n 
1 76  LEU n 
1 77  GLU n 
1 78  LYS n 
1 79  ILE n 
1 80  ILE n 
1 81  GLU n 
1 82  GLU n 
1 83  TYR n 
1 84  LYS n 
1 85  PRO n 
1 86  MET n 
1 87  PHE n 
1 88  LEU n 
1 89  SER n 
1 90  LYS n 
1 91  LEU n 
1 92  ILE n 
1 93  ASP n 
1 94  ASP n 
1 95  PHE n 
1 96  ALA n 
1 97  ILE n 
1 98  GLU n 
1 99  LEU n 
1 100 ASP n 
1 101 GLN n 
1 102 ALA n 
1 103 VAL n 
1 104 ASP n 
1 105 ASN n 
1 106 ASP n 
1 107 VAL n 
1 108 SER n 
1 109 ASN n 
1 110 ALA n 
1 111 ARG n 
1 112 HIS n 
1 113 VAL n 
1 114 ALA n 
1 115 ASP n 
1 116 SER n 
1 117 TYR n 
1 118 LYS n 
1 119 LYS n 
1 120 LEU n 
1 121 ARG n 
1 122 LYS n 
1 123 SER n 
1 124 VAL n 
1 125 VAL n 
1 126 LEU n 
1 127 ALA n 
1 128 TYR n 
1 129 ILE n 
1 130 GLU n 
1 131 SER n 
1 132 PHE n 
1 133 ASP n 
1 134 VAL n 
1 135 ILE n 
1 136 SER n 
1 137 SER n 
1 138 LYS n 
1 139 PHE n 
1 140 VAL n 
1 141 ASP n 
1 142 SER n 
1 143 LYS n 
1 144 PHE n 
1 145 VAL n 
1 146 GLU n 
1 147 ALA n 
1 148 SER n 
1 149 LYS n 
1 150 LYS n 
1 151 PHE n 
1 152 VAL n 
1 153 ASN n 
1 154 LYS n 
1 155 ALA n 
1 156 LYS n 
1 157 GLU n 
1 158 PHE n 
1 159 VAL n 
1 160 GLU n 
1 161 GLU n 
1 162 ASN n 
1 163 ASP n 
1 164 LEU n 
1 165 ILE n 
1 166 ALA n 
1 167 LEU n 
1 168 GLU n 
1 169 CYS n 
1 170 ILE n 
1 171 VAL n 
1 172 LYS n 
1 173 THR n 
1 174 ILE n 
1 175 GLY n 
1 176 ASP n 
1 177 MET n 
1 178 VAL n 
1 179 ASN n 
1 180 ASP n 
1 181 ARG n 
1 182 GLU n 
1 183 ILE n 
1 184 ASN n 
1 185 SER n 
1 186 ARG n 
1 187 SER n 
1 188 ARG n 
1 189 TYR n 
1 190 ASN n 
1 191 ASN n 
1 192 PHE n 
1 193 TYR n 
1 194 LYS n 
1 195 LYS n 
1 196 GLU n 
1 197 ALA n 
1 198 ASP n 
1 199 PHE n 
1 200 LEU n 
1 201 GLY n 
1 202 ALA n 
1 203 ALA n 
1 204 VAL n 
1 205 GLU n 
1 206 LEU n 
1 207 GLU n 
1 208 GLY n 
1 209 ALA n 
1 210 TYR n 
1 211 LYS n 
1 212 ALA n 
1 213 ILE n 
1 214 LYS n 
1 215 GLN n 
1 216 THR n 
1 217 LEU n 
1 218 LEU n 
# 
_entity_src_gen.entity_id                          1 
_entity_src_gen.pdbx_src_id                        1 
_entity_src_gen.pdbx_alt_source_flag               sample 
_entity_src_gen.pdbx_seq_type                      ? 
_entity_src_gen.pdbx_beg_seq_num                   ? 
_entity_src_gen.pdbx_end_seq_num                   ? 
_entity_src_gen.gene_src_common_name               ? 
_entity_src_gen.gene_src_genus                     ? 
_entity_src_gen.pdbx_gene_src_gene                 ? 
_entity_src_gen.gene_src_species                   ? 
_entity_src_gen.gene_src_strain                    B31 
_entity_src_gen.gene_src_tissue                    ? 
_entity_src_gen.gene_src_tissue_fraction           ? 
_entity_src_gen.gene_src_details                   ? 
_entity_src_gen.pdbx_gene_src_fragment             ? 
_entity_src_gen.pdbx_gene_src_scientific_name      'BORRELIA BURGDORFERI' 
_entity_src_gen.pdbx_gene_src_ncbi_taxonomy_id     224326 
_entity_src_gen.pdbx_gene_src_variant              ? 
_entity_src_gen.pdbx_gene_src_cell_line            ? 
_entity_src_gen.pdbx_gene_src_atcc                 ? 
_entity_src_gen.pdbx_gene_src_organ                ? 
_entity_src_gen.pdbx_gene_src_organelle            ? 
_entity_src_gen.pdbx_gene_src_cell                 ? 
_entity_src_gen.pdbx_gene_src_cellular_location    ? 
_entity_src_gen.host_org_common_name               ? 
_entity_src_gen.pdbx_host_org_scientific_name      'ESCHERICHIA COLI' 
_entity_src_gen.pdbx_host_org_ncbi_taxonomy_id     469008 
_entity_src_gen.host_org_genus                     ? 
_entity_src_gen.pdbx_host_org_gene                 ? 
_entity_src_gen.pdbx_host_org_organ                ? 
_entity_src_gen.host_org_species                   ? 
_entity_src_gen.pdbx_host_org_tissue               ? 
_entity_src_gen.pdbx_host_org_tissue_fraction      ? 
_entity_src_gen.pdbx_host_org_strain               'BL21(DE3)' 
_entity_src_gen.pdbx_host_org_variant              ? 
_entity_src_gen.pdbx_host_org_cell_line            ? 
_entity_src_gen.pdbx_host_org_atcc                 ? 
_entity_src_gen.pdbx_host_org_culture_collection   ? 
_entity_src_gen.pdbx_host_org_cell                 ? 
_entity_src_gen.pdbx_host_org_organelle            ? 
_entity_src_gen.pdbx_host_org_cellular_location    ? 
_entity_src_gen.pdbx_host_org_vector_type          PLASMID 
_entity_src_gen.pdbx_host_org_vector               ? 
_entity_src_gen.host_org_details                   ? 
_entity_src_gen.expression_system_id               ? 
_entity_src_gen.plasmid_name                       PETM-11 
_entity_src_gen.plasmid_details                    ? 
_entity_src_gen.pdbx_description                   ? 
# 
_struct_ref.id                         1 
_struct_ref.db_name                    UNP 
_struct_ref.db_code                    O50665_BORBU 
_struct_ref.entity_id                  1 
_struct_ref.pdbx_seq_one_letter_code   ? 
_struct_ref.pdbx_align_begin           ? 
_struct_ref.pdbx_db_accession          O50665 
_struct_ref.pdbx_db_isoform            ? 
# 
_struct_ref_seq.align_id                      1 
_struct_ref_seq.ref_id                        1 
_struct_ref_seq.pdbx_PDB_id_code              4CBE 
_struct_ref_seq.pdbx_strand_id                A 
_struct_ref_seq.seq_align_beg                 5 
_struct_ref_seq.pdbx_seq_align_beg_ins_code   ? 
_struct_ref_seq.seq_align_end                 218 
_struct_ref_seq.pdbx_seq_align_end_ins_code   ? 
_struct_ref_seq.pdbx_db_accession             O50665 
_struct_ref_seq.db_align_beg                  23 
_struct_ref_seq.pdbx_db_align_beg_ins_code    ? 
_struct_ref_seq.db_align_end                  236 
_struct_ref_seq.pdbx_db_align_end_ins_code    ? 
_struct_ref_seq.pdbx_auth_seq_align_beg       6 
_struct_ref_seq.pdbx_auth_seq_align_end       219 
# 
loop_
_struct_ref_seq_dif.align_id 
_struct_ref_seq_dif.pdbx_pdb_id_code 
_struct_ref_seq_dif.mon_id 
_struct_ref_seq_dif.pdbx_pdb_strand_id 
_struct_ref_seq_dif.seq_num 
_struct_ref_seq_dif.pdbx_pdb_ins_code 
_struct_ref_seq_dif.pdbx_seq_db_name 
_struct_ref_seq_dif.pdbx_seq_db_accession_code 
_struct_ref_seq_dif.db_mon_id 
_struct_ref_seq_dif.pdbx_seq_db_seq_num 
_struct_ref_seq_dif.details 
_struct_ref_seq_dif.pdbx_auth_seq_num 
_struct_ref_seq_dif.pdbx_ordinal 
1 4CBE GLY A 1 ? UNP O50665 ? ? 'expression tag' 2 1 
1 4CBE ALA A 2 ? UNP O50665 ? ? 'expression tag' 3 2 
1 4CBE MET A 3 ? UNP O50665 ? ? 'expression tag' 4 3 
1 4CBE GLY A 4 ? UNP O50665 ? ? 'expression tag' 5 4 
# 
loop_
_chem_comp.id 
_chem_comp.type 
_chem_comp.mon_nstd_flag 
_chem_comp.name 
_chem_comp.pdbx_synonyms 
_chem_comp.formula 
_chem_comp.formula_weight 
ALA 'L-peptide linking' y ALANINE         ? 'C3 H7 N O2'     89.093  
ARG 'L-peptide linking' y ARGININE        ? 'C6 H15 N4 O2 1' 175.209 
ASN 'L-peptide linking' y ASPARAGINE      ? 'C4 H8 N2 O3'    132.118 
ASP 'L-peptide linking' y 'ASPARTIC ACID' ? 'C4 H7 N O4'     133.103 
CYS 'L-peptide linking' y CYSTEINE        ? 'C3 H7 N O2 S'   121.158 
GLN 'L-peptide linking' y GLUTAMINE       ? 'C5 H10 N2 O3'   146.144 
GLU 'L-peptide linking' y 'GLUTAMIC ACID' ? 'C5 H9 N O4'     147.129 
GLY 'peptide linking'   y GLYCINE         ? 'C2 H5 N O2'     75.067  
HIS 'L-peptide linking' y HISTIDINE       ? 'C6 H10 N3 O2 1' 156.162 
HOH non-polymer         . WATER           ? 'H2 O'           18.015  
ILE 'L-peptide linking' y ISOLEUCINE      ? 'C6 H13 N O2'    131.173 
LEU 'L-peptide linking' y LEUCINE         ? 'C6 H13 N O2'    131.173 
LYS 'L-peptide linking' y LYSINE          ? 'C6 H15 N2 O2 1' 147.195 
MET 'L-peptide linking' y METHIONINE      ? 'C5 H11 N O2 S'  149.211 
PHE 'L-peptide linking' y PHENYLALANINE   ? 'C9 H11 N O2'    165.189 
PRO 'L-peptide linking' y PROLINE         ? 'C5 H9 N O2'     115.130 
SER 'L-peptide linking' y SERINE          ? 'C3 H7 N O3'     105.093 
THR 'L-peptide linking' y THREONINE       ? 'C4 H9 N O3'     119.119 
TYR 'L-peptide linking' y TYROSINE        ? 'C9 H11 N O3'    181.189 
VAL 'L-peptide linking' y VALINE          ? 'C5 H11 N O2'    117.146 
# 
_exptl.entry_id          4CBE 
_exptl.method            'X-RAY DIFFRACTION' 
_exptl.crystals_number   1 
# 
_exptl_crystal.id                    1 
_exptl_crystal.density_meas          ? 
_exptl_crystal.density_Matthews      1.96 
_exptl_crystal.density_percent_sol   37 
_exptl_crystal.description           NONE 
# 
_exptl_crystal_grow.crystal_id      1 
_exptl_crystal_grow.method          ? 
_exptl_crystal_grow.temp            ? 
_exptl_crystal_grow.temp_details    ? 
_exptl_crystal_grow.pH              8.5 
_exptl_crystal_grow.pdbx_pH_range   ? 
_exptl_crystal_grow.pdbx_details    '0.2M SODIUM ACETATE, 0.1M TRIS PH 8.5, 30% PEG 2000MME' 
# 
_diffrn.id                     1 
_diffrn.ambient_temp           100 
_diffrn.ambient_temp_details   ? 
_diffrn.crystal_id             1 
# 
_diffrn_detector.diffrn_id              1 
_diffrn_detector.detector               CCD 
_diffrn_detector.type                   'MARMOSAIC 225 mm CCD' 
_diffrn_detector.pdbx_collection_date   2013-04-19 
_diffrn_detector.details                'RH-COATED TOROIDAL SI MIRROR' 
# 
_diffrn_radiation.diffrn_id                        1 
_diffrn_radiation.wavelength_id                    1 
_diffrn_radiation.pdbx_monochromatic_or_laue_m_l   M 
_diffrn_radiation.monochromator                    'DOUBLE CRYSTAL SI(111)' 
_diffrn_radiation.pdbx_diffrn_protocol             'SINGLE WAVELENGTH' 
_diffrn_radiation.pdbx_scattering_type             x-ray 
# 
_diffrn_radiation_wavelength.id           1 
_diffrn_radiation_wavelength.wavelength   1.000 
_diffrn_radiation_wavelength.wt           1.0 
# 
_diffrn_source.diffrn_id                   1 
_diffrn_source.source                      SYNCHROTRON 
_diffrn_source.type                        'MAX II BEAMLINE I911-3' 
_diffrn_source.pdbx_synchrotron_site       'MAX II' 
_diffrn_source.pdbx_synchrotron_beamline   I911-3 
_diffrn_source.pdbx_wavelength             1.000 
_diffrn_source.pdbx_wavelength_list        ? 
# 
_reflns.pdbx_diffrn_id               1 
_reflns.pdbx_ordinal                 1 
_reflns.entry_id                     4CBE 
_reflns.observed_criterion_sigma_I   3.6 
_reflns.observed_criterion_sigma_F   ? 
_reflns.d_resolution_low             33.22 
_reflns.d_resolution_high            1.77 
_reflns.number_obs                   19733 
_reflns.number_all                   ? 
_reflns.percent_possible_obs         99.8 
_reflns.pdbx_Rmerge_I_obs            0.04 
_reflns.pdbx_Rsym_value              ? 
_reflns.pdbx_netI_over_sigmaI        17.80 
_reflns.B_iso_Wilson_estimate        ? 
_reflns.pdbx_redundancy              3.6 
# 
_reflns_shell.pdbx_diffrn_id         1 
_reflns_shell.pdbx_ordinal           1 
_reflns_shell.d_res_high             1.77 
_reflns_shell.d_res_low              1.87 
_reflns_shell.percent_possible_all   100.0 
_reflns_shell.Rmerge_I_obs           0.20 
_reflns_shell.pdbx_Rsym_value        ? 
_reflns_shell.meanI_over_sigI_obs    6.10 
_reflns_shell.pdbx_redundancy        3.5 
# 
_refine.pdbx_refine_id                           'X-RAY DIFFRACTION' 
_refine.entry_id                                 4CBE 
_refine.pdbx_diffrn_id                           1 
_refine.pdbx_TLS_residual_ADP_flag               ? 
_refine.ls_number_reflns_obs                     16943 
_refine.ls_number_reflns_all                     ? 
_refine.pdbx_ls_sigma_I                          ? 
_refine.pdbx_ls_sigma_F                          . 
_refine.pdbx_data_cutoff_high_absF               ? 
_refine.pdbx_data_cutoff_low_absF                ? 
_refine.pdbx_data_cutoff_high_rms_absF           ? 
_refine.ls_d_res_low                             26.55 
_refine.ls_d_res_high                            1.83 
_refine.ls_percent_reflns_obs                    99.62 
_refine.ls_R_factor_obs                          0.19714 
_refine.ls_R_factor_all                          ? 
_refine.ls_R_factor_R_work                       0.19487 
_refine.ls_R_factor_R_free                       0.23904 
_refine.ls_R_factor_R_free_error                 ? 
_refine.ls_R_factor_R_free_error_details         ? 
_refine.ls_percent_reflns_R_free                 5.1 
_refine.ls_number_reflns_R_free                  914 
_refine.ls_number_parameters                     ? 
_refine.ls_number_restraints                     ? 
_refine.occupancy_min                            ? 
_refine.occupancy_max                            ? 
_refine.correlation_coeff_Fo_to_Fc               0.948 
_refine.correlation_coeff_Fo_to_Fc_free          0.927 
_refine.B_iso_mean                               23.763 
_refine.aniso_B[1][1]                            -0.01 
_refine.aniso_B[2][2]                            -0.01 
_refine.aniso_B[3][3]                            0.01 
_refine.aniso_B[1][2]                            0.00 
_refine.aniso_B[1][3]                            0.00 
_refine.aniso_B[2][3]                            0.00 
_refine.solvent_model_details                    MASK 
_refine.solvent_model_param_ksol                 ? 
_refine.solvent_model_param_bsol                 ? 
_refine.pdbx_solvent_vdw_probe_radii             1.20 
_refine.pdbx_solvent_ion_probe_radii             0.80 
_refine.pdbx_solvent_shrinkage_radii             0.80 
_refine.pdbx_ls_cross_valid_method               THROUGHOUT 
_refine.details                                  'HYDROGENS HAVE BEEN ADDED IN THE RIDING POSITIONS. U VALUES REFINED INDIVIDUALLY' 
_refine.pdbx_starting_model                      'PDB ENTRY 4BG0' 
_refine.pdbx_method_to_determine_struct          'MOLECULAR REPLACEMENT' 
_refine.pdbx_isotropic_thermal_model             ? 
_refine.pdbx_stereochemistry_target_values       'MAXIMUM LIKELIHOOD' 
_refine.pdbx_stereochem_target_val_spec_case     ? 
_refine.pdbx_R_Free_selection_details            RANDOM 
_refine.pdbx_overall_ESU_R                       0.157 
_refine.pdbx_overall_ESU_R_Free                  0.145 
_refine.overall_SU_ML                            0.101 
_refine.pdbx_overall_phase_error                 ? 
_refine.overall_SU_B                             3.269 
_refine.overall_SU_R_Cruickshank_DPI             ? 
_refine.pdbx_overall_SU_R_free_Cruickshank_DPI   ? 
_refine.pdbx_overall_SU_R_Blow_DPI               ? 
_refine.pdbx_overall_SU_R_free_Blow_DPI          ? 
# 
_refine_hist.pdbx_refine_id                   'X-RAY DIFFRACTION' 
_refine_hist.cycle_id                         LAST 
_refine_hist.pdbx_number_atoms_protein        1698 
_refine_hist.pdbx_number_atoms_nucleic_acid   0 
_refine_hist.pdbx_number_atoms_ligand         0 
_refine_hist.number_atoms_solvent             107 
_refine_hist.number_atoms_total               1805 
_refine_hist.d_res_high                       1.83 
_refine_hist.d_res_low                        26.55 
# 
loop_
_refine_ls_restr.type 
_refine_ls_restr.dev_ideal 
_refine_ls_restr.dev_ideal_target 
_refine_ls_restr.weight 
_refine_ls_restr.number 
_refine_ls_restr.pdbx_refine_id 
_refine_ls_restr.pdbx_restraint_function 
r_bond_refined_d             0.019  0.020  ? 1720 'X-RAY DIFFRACTION' ? 
r_bond_other_d               0.001  0.020  ? 1684 'X-RAY DIFFRACTION' ? 
r_angle_refined_deg          1.841  1.962  ? 2302 'X-RAY DIFFRACTION' ? 
r_angle_other_deg            0.944  3.000  ? 3883 'X-RAY DIFFRACTION' ? 
r_dihedral_angle_1_deg       5.688  5.000  ? 206  'X-RAY DIFFRACTION' ? 
r_dihedral_angle_2_deg       34.631 25.581 ? 86   'X-RAY DIFFRACTION' ? 
r_dihedral_angle_3_deg       13.958 15.000 ? 343  'X-RAY DIFFRACTION' ? 
r_dihedral_angle_4_deg       24.684 15.000 ? 7    'X-RAY DIFFRACTION' ? 
r_chiral_restr               0.116  0.200  ? 256  'X-RAY DIFFRACTION' ? 
r_gen_planes_refined         0.009  0.020  ? 1918 'X-RAY DIFFRACTION' ? 
r_gen_planes_other           0.001  0.020  ? 383  'X-RAY DIFFRACTION' ? 
r_nbd_refined                ?      ?      ? ?    'X-RAY DIFFRACTION' ? 
r_nbd_other                  ?      ?      ? ?    'X-RAY DIFFRACTION' ? 
r_nbtor_refined              ?      ?      ? ?    'X-RAY DIFFRACTION' ? 
r_nbtor_other                ?      ?      ? ?    'X-RAY DIFFRACTION' ? 
r_xyhbond_nbd_refined        ?      ?      ? ?    'X-RAY DIFFRACTION' ? 
r_xyhbond_nbd_other          ?      ?      ? ?    'X-RAY DIFFRACTION' ? 
r_metal_ion_refined          ?      ?      ? ?    'X-RAY DIFFRACTION' ? 
r_metal_ion_other            ?      ?      ? ?    'X-RAY DIFFRACTION' ? 
r_symmetry_vdw_refined       ?      ?      ? ?    'X-RAY DIFFRACTION' ? 
r_symmetry_vdw_other         ?      ?      ? ?    'X-RAY DIFFRACTION' ? 
r_symmetry_hbond_refined     ?      ?      ? ?    'X-RAY DIFFRACTION' ? 
r_symmetry_hbond_other       ?      ?      ? ?    'X-RAY DIFFRACTION' ? 
r_symmetry_metal_ion_refined ?      ?      ? ?    'X-RAY DIFFRACTION' ? 
r_symmetry_metal_ion_other   ?      ?      ? ?    'X-RAY DIFFRACTION' ? 
r_mcbond_it                  2.189  2.101  ? 833  'X-RAY DIFFRACTION' ? 
r_mcbond_other               2.190  2.099  ? 832  'X-RAY DIFFRACTION' ? 
r_mcangle_it                 3.002  3.123  ? 1036 'X-RAY DIFFRACTION' ? 
r_mcangle_other              3.001  3.126  ? 1037 'X-RAY DIFFRACTION' ? 
r_scbond_it                  3.281  2.524  ? 887  'X-RAY DIFFRACTION' ? 
r_scbond_other               3.279  2.526  ? 888  'X-RAY DIFFRACTION' ? 
r_scangle_it                 ?      ?      ? ?    'X-RAY DIFFRACTION' ? 
r_scangle_other              5.086  3.632  ? 1267 'X-RAY DIFFRACTION' ? 
r_long_range_B_refined       6.508  17.403 ? 2143 'X-RAY DIFFRACTION' ? 
r_long_range_B_other         6.481  17.252 ? 2098 'X-RAY DIFFRACTION' ? 
r_rigid_bond_restr           ?      ?      ? ?    'X-RAY DIFFRACTION' ? 
r_sphericity_free            ?      ?      ? ?    'X-RAY DIFFRACTION' ? 
r_sphericity_bonded          ?      ?      ? ?    'X-RAY DIFFRACTION' ? 
# 
_refine_ls_shell.pdbx_refine_id                   'X-RAY DIFFRACTION' 
_refine_ls_shell.pdbx_total_number_of_bins_used   20 
_refine_ls_shell.d_res_high                       1.830 
_refine_ls_shell.d_res_low                        1.877 
_refine_ls_shell.number_reflns_R_work             1216 
_refine_ls_shell.R_factor_R_work                  0.220 
_refine_ls_shell.percent_reflns_obs               100.00 
_refine_ls_shell.R_factor_R_free                  0.249 
_refine_ls_shell.R_factor_R_free_error            ? 
_refine_ls_shell.percent_reflns_R_free            ? 
_refine_ls_shell.number_reflns_R_free             71 
_refine_ls_shell.number_reflns_all                ? 
_refine_ls_shell.R_factor_all                     ? 
# 
_struct.entry_id                  4CBE 
_struct.title                     
'Crystal structure of complement factors H and FHL-1 binding protein BBH06 or CRASP-2 from Borrelia burgdorferi (Native)' 
_struct.pdbx_model_details        ? 
_struct.pdbx_CASP_flag            ? 
_struct.pdbx_model_type_details   ? 
# 
_struct_keywords.entry_id        4CBE 
_struct_keywords.pdbx_keywords   'CELL ADHESION' 
_struct_keywords.text            'CELL ADHESION, LIPOPROTEIN, OUTER SURFACE LIPOPROTEIN' 
# 
loop_
_struct_asym.id 
_struct_asym.pdbx_blank_PDB_chainid_flag 
_struct_asym.pdbx_modified 
_struct_asym.entity_id 
_struct_asym.details 
A N N 1 ? 
B N N 2 ? 
# 
_struct_biol.id   1 
# 
loop_
_struct_conf.conf_type_id 
_struct_conf.id 
_struct_conf.pdbx_PDB_helix_id 
_struct_conf.beg_label_comp_id 
_struct_conf.beg_label_asym_id 
_struct_conf.beg_label_seq_id 
_struct_conf.pdbx_beg_PDB_ins_code 
_struct_conf.end_label_comp_id 
_struct_conf.end_label_asym_id 
_struct_conf.end_label_seq_id 
_struct_conf.pdbx_end_PDB_ins_code 
_struct_conf.beg_auth_comp_id 
_struct_conf.beg_auth_asym_id 
_struct_conf.beg_auth_seq_id 
_struct_conf.end_auth_comp_id 
_struct_conf.end_auth_asym_id 
_struct_conf.end_auth_seq_id 
_struct_conf.pdbx_PDB_helix_class 
_struct_conf.details 
_struct_conf.pdbx_PDB_helix_length 
HELX_P HELX_P1 1 GLY A 4   ? ALA A 21  ? GLY A 5   ALA A 22  1 ? 18 
HELX_P HELX_P2 2 TYR A 23  ? TYR A 45  ? TYR A 24  TYR A 46  1 ? 23 
HELX_P HELX_P3 3 ASP A 52  ? LYS A 65  ? ASP A 53  LYS A 66  1 ? 14 
HELX_P HELX_P4 4 ASN A 67  ? ILE A 80  ? ASN A 68  ILE A 81  1 ? 14 
HELX_P HELX_P5 5 MET A 86  ? ASN A 105 ? MET A 87  ASN A 106 1 ? 20 
HELX_P HELX_P6 6 ALA A 110 ? SER A 137 ? ALA A 111 SER A 138 1 ? 28 
HELX_P HELX_P7 7 ASP A 141 ? ASN A 162 ? ASP A 142 ASN A 163 1 ? 22 
HELX_P HELX_P8 8 ASN A 162 ? ASN A 179 ? ASN A 163 ASN A 180 1 ? 18 
HELX_P HELX_P9 9 LYS A 195 ? THR A 216 ? LYS A 196 THR A 217 1 ? 22 
# 
_struct_conf_type.id          HELX_P 
_struct_conf_type.criteria    ? 
_struct_conf_type.reference   ? 
# 
_atom_sites.entry_id                    4CBE 
_atom_sites.fract_transf_matrix[1][1]   0.00299141 
_atom_sites.fract_transf_matrix[1][2]   0.00268376 
_atom_sites.fract_transf_matrix[1][3]   0.01026857 
_atom_sites.fract_transf_matrix[2][1]   0.00355790 
_atom_sites.fract_transf_matrix[2][2]   0.01923052 
_atom_sites.fract_transf_matrix[2][3]   -0.00606250 
_atom_sites.fract_transf_matrix[3][1]   -0.02144240 
_atom_sites.fract_transf_matrix[3][2]   0.00548449 
_atom_sites.fract_transf_matrix[3][3]   0.00481313 
_atom_sites.fract_transf_vector[1]      1.212888 
_atom_sites.fract_transf_vector[2]      -0.706970 
_atom_sites.fract_transf_vector[3]      1.173430 
# 
loop_
_atom_type.symbol 
C 
N 
O 
S 
# 
loop_
_atom_site.group_PDB 
_atom_site.id 
_atom_site.type_symbol 
_atom_site.label_atom_id 
_atom_site.label_alt_id 
_atom_site.label_comp_id 
_atom_site.label_asym_id 
_atom_site.label_entity_id 
_atom_site.label_seq_id 
_atom_site.pdbx_PDB_ins_code 
_atom_site.Cartn_x 
_atom_site.Cartn_y 
_atom_site.Cartn_z 
_atom_site.occupancy 
_atom_site.B_iso_or_equiv 
_atom_site.pdbx_formal_charge 
_atom_site.auth_seq_id 
_atom_site.auth_comp_id 
_atom_site.auth_asym_id 
_atom_site.auth_atom_id 
_atom_site.pdbx_PDB_model_num 
ATOM   1    N N   . GLY A 1 4   ? 19.990  8.414   23.343  1.00 31.82 ? 5    GLY A N   1 
ATOM   2    C CA  . GLY A 1 4   ? 19.456  6.995   23.631  1.00 32.34 ? 5    GLY A CA  1 
ATOM   3    C C   . GLY A 1 4   ? 17.932  6.978   23.704  1.00 30.76 ? 5    GLY A C   1 
ATOM   4    O O   . GLY A 1 4   ? 17.236  6.102   23.139  1.00 29.75 ? 5    GLY A O   1 
ATOM   5    N N   . ARG A 1 5   ? 17.393  7.991   24.369  1.00 31.25 ? 6    ARG A N   1 
ATOM   6    C CA  . ARG A 1 5   ? 15.948  8.182   24.411  1.00 33.69 ? 6    ARG A CA  1 
ATOM   7    C C   . ARG A 1 5   ? 15.431  8.270   22.954  1.00 36.56 ? 6    ARG A C   1 
ATOM   8    O O   . ARG A 1 5   ? 14.490  7.548   22.546  1.00 29.06 ? 6    ARG A O   1 
ATOM   9    C CB  . ARG A 1 5   ? 15.589  9.423   25.233  1.00 32.90 ? 6    ARG A CB  1 
ATOM   10   C CG  . ARG A 1 5   ? 15.927  9.230   26.728  1.00 29.87 ? 6    ARG A CG  1 
ATOM   11   C CD  . ARG A 1 5   ? 15.226  10.321  27.550  1.00 29.55 ? 6    ARG A CD  1 
ATOM   12   N NE  . ARG A 1 5   ? 15.936  11.629  27.480  1.00 29.56 ? 6    ARG A NE  1 
ATOM   13   C CZ  . ARG A 1 5   ? 17.133  11.858  28.010  1.00 33.22 ? 6    ARG A CZ  1 
ATOM   14   N NH1 . ARG A 1 5   ? 17.762  10.885  28.641  1.00 34.33 ? 6    ARG A NH1 1 
ATOM   15   N NH2 . ARG A 1 5   ? 17.708  13.069  27.925  1.00 33.05 ? 6    ARG A NH2 1 
ATOM   16   N N   . LEU A 1 6   ? 16.115  9.079   22.153  1.00 33.69 ? 7    LEU A N   1 
ATOM   17   C CA  . LEU A 1 6   ? 15.724  9.219   20.757  1.00 35.67 ? 7    LEU A CA  1 
ATOM   18   C C   . LEU A 1 6   ? 15.839  7.945   19.930  1.00 31.40 ? 7    LEU A C   1 
ATOM   19   O O   . LEU A 1 6   ? 14.885  7.644   19.208  1.00 31.20 ? 7    LEU A O   1 
ATOM   20   C CB  . LEU A 1 6   ? 16.494  10.363  20.094  1.00 41.52 ? 7    LEU A CB  1 
ATOM   21   C CG  . LEU A 1 6   ? 15.909  11.668  20.598  1.00 50.45 ? 7    LEU A CG  1 
ATOM   22   C CD1 . LEU A 1 6   ? 17.023  12.697  20.706  1.00 55.98 ? 7    LEU A CD1 1 
ATOM   23   C CD2 . LEU A 1 6   ? 14.752  12.136  19.703  1.00 53.40 ? 7    LEU A CD2 1 
ATOM   24   N N   . ASN A 1 7   ? 16.950  7.203   19.997  1.00 31.38 ? 8    ASN A N   1 
ATOM   25   C CA  . ASN A 1 7   ? 17.059  5.997   19.185  1.00 33.91 ? 8    ASN A CA  1 
ATOM   26   C C   . ASN A 1 7   ? 16.078  4.887   19.625  1.00 36.19 ? 8    ASN A C   1 
ATOM   27   O O   . ASN A 1 7   ? 15.578  4.092   18.804  1.00 29.56 ? 8    ASN A O   1 
ATOM   28   C CB  . ASN A 1 7   ? 18.493  5.475   19.078  1.00 40.76 ? 8    ASN A CB  1 
ATOM   29   C CG  . ASN A 1 7   ? 19.114  5.691   17.664  1.00 49.45 ? 8    ASN A CG  1 
ATOM   30   O OD1 . ASN A 1 7   ? 18.514  6.297   16.748  1.00 59.63 ? 8    ASN A OD1 1 
ATOM   31   N ND2 . ASN A 1 7   ? 20.303  5.159   17.478  1.00 51.22 ? 8    ASN A ND2 1 
ATOM   32   N N   . GLN A 1 8   ? 15.786  4.854   20.923  1.00 31.46 ? 9    GLN A N   1 
ATOM   33   C CA  . GLN A 1 8   ? 14.717  3.983   21.417  1.00 30.87 ? 9    GLN A CA  1 
ATOM   34   C C   . GLN A 1 8   ? 13.335  4.460   20.962  1.00 26.93 ? 9    GLN A C   1 
ATOM   35   O O   . GLN A 1 8   ? 12.522  3.620   20.584  1.00 27.16 ? 9    GLN A O   1 
ATOM   36   C CB  . GLN A 1 8   ? 14.743  3.884   22.948  1.00 35.27 ? 9    GLN A CB  1 
ATOM   37   C CG  . GLN A 1 8   ? 13.904  2.737   23.521  1.00 41.77 ? 9    GLN A CG  1 
ATOM   38   C CD  . GLN A 1 8   ? 14.360  1.368   23.057  1.00 45.13 ? 9    GLN A CD  1 
ATOM   39   O OE1 . GLN A 1 8   ? 15.465  0.935   23.345  1.00 48.49 ? 9    GLN A OE1 1 
ATOM   40   N NE2 . GLN A 1 8   ? 13.499  0.677   22.324  1.00 47.19 ? 9    GLN A NE2 1 
ATOM   41   N N   . ARG A 1 9   ? 13.034  5.753   21.081  1.00 25.06 ? 10   ARG A N   1 
ATOM   42   C CA  . ARG A 1 9   ? 11.803  6.290   20.617  1.00 27.66 ? 10   ARG A CA  1 
ATOM   43   C C   . ARG A 1 9   ? 11.664  5.933   19.104  1.00 24.34 ? 10   ARG A C   1 
ATOM   44   O O   . ARG A 1 9   ? 10.600  5.540   18.689  1.00 20.56 ? 10   ARG A O   1 
ATOM   45   C CB  . ARG A 1 9   ? 11.627  7.800   20.885  1.00 30.28 ? 10   ARG A CB  1 
ATOM   46   C CG  . ARG A 1 9   ? 10.463  8.128   21.815  1.00 41.79 ? 10   ARG A CG  1 
ATOM   47   C CD  . ARG A 1 9   ? 10.235  9.626   22.144  1.00 44.99 ? 10   ARG A CD  1 
ATOM   48   N NE  . ARG A 1 9   ? 11.256  10.110  23.078  1.00 50.98 ? 10   ARG A NE  1 
ATOM   49   C CZ  . ARG A 1 9   ? 12.037  11.180  22.911  1.00 52.85 ? 10   ARG A CZ  1 
ATOM   50   N NH1 . ARG A 1 9   ? 11.919  11.978  21.840  1.00 55.21 ? 10   ARG A NH1 1 
ATOM   51   N NH2 . ARG A 1 9   ? 12.938  11.468  23.857  1.00 52.84 ? 10   ARG A NH2 1 
ATOM   52   N N   . ASN A 1 10  ? 12.751  6.020   18.329  1.00 25.15 ? 11   ASN A N   1 
ATOM   53   C CA  . ASN A 1 10  ? 12.699  5.773   16.860  1.00 21.93 ? 11   ASN A CA  1 
ATOM   54   C C   . ASN A 1 10  ? 12.293  4.314   16.561  1.00 25.63 ? 11   ASN A C   1 
ATOM   55   O O   . ASN A 1 10  ? 11.279  4.054   15.847  1.00 19.70 ? 11   ASN A O   1 
ATOM   56   C CB  . ASN A 1 10  ? 14.028  6.039   16.238  1.00 23.37 ? 11   ASN A CB  1 
ATOM   57   C CG  . ASN A 1 10  ? 14.379  7.538   16.174  1.00 24.17 ? 11   ASN A CG  1 
ATOM   58   O OD1 . ASN A 1 10  ? 13.500  8.441   16.292  1.00 23.03 ? 11   ASN A OD1 1 
ATOM   59   N ND2 . ASN A 1 10  ? 15.670  7.801   15.983  1.00 22.84 ? 11   ASN A ND2 1 
ATOM   60   N N   . ILE A 1 11  ? 13.043  3.365   17.143  1.00 24.11 ? 12   ILE A N   1 
ATOM   61   C CA  . ILE A 1 11  ? 12.749  1.929   16.993  1.00 26.12 ? 12   ILE A CA  1 
ATOM   62   C C   . ILE A 1 11  ? 11.351  1.580   17.404  1.00 23.58 ? 12   ILE A C   1 
ATOM   63   O O   . ILE A 1 11  ? 10.602  0.871   16.672  1.00 21.43 ? 12   ILE A O   1 
ATOM   64   C CB  . ILE A 1 11  ? 13.713  1.052   17.818  1.00 27.30 ? 12   ILE A CB  1 
ATOM   65   C CG1 . ILE A 1 11  ? 15.133  1.304   17.361  1.00 29.68 ? 12   ILE A CG1 1 
ATOM   66   C CG2 . ILE A 1 11  ? 13.356  -0.437  17.697  1.00 28.18 ? 12   ILE A CG2 1 
ATOM   67   C CD1 . ILE A 1 11  ? 15.460  0.800   15.979  1.00 28.35 ? 12   ILE A CD1 1 
ATOM   68   N N   . ASN A 1 12  ? 10.970  2.083   18.557  1.00 24.41 ? 13   ASN A N   1 
ATOM   69   C CA  . ASN A 1 12  ? 9.655   1.787   19.066  1.00 26.10 ? 13   ASN A CA  1 
ATOM   70   C C   . ASN A 1 12  ? 8.559   2.283   18.202  1.00 23.70 ? 13   ASN A C   1 
ATOM   71   O O   . ASN A 1 12  ? 7.585   1.564   17.957  1.00 20.92 ? 13   ASN A O   1 
ATOM   72   C CB  . ASN A 1 12  ? 9.451   2.358   20.445  1.00 27.29 ? 13   ASN A CB  1 
ATOM   73   C CG  . ASN A 1 12  ? 10.266  1.635   21.486  1.00 26.81 ? 13   ASN A CG  1 
ATOM   74   O OD1 . ASN A 1 12  ? 10.893  0.595   21.233  1.00 31.45 ? 13   ASN A OD1 1 
ATOM   75   N ND2 . ASN A 1 12  ? 10.262  2.182   22.660  1.00 28.77 ? 13   ASN A ND2 1 
ATOM   76   N N   . GLU A 1 13  ? 8.661   3.530   17.774  1.00 22.41 ? 14   GLU A N   1 
ATOM   77   C CA  . GLU A 1 13  ? 7.688   4.051   16.805  1.00 22.87 ? 14   GLU A CA  1 
ATOM   78   C C   . GLU A 1 13  ? 7.549   3.235   15.496  1.00 21.51 ? 14   GLU A C   1 
ATOM   79   O O   . GLU A 1 13  ? 6.413   3.025   14.989  1.00 23.80 ? 14   GLU A O   1 
ATOM   80   C CB  . GLU A 1 13  ? 7.987   5.500   16.473  1.00 22.52 ? 14   GLU A CB  1 
ATOM   81   C CG  . GLU A 1 13  ? 6.822   6.162   15.772  1.00 22.46 ? 14   GLU A CG  1 
ATOM   82   C CD  . GLU A 1 13  ? 7.024   7.632   15.555  1.00 24.79 ? 14   GLU A CD  1 
ATOM   83   O OE1 . GLU A 1 13  ? 7.919   8.230   16.178  1.00 26.86 ? 14   GLU A OE1 1 
ATOM   84   O OE2 . GLU A 1 13  ? 6.307   8.233   14.762  1.00 24.27 ? 14   GLU A OE2 1 
ATOM   85   N N   . LEU A 1 14  ? 8.656   2.833   14.906  1.00 18.17 ? 15   LEU A N   1 
ATOM   86   C CA  . LEU A 1 14  ? 8.628   2.011   13.720  1.00 17.97 ? 15   LEU A CA  1 
ATOM   87   C C   . LEU A 1 14  ? 7.943   0.660   14.017  1.00 18.66 ? 15   LEU A C   1 
ATOM   88   O O   . LEU A 1 14  ? 7.032   0.237   13.269  1.00 16.09 ? 15   LEU A O   1 
ATOM   89   C CB  . LEU A 1 14  ? 10.026  1.768   13.138  1.00 17.01 ? 15   LEU A CB  1 
ATOM   90   C CG  . LEU A 1 14  ? 10.120  0.921   11.892  1.00 16.66 ? 15   LEU A CG  1 
ATOM   91   C CD1 . LEU A 1 14  ? 9.421   1.621   10.740  1.00 17.40 ? 15   LEU A CD1 1 
ATOM   92   C CD2 . LEU A 1 14  ? 11.594  0.662   11.550  1.00 16.71 ? 15   LEU A CD2 1 
ATOM   93   N N   . LYS A 1 15  ? 8.365   0.016   15.090  1.00 18.53 ? 16   LYS A N   1 
ATOM   94   C CA  . LYS A 1 15  ? 7.837   -1.291  15.437  1.00 19.93 ? 16   LYS A CA  1 
ATOM   95   C C   . LYS A 1 15  ? 6.297   -1.240  15.668  1.00 20.68 ? 16   LYS A C   1 
ATOM   96   O O   . LYS A 1 15  ? 5.546   -2.104  15.150  1.00 23.18 ? 16   LYS A O   1 
ATOM   97   C CB  . LYS A 1 15  ? 8.526   -1.850  16.674  1.00 21.74 ? 16   LYS A CB  1 
ATOM   98   C CG  . LYS A 1 15  ? 9.982   -2.238  16.600  1.00 25.41 ? 16   LYS A CG  1 
ATOM   99   C CD  . LYS A 1 15  ? 10.423  -2.585  18.029  1.00 30.93 ? 16   LYS A CD  1 
ATOM   100  C CE  . LYS A 1 15  ? 11.637  -3.471  18.175  1.00 37.08 ? 16   LYS A CE  1 
ATOM   101  N NZ  . LYS A 1 15  ? 11.625  -4.608  17.214  1.00 39.64 ? 16   LYS A NZ  1 
ATOM   102  N N   . ILE A 1 16  ? 5.838   -0.232  16.390  1.00 19.61 ? 17   ILE A N   1 
ATOM   103  C CA  . ILE A 1 16  ? 4.411   -0.009  16.612  1.00 21.90 ? 17   ILE A CA  1 
ATOM   104  C C   . ILE A 1 16  ? 3.614   0.164   15.318  1.00 18.81 ? 17   ILE A C   1 
ATOM   105  O O   . ILE A 1 16  ? 2.618   -0.541  15.064  1.00 20.38 ? 17   ILE A O   1 
ATOM   106  C CB  . ILE A 1 16  ? 4.214   1.175   17.576  1.00 25.06 ? 17   ILE A CB  1 
ATOM   107  C CG1 . ILE A 1 16  ? 4.784   0.798   18.948  1.00 26.93 ? 17   ILE A CG1 1 
ATOM   108  C CG2 . ILE A 1 16  ? 2.736   1.562   17.751  1.00 24.48 ? 17   ILE A CG2 1 
ATOM   109  C CD1 . ILE A 1 16  ? 4.572   1.910   19.944  1.00 30.08 ? 17   ILE A CD1 1 
ATOM   110  N N   . PHE A 1 17  ? 4.086   1.056   14.468  1.00 18.01 ? 18   PHE A N   1 
ATOM   111  C CA  . PHE A 1 17  ? 3.491   1.160   13.117  1.00 18.42 ? 18   PHE A CA  1 
ATOM   112  C C   . PHE A 1 17  ? 3.442   -0.131  12.318  1.00 17.01 ? 18   PHE A C   1 
ATOM   113  O O   . PHE A 1 17  ? 2.372   -0.457  11.786  1.00 17.18 ? 18   PHE A O   1 
ATOM   114  C CB  . PHE A 1 17  ? 4.126   2.311   12.317  1.00 18.83 ? 18   PHE A CB  1 
ATOM   115  C CG  . PHE A 1 17  ? 3.904   2.194   10.859  1.00 17.06 ? 18   PHE A CG  1 
ATOM   116  C CD1 . PHE A 1 17  ? 2.808   2.754   10.256  1.00 19.79 ? 18   PHE A CD1 1 
ATOM   117  C CD2 . PHE A 1 17  ? 4.850   1.571   10.087  1.00 19.32 ? 18   PHE A CD2 1 
ATOM   118  C CE1 . PHE A 1 17  ? 2.654   2.600   8.865   1.00 17.02 ? 18   PHE A CE1 1 
ATOM   119  C CE2 . PHE A 1 17  ? 4.703   1.434   8.721   1.00 18.76 ? 18   PHE A CE2 1 
ATOM   120  C CZ  . PHE A 1 17  ? 3.581   1.923   8.131   1.00 17.90 ? 18   PHE A CZ  1 
ATOM   121  N N   . VAL A 1 18  ? 4.543   -0.889  12.227  1.00 16.59 ? 19   VAL A N   1 
ATOM   122  C CA  . VAL A 1 18  ? 4.640   -2.039  11.329  1.00 15.89 ? 19   VAL A CA  1 
ATOM   123  C C   . VAL A 1 18  ? 3.634   -3.113  11.847  1.00 16.83 ? 19   VAL A C   1 
ATOM   124  O O   . VAL A 1 18  ? 2.902   -3.735  11.093  1.00 15.52 ? 19   VAL A O   1 
ATOM   125  C CB  . VAL A 1 18  ? 6.072   -2.544  11.260  1.00 14.78 ? 19   VAL A CB  1 
ATOM   126  C CG1 . VAL A 1 18  ? 6.142   -3.868  10.502  1.00 16.08 ? 19   VAL A CG1 1 
ATOM   127  C CG2 . VAL A 1 18  ? 6.977   -1.450  10.531  1.00 13.79 ? 19   VAL A CG2 1 
ATOM   128  N N   . GLU A 1 19  ? 3.630   -3.269  13.142  1.00 17.71 ? 20   GLU A N   1 
ATOM   129  C CA  . GLU A 1 19  ? 2.770   -4.292  13.777  1.00 20.31 ? 20   GLU A CA  1 
ATOM   130  C C   . GLU A 1 19  ? 1.312   -3.852  13.644  1.00 19.12 ? 20   GLU A C   1 
ATOM   131  O O   . GLU A 1 19  ? 0.471   -4.651  13.200  1.00 17.76 ? 20   GLU A O   1 
ATOM   132  C CB  . GLU A 1 19  ? 3.184   -4.516  15.256  1.00 21.37 ? 20   GLU A CB  1 
ATOM   133  C CG  . GLU A 1 19  ? 2.229   -5.485  16.027  1.00 24.59 ? 20   GLU A CG  1 
ATOM   134  C CD  . GLU A 1 19  ? 2.355   -6.971  15.696  1.00 26.21 ? 20   GLU A CD  1 
ATOM   135  O OE1 . GLU A 1 19  ? 3.256   -7.384  14.930  1.00 23.90 ? 20   GLU A OE1 1 
ATOM   136  O OE2 . GLU A 1 19  ? 1.518   -7.752  16.240  1.00 24.00 ? 20   GLU A OE2 1 
ATOM   137  N N   . LYS A 1 20  ? 1.002   -2.591  13.933  1.00 17.79 ? 21   LYS A N   1 
ATOM   138  C CA  . LYS A 1 20  ? -0.374  -2.040  13.700  1.00 17.84 ? 21   LYS A CA  1 
ATOM   139  C C   . LYS A 1 20  ? -0.848  -2.210  12.252  1.00 16.48 ? 21   LYS A C   1 
ATOM   140  O O   . LYS A 1 20  ? -2.003  -2.548  11.991  1.00 15.59 ? 21   LYS A O   1 
ATOM   141  C CB  . LYS A 1 20  ? -0.479  -0.570  14.128  1.00 18.70 ? 21   LYS A CB  1 
ATOM   142  C CG  . LYS A 1 20  ? -1.838  0.026   14.076  1.00 22.72 ? 21   LYS A CG  1 
ATOM   143  C CD  . LYS A 1 20  ? -1.851  1.526   14.276  1.00 24.70 ? 21   LYS A CD  1 
ATOM   144  C CE  . LYS A 1 20  ? -3.285  2.016   14.258  1.00 27.15 ? 21   LYS A CE  1 
ATOM   145  N NZ  . LYS A 1 20  ? -3.439  3.484   14.235  1.00 30.62 ? 21   LYS A NZ  1 
ATOM   146  N N   . ALA A 1 21  ? 0.064   -2.053  11.303  1.00 15.39 ? 22   ALA A N   1 
ATOM   147  C CA  . ALA A 1 21  ? -0.220  -2.297  9.866   1.00 14.98 ? 22   ALA A CA  1 
ATOM   148  C C   . ALA A 1 21  ? 0.098   -3.649  9.279   1.00 15.13 ? 22   ALA A C   1 
ATOM   149  O O   . ALA A 1 21  ? 0.156   -3.784  8.032   1.00 14.56 ? 22   ALA A O   1 
ATOM   150  C CB  . ALA A 1 21  ? 0.483   -1.181  9.048   1.00 15.50 ? 22   ALA A CB  1 
ATOM   151  N N   . LYS A 1 22  ? 0.248   -4.713  10.101  1.00 15.12 ? 23   LYS A N   1 
ATOM   152  C CA  . LYS A 1 22  ? 0.785   -5.944  9.536   1.00 15.86 ? 23   LYS A CA  1 
ATOM   153  C C   . LYS A 1 22  ? -0.177  -6.620  8.569   1.00 14.28 ? 23   LYS A C   1 
ATOM   154  O O   . LYS A 1 22  ? 0.238   -7.439  7.845   1.00 16.71 ? 23   LYS A O   1 
ATOM   155  C CB  . LYS A 1 22  ? 1.126   -6.967  10.624  1.00 18.72 ? 23   LYS A CB  1 
ATOM   156  C CG  . LYS A 1 22  ? -0.033  -7.422  11.427  1.00 20.12 ? 23   LYS A CG  1 
ATOM   157  C CD  . LYS A 1 22  ? 0.535   -8.244  12.594  1.00 21.11 ? 23   LYS A CD  1 
ATOM   158  C CE  . LYS A 1 22  ? -0.477  -9.104  13.263  1.00 23.73 ? 23   LYS A CE  1 
ATOM   159  N NZ  . LYS A 1 22  ? 0.031   -9.627  14.569  1.00 25.08 ? 23   LYS A NZ  1 
ATOM   160  N N   . TYR A 1 23  ? -1.487  -6.296  8.656   1.00 16.45 ? 24   TYR A N   1 
ATOM   161  C CA  . TYR A 1 23  ? -2.545  -6.836  7.743   1.00 15.62 ? 24   TYR A CA  1 
ATOM   162  C C   . TYR A 1 23  ? -2.839  -5.928  6.544   1.00 15.80 ? 24   TYR A C   1 
ATOM   163  O O   . TYR A 1 23  ? -3.775  -6.167  5.809   1.00 13.16 ? 24   TYR A O   1 
ATOM   164  C CB  . TYR A 1 23  ? -3.896  -6.982  8.500   1.00 18.63 ? 24   TYR A CB  1 
ATOM   165  C CG  . TYR A 1 23  ? -3.784  -8.037  9.534   1.00 22.20 ? 24   TYR A CG  1 
ATOM   166  C CD1 . TYR A 1 23  ? -3.440  -9.305  9.174   1.00 24.88 ? 24   TYR A CD1 1 
ATOM   167  C CD2 . TYR A 1 23  ? -3.977  -7.728  10.875  1.00 25.18 ? 24   TYR A CD2 1 
ATOM   168  C CE1 . TYR A 1 23  ? -3.287  -10.305 10.139  1.00 31.89 ? 24   TYR A CE1 1 
ATOM   169  C CE2 . TYR A 1 23  ? -3.854  -8.694  11.846  1.00 30.89 ? 24   TYR A CE2 1 
ATOM   170  C CZ  . TYR A 1 23  ? -3.502  -9.974  11.484  1.00 32.16 ? 24   TYR A CZ  1 
ATOM   171  O OH  . TYR A 1 23  ? -3.379  -10.907 12.490  1.00 39.34 ? 24   TYR A OH  1 
ATOM   172  N N   . TYR A 1 24  ? -2.074  -4.853  6.370   1.00 16.43 ? 25   TYR A N   1 
ATOM   173  C CA  . TYR A 1 24  ? -2.345  -3.930  5.286   1.00 17.38 ? 25   TYR A CA  1 
ATOM   174  C C   . TYR A 1 24  ? -2.350  -4.569  3.883   1.00 16.40 ? 25   TYR A C   1 
ATOM   175  O O   . TYR A 1 24  ? -3.217  -4.229  3.066   1.00 15.92 ? 25   TYR A O   1 
ATOM   176  C CB  . TYR A 1 24  ? -1.431  -2.653  5.457   1.00 18.48 ? 25   TYR A CB  1 
ATOM   177  C CG  . TYR A 1 24  ? -1.837  -1.300  4.900   1.00 14.50 ? 25   TYR A CG  1 
ATOM   178  C CD1 . TYR A 1 24  ? -1.484  -0.999  3.615   1.00 14.63 ? 25   TYR A CD1 1 
ATOM   179  C CD2 . TYR A 1 24  ? -2.421  -0.242  5.692   1.00 14.74 ? 25   TYR A CD2 1 
ATOM   180  C CE1 . TYR A 1 24  ? -1.768  0.194   3.024   1.00 14.34 ? 25   TYR A CE1 1 
ATOM   181  C CE2 . TYR A 1 24  ? -2.707  0.985   5.064   1.00 15.53 ? 25   TYR A CE2 1 
ATOM   182  C CZ  . TYR A 1 24  ? -2.303  1.192   3.765   1.00 15.91 ? 25   TYR A CZ  1 
ATOM   183  O OH  . TYR A 1 24  ? -2.530  2.366   3.068   1.00 20.66 ? 25   TYR A OH  1 
ATOM   184  N N   . SER A 1 25  ? -1.431  -5.491  3.553   1.00 14.97 ? 26   SER A N   1 
ATOM   185  C CA  . SER A 1 25  ? -1.413  -6.124  2.303   1.00 16.73 ? 26   SER A CA  1 
ATOM   186  C C   . SER A 1 25  ? -2.532  -7.151  2.175   1.00 14.82 ? 26   SER A C   1 
ATOM   187  O O   . SER A 1 25  ? -3.166  -7.232  1.109   1.00 15.99 ? 26   SER A O   1 
ATOM   188  C CB  . SER A 1 25  ? -0.026  -6.784  1.964   1.00 15.99 ? 26   SER A CB  1 
ATOM   189  O OG  . SER A 1 25  ? -0.029  -7.706  0.846   1.00 18.39 ? 26   SER A OG  1 
ATOM   190  N N   . ILE A 1 26  ? -2.741  -7.941  3.213   1.00 13.95 ? 27   ILE A N   1 
ATOM   191  C CA  . ILE A 1 26  ? -3.857  -8.898  3.196   1.00 14.31 ? 27   ILE A CA  1 
ATOM   192  C C   . ILE A 1 26  ? -5.186  -8.129  2.949   1.00 13.13 ? 27   ILE A C   1 
ATOM   193  O O   . ILE A 1 26  ? -6.009  -8.542  2.113   1.00 14.37 ? 27   ILE A O   1 
ATOM   194  C CB  . ILE A 1 26  ? -3.897  -9.697  4.484   1.00 16.50 ? 27   ILE A CB  1 
ATOM   195  C CG1 . ILE A 1 26  ? -2.763  -10.744 4.518   1.00 17.93 ? 27   ILE A CG1 1 
ATOM   196  C CG2 . ILE A 1 26  ? -5.225  -10.441 4.650   1.00 19.11 ? 27   ILE A CG2 1 
ATOM   197  C CD1 . ILE A 1 26  ? -2.449  -11.224 5.904   1.00 18.28 ? 27   ILE A CD1 1 
ATOM   198  N N   . LYS A 1 27  ? -5.403  -7.028  3.654   1.00 13.55 ? 28   LYS A N   1 
ATOM   199  C CA  . LYS A 1 27  ? -6.648  -6.247  3.487   1.00 13.51 ? 28   LYS A CA  1 
ATOM   200  C C   . LYS A 1 27  ? -6.816  -5.618  2.106   1.00 13.16 ? 28   LYS A C   1 
ATOM   201  O O   . LYS A 1 27  ? -7.923  -5.607  1.532   1.00 12.69 ? 28   LYS A O   1 
ATOM   202  C CB  . LYS A 1 27  ? -6.842  -5.215  4.623   1.00 15.87 ? 28   LYS A CB  1 
ATOM   203  C CG  . LYS A 1 27  ? -7.087  -5.827  5.976   1.00 18.05 ? 28   LYS A CG  1 
ATOM   204  C CD  . LYS A 1 27  ? -7.159  -4.721  7.043   1.00 21.70 ? 28   LYS A CD  1 
ATOM   205  C CE  . LYS A 1 27  ? -7.480  -5.288  8.433   1.00 25.28 ? 28   LYS A CE  1 
ATOM   206  N NZ  . LYS A 1 27  ? -8.798  -5.923  8.481   1.00 27.74 ? 28   LYS A NZ  1 
ATOM   207  N N   . LEU A 1 28  ? -5.738  -5.049  1.535   1.00 12.34 ? 29   LEU A N   1 
ATOM   208  C CA  . LEU A 1 28  ? -5.844  -4.497  0.194   1.00 12.55 ? 29   LEU A CA  1 
ATOM   209  C C   . LEU A 1 28  ? -6.105  -5.624  -0.820  1.00 12.18 ? 29   LEU A C   1 
ATOM   210  O O   . LEU A 1 28  ? -6.875  -5.434  -1.812  1.00 12.50 ? 29   LEU A O   1 
ATOM   211  C CB  . LEU A 1 28  ? -4.560  -3.695  -0.166  1.00 14.95 ? 29   LEU A CB  1 
ATOM   212  C CG  . LEU A 1 28  ? -4.685  -2.736  -1.339  1.00 16.47 ? 29   LEU A CG  1 
ATOM   213  C CD1 . LEU A 1 28  ? -5.889  -1.809  -1.236  1.00 17.78 ? 29   LEU A CD1 1 
ATOM   214  C CD2 . LEU A 1 28  ? -3.410  -1.943  -1.585  1.00 16.75 ? 29   LEU A CD2 1 
ATOM   215  N N   . ASP A 1 29  ? -5.434  -6.776  -0.634  1.00 13.40 ? 30   ASP A N   1 
ATOM   216  C CA  . ASP A 1 29  ? -5.668  -7.920  -1.513  1.00 14.72 ? 30   ASP A CA  1 
ATOM   217  C C   . ASP A 1 29  ? -7.171  -8.275  -1.445  1.00 13.56 ? 30   ASP A C   1 
ATOM   218  O O   . ASP A 1 29  ? -7.767  -8.665  -2.440  1.00 14.40 ? 30   ASP A O   1 
ATOM   219  C CB  . ASP A 1 29  ? -4.891  -9.206  -1.130  1.00 18.17 ? 30   ASP A CB  1 
ATOM   220  C CG  . ASP A 1 29  ? -3.419  -9.174  -1.481  1.00 22.40 ? 30   ASP A CG  1 
ATOM   221  O OD1 . ASP A 1 29  ? -2.944  -8.239  -2.161  1.00 24.25 ? 30   ASP A OD1 1 
ATOM   222  O OD2 . ASP A 1 29  ? -2.753  -10.148 -1.049  1.00 31.69 ? 30   ASP A OD2 1 
ATOM   223  N N   . ALA A 1 30  ? -7.753  -8.190  -0.281  1.00 13.84 ? 31   ALA A N   1 
ATOM   224  C CA  . ALA A 1 30  ? -9.186  -8.586  -0.137  1.00 13.86 ? 31   ALA A CA  1 
ATOM   225  C C   . ALA A 1 30  ? -10.132 -7.661  -0.925  1.00 13.21 ? 31   ALA A C   1 
ATOM   226  O O   . ALA A 1 30  ? -11.061 -8.134  -1.512  1.00 12.85 ? 31   ALA A O   1 
ATOM   227  C CB  . ALA A 1 30  ? -9.564  -8.620  1.329   1.00 15.00 ? 31   ALA A CB  1 
ATOM   228  N N   . ILE A 1 31  ? -9.871  -6.346  -0.946  1.00 11.68 ? 32   ILE A N   1 
ATOM   229  C CA  . ILE A 1 31  ? -10.544 -5.412  -1.819  1.00 11.89 ? 32   ILE A CA  1 
ATOM   230  C C   . ILE A 1 31  ? -10.367 -5.794  -3.268  1.00 12.45 ? 32   ILE A C   1 
ATOM   231  O O   . ILE A 1 31  ? -11.361 -5.958  -4.031  1.00 14.63 ? 32   ILE A O   1 
ATOM   232  C CB  . ILE A 1 31  ? -10.044 -3.983  -1.564  1.00 12.14 ? 32   ILE A CB  1 
ATOM   233  C CG1 . ILE A 1 31  ? -10.458 -3.525  -0.135  1.00 11.57 ? 32   ILE A CG1 1 
ATOM   234  C CG2 . ILE A 1 31  ? -10.594 -3.029  -2.554  1.00 11.52 ? 32   ILE A CG2 1 
ATOM   235  C CD1 . ILE A 1 31  ? -9.837  -2.209  0.306   1.00 13.77 ? 32   ILE A CD1 1 
ATOM   236  N N   . TYR A 1 32  ? -9.106  -6.040  -3.661  1.00 12.47 ? 33   TYR A N   1 
ATOM   237  C CA  . TYR A 1 32  ? -8.811  -6.407  -5.026  1.00 14.60 ? 33   TYR A CA  1 
ATOM   238  C C   . TYR A 1 32  ? -9.600  -7.649  -5.458  1.00 12.68 ? 33   TYR A C   1 
ATOM   239  O O   . TYR A 1 32  ? -10.228 -7.672  -6.498  1.00 13.88 ? 33   TYR A O   1 
ATOM   240  C CB  . TYR A 1 32  ? -7.338  -6.706  -5.144  1.00 15.90 ? 33   TYR A CB  1 
ATOM   241  C CG  . TYR A 1 32  ? -6.955  -7.242  -6.507  1.00 19.72 ? 33   TYR A CG  1 
ATOM   242  C CD1 . TYR A 1 32  ? -6.735  -6.363  -7.554  1.00 24.54 ? 33   TYR A CD1 1 
ATOM   243  C CD2 . TYR A 1 32  ? -6.786  -8.583  -6.733  1.00 22.93 ? 33   TYR A CD2 1 
ATOM   244  C CE1 . TYR A 1 32  ? -6.361  -6.816  -8.797  1.00 24.70 ? 33   TYR A CE1 1 
ATOM   245  C CE2 . TYR A 1 32  ? -6.466  -9.038  -8.004  1.00 25.32 ? 33   TYR A CE2 1 
ATOM   246  C CZ  . TYR A 1 32  ? -6.234  -8.121  -9.001  1.00 25.50 ? 33   TYR A CZ  1 
ATOM   247  O OH  . TYR A 1 32  ? -5.856  -8.502  -10.277 1.00 41.64 ? 33   TYR A OH  1 
ATOM   248  N N   . ASN A 1 33  ? -9.584  -8.668  -4.608  1.00 14.41 ? 34   ASN A N   1 
ATOM   249  C CA  . ASN A 1 33  ? -10.274 -9.951  -4.912  1.00 15.59 ? 34   ASN A CA  1 
ATOM   250  C C   . ASN A 1 33  ? -11.747 -9.771  -5.004  1.00 16.55 ? 34   ASN A C   1 
ATOM   251  O O   . ASN A 1 33  ? -12.372 -10.309 -5.914  1.00 19.06 ? 34   ASN A O   1 
ATOM   252  C CB  . ASN A 1 33  ? -9.974  -11.008 -3.878  1.00 15.97 ? 34   ASN A CB  1 
ATOM   253  C CG  . ASN A 1 33  ? -8.587  -11.525 -3.999  1.00 18.71 ? 34   ASN A CG  1 
ATOM   254  O OD1 . ASN A 1 33  ? -7.954  -11.463 -5.075  1.00 18.25 ? 34   ASN A OD1 1 
ATOM   255  N ND2 . ASN A 1 33  ? -8.047  -11.978 -2.863  1.00 19.33 ? 34   ASN A ND2 1 
ATOM   256  N N   . GLU A 1 34  ? -12.317 -8.956  -4.128  1.00 16.61 ? 35   GLU A N   1 
ATOM   257  C CA  . GLU A 1 34  ? -13.741 -8.690  -4.223  1.00 19.89 ? 35   GLU A CA  1 
ATOM   258  C C   . GLU A 1 34  ? -14.168 -7.874  -5.449  1.00 19.19 ? 35   GLU A C   1 
ATOM   259  O O   . GLU A 1 34  ? -15.289 -8.027  -5.938  1.00 20.80 ? 35   GLU A O   1 
ATOM   260  C CB  . GLU A 1 34  ? -14.242 -7.928  -3.008  1.00 26.58 ? 35   GLU A CB  1 
ATOM   261  C CG  . GLU A 1 34  ? -14.139 -8.763  -1.742  1.00 33.94 ? 35   GLU A CG  1 
ATOM   262  C CD  . GLU A 1 34  ? -14.643 -7.984  -0.553  1.00 40.36 ? 35   GLU A CD  1 
ATOM   263  O OE1 . GLU A 1 34  ? -15.873 -8.026  -0.301  1.00 49.78 ? 35   GLU A OE1 1 
ATOM   264  O OE2 . GLU A 1 34  ? -13.797 -7.293  0.070   1.00 40.53 ? 35   GLU A OE2 1 
ATOM   265  N N   . CYS A 1 35  ? -13.310 -6.994  -5.904  1.00 15.08 ? 36   CYS A N   1 
ATOM   266  C CA  . CYS A 1 35  ? -13.648 -6.061  -6.965  1.00 17.15 ? 36   CYS A CA  1 
ATOM   267  C C   . CYS A 1 35  ? -13.200 -6.465  -8.357  1.00 17.09 ? 36   CYS A C   1 
ATOM   268  O O   . CYS A 1 35  ? -13.587 -5.813  -9.332  1.00 19.48 ? 36   CYS A O   1 
ATOM   269  C CB  . CYS A 1 35  ? -13.043 -4.716  -6.650  1.00 18.18 ? 36   CYS A CB  1 
ATOM   270  S SG  . CYS A 1 35  ? -13.765 -3.920  -5.174  1.00 19.11 ? 36   CYS A SG  1 
ATOM   271  N N   . THR A 1 36  ? -12.346 -7.480  -8.458  1.00 18.73 ? 37   THR A N   1 
ATOM   272  C CA  . THR A 1 36  ? -11.733 -7.830  -9.719  1.00 21.89 ? 37   THR A CA  1 
ATOM   273  C C   . THR A 1 36  ? -12.742 -8.115  -10.848 1.00 22.09 ? 37   THR A C   1 
ATOM   274  O O   . THR A 1 36  ? -12.568 -7.580  -11.942 1.00 23.10 ? 37   THR A O   1 
ATOM   275  C CB  . THR A 1 36  ? -10.707 -8.954  -9.560  1.00 25.19 ? 37   THR A CB  1 
ATOM   276  O OG1 . THR A 1 36  ? -9.955  -9.072  -10.771 1.00 26.60 ? 37   THR A OG1 1 
ATOM   277  C CG2 . THR A 1 36  ? -11.356 -10.293 -9.252  1.00 24.36 ? 37   THR A CG2 1 
ATOM   278  N N   . GLY A 1 37  ? -13.779 -8.893  -10.557 1.00 20.10 ? 38   GLY A N   1 
ATOM   279  C CA  . GLY A 1 37  ? -14.817 -9.248  -11.575 1.00 23.21 ? 38   GLY A CA  1 
ATOM   280  C C   . GLY A 1 37  ? -15.639 -8.041  -11.991 1.00 23.02 ? 38   GLY A C   1 
ATOM   281  O O   . GLY A 1 37  ? -15.853 -7.777  -13.188 1.00 23.91 ? 38   GLY A O   1 
ATOM   282  N N   . ALA A 1 38  ? -16.038 -7.232  -11.007 1.00 22.96 ? 39   ALA A N   1 
ATOM   283  C CA  . ALA A 1 38  ? -16.671 -5.936  -11.253 1.00 19.70 ? 39   ALA A CA  1 
ATOM   284  C C   . ALA A 1 38  ? -15.770 -4.974  -12.055 1.00 20.43 ? 39   ALA A C   1 
ATOM   285  O O   . ALA A 1 38  ? -16.192 -4.391  -13.043 1.00 22.77 ? 39   ALA A O   1 
ATOM   286  C CB  . ALA A 1 38  ? -17.151 -5.292  -9.939  1.00 19.38 ? 39   ALA A CB  1 
ATOM   287  N N   . TYR A 1 39  ? -14.506 -4.835  -11.677 1.00 20.18 ? 40   TYR A N   1 
ATOM   288  C CA  . TYR A 1 39  ? -13.591 -3.978  -12.382 1.00 19.05 ? 40   TYR A CA  1 
ATOM   289  C C   . TYR A 1 39  ? -13.510 -4.461  -13.853 1.00 20.58 ? 40   TYR A C   1 
ATOM   290  O O   . TYR A 1 39  ? -13.579 -3.656  -14.791 1.00 24.72 ? 40   TYR A O   1 
ATOM   291  C CB  . TYR A 1 39  ? -12.175 -4.106  -11.782 1.00 17.66 ? 40   TYR A CB  1 
ATOM   292  C CG  . TYR A 1 39  ? -11.161 -3.300  -12.543 1.00 17.32 ? 40   TYR A CG  1 
ATOM   293  C CD1 . TYR A 1 39  ? -10.980 -1.949  -12.287 1.00 19.96 ? 40   TYR A CD1 1 
ATOM   294  C CD2 . TYR A 1 39  ? -10.342 -3.894  -13.441 1.00 18.07 ? 40   TYR A CD2 1 
ATOM   295  C CE1 . TYR A 1 39  ? -10.023 -1.198  -12.974 1.00 20.76 ? 40   TYR A CE1 1 
ATOM   296  C CE2 . TYR A 1 39  ? -9.366  -3.166  -14.123 1.00 20.01 ? 40   TYR A CE2 1 
ATOM   297  C CZ  . TYR A 1 39  ? -9.197  -1.812  -13.863 1.00 19.92 ? 40   TYR A CZ  1 
ATOM   298  O OH  . TYR A 1 39  ? -8.246  -1.037  -14.528 1.00 18.86 ? 40   TYR A OH  1 
ATOM   299  N N   . ASN A 1 40  ? -13.269 -5.749  -14.019 1.00 24.91 ? 41   ASN A N   1 
ATOM   300  C CA  . ASN A 1 40  ? -13.118 -6.352  -15.377 1.00 26.80 ? 41   ASN A CA  1 
ATOM   301  C C   . ASN A 1 40  ? -14.343 -6.068  -16.291 1.00 30.11 ? 41   ASN A C   1 
ATOM   302  O O   . ASN A 1 40  ? -14.173 -5.615  -17.440 1.00 31.63 ? 41   ASN A O   1 
ATOM   303  C CB  . ASN A 1 40  ? -12.789 -7.822  -15.286 1.00 24.38 ? 41   ASN A CB  1 
ATOM   304  C CG  . ASN A 1 40  ? -11.401 -8.082  -14.717 1.00 24.20 ? 41   ASN A CG  1 
ATOM   305  O OD1 . ASN A 1 40  ? -10.555 -7.188  -14.597 1.00 22.18 ? 41   ASN A OD1 1 
ATOM   306  N ND2 . ASN A 1 40  ? -11.164 -9.308  -14.394 1.00 26.88 ? 41   ASN A ND2 1 
ATOM   307  N N   . ASP A 1 41  ? -15.540 -6.278  -15.774 1.00 28.46 ? 42   ASP A N   1 
ATOM   308  C CA  . ASP A 1 41  ? -16.782 -5.985  -16.517 1.00 29.10 ? 42   ASP A CA  1 
ATOM   309  C C   . ASP A 1 41  ? -17.010 -4.512  -16.864 1.00 32.95 ? 42   ASP A C   1 
ATOM   310  O O   . ASP A 1 41  ? -17.547 -4.194  -17.966 1.00 30.48 ? 42   ASP A O   1 
ATOM   311  C CB  . ASP A 1 41  ? -18.007 -6.535  -15.784 1.00 28.35 ? 42   ASP A CB  1 
ATOM   312  C CG  . ASP A 1 41  ? -18.045 -8.068  -15.735 1.00 30.31 ? 42   ASP A CG  1 
ATOM   313  O OD1 . ASP A 1 41  ? -17.248 -8.755  -16.428 1.00 34.03 ? 42   ASP A OD1 1 
ATOM   314  O OD2 . ASP A 1 41  ? -18.854 -8.601  -14.940 1.00 33.18 ? 42   ASP A OD2 1 
ATOM   315  N N   . ILE A 1 42  ? -16.610 -3.592  -15.972 1.00 25.96 ? 43   ILE A N   1 
ATOM   316  C CA  . ILE A 1 42  ? -16.710 -2.200  -16.299 1.00 26.40 ? 43   ILE A CA  1 
ATOM   317  C C   . ILE A 1 42  ? -15.726 -1.870  -17.415 1.00 28.85 ? 43   ILE A C   1 
ATOM   318  O O   . ILE A 1 42  ? -16.046 -1.099  -18.333 1.00 34.48 ? 43   ILE A O   1 
ATOM   319  C CB  . ILE A 1 42  ? -16.384 -1.288  -15.082 1.00 24.87 ? 43   ILE A CB  1 
ATOM   320  C CG1 . ILE A 1 42  ? -17.566 -1.254  -14.092 1.00 23.94 ? 43   ILE A CG1 1 
ATOM   321  C CG2 . ILE A 1 42  ? -16.035 0.130   -15.526 1.00 24.10 ? 43   ILE A CG2 1 
ATOM   322  C CD1 . ILE A 1 42  ? -17.201 -0.680  -12.732 1.00 22.68 ? 43   ILE A CD1 1 
ATOM   323  N N   . MET A 1 43  ? -14.514 -2.399  -17.348 1.00 29.77 ? 44   MET A N   1 
ATOM   324  C CA  . MET A 1 43  ? -13.536 -2.005  -18.351 1.00 30.10 ? 44   MET A CA  1 
ATOM   325  C C   . MET A 1 43  ? -13.953 -2.528  -19.739 1.00 36.61 ? 44   MET A C   1 
ATOM   326  O O   . MET A 1 43  ? -13.758 -1.812  -20.730 1.00 40.89 ? 44   MET A O   1 
ATOM   327  C CB  . MET A 1 43  ? -12.123 -2.450  -17.986 1.00 32.15 ? 44   MET A CB  1 
ATOM   328  C CG  . MET A 1 43  ? -11.490 -1.631  -16.849 1.00 30.20 ? 44   MET A CG  1 
ATOM   329  S SD  . MET A 1 43  ? -11.443 0.165   -16.992 1.00 33.19 ? 44   MET A SD  1 
ATOM   330  C CE  . MET A 1 43  ? -10.212 0.400   -18.281 1.00 36.58 ? 44   MET A CE  1 
ATOM   331  N N   . THR A 1 44  ? -14.546 -3.722  -19.789 1.00 35.16 ? 45   THR A N   1 
ATOM   332  C CA  . THR A 1 44  ? -14.864 -4.394  -21.048 1.00 42.60 ? 45   THR A CA  1 
ATOM   333  C C   . THR A 1 44  ? -16.287 -4.119  -21.597 1.00 46.23 ? 45   THR A C   1 
ATOM   334  O O   . THR A 1 44  ? -16.458 -3.754  -22.778 1.00 46.65 ? 45   THR A O   1 
ATOM   335  C CB  . THR A 1 44  ? -14.607 -5.923  -20.958 1.00 42.67 ? 45   THR A CB  1 
ATOM   336  O OG1 . THR A 1 44  ? -15.621 -6.566  -20.205 1.00 46.12 ? 45   THR A OG1 1 
ATOM   337  C CG2 . THR A 1 44  ? -13.267 -6.232  -20.309 1.00 40.84 ? 45   THR A CG2 1 
ATOM   338  N N   . TYR A 1 45  ? -17.304 -4.286  -20.764 1.00 42.41 ? 46   TYR A N   1 
ATOM   339  C CA  . TYR A 1 45  ? -18.692 -4.072  -21.212 1.00 42.73 ? 46   TYR A CA  1 
ATOM   340  C C   . TYR A 1 45  ? -19.127 -2.617  -21.173 1.00 40.29 ? 46   TYR A C   1 
ATOM   341  O O   . TYR A 1 45  ? -20.323 -2.335  -21.205 1.00 46.78 ? 46   TYR A O   1 
ATOM   342  C CB  . TYR A 1 45  ? -19.670 -4.907  -20.396 1.00 42.22 ? 46   TYR A CB  1 
ATOM   343  C CG  . TYR A 1 45  ? -19.552 -6.368  -20.658 1.00 47.27 ? 46   TYR A CG  1 
ATOM   344  C CD1 . TYR A 1 45  ? -19.944 -6.895  -21.881 1.00 47.21 ? 46   TYR A CD1 1 
ATOM   345  C CD2 . TYR A 1 45  ? -19.029 -7.220  -19.712 1.00 50.82 ? 46   TYR A CD2 1 
ATOM   346  C CE1 . TYR A 1 45  ? -19.832 -8.228  -22.138 1.00 53.81 ? 46   TYR A CE1 1 
ATOM   347  C CE2 . TYR A 1 45  ? -18.910 -8.569  -19.963 1.00 58.14 ? 46   TYR A CE2 1 
ATOM   348  C CZ  . TYR A 1 45  ? -19.320 -9.062  -21.176 1.00 55.95 ? 46   TYR A CZ  1 
ATOM   349  O OH  . TYR A 1 45  ? -19.206 -10.397 -21.438 1.00 69.93 ? 46   TYR A OH  1 
ATOM   350  N N   . SER A 1 46  ? -18.172 -1.694  -21.106 1.00 39.07 ? 47   SER A N   1 
ATOM   351  C CA  . SER A 1 46  ? -18.489 -0.284  -21.138 1.00 39.37 ? 47   SER A CA  1 
ATOM   352  C C   . SER A 1 46  ? -18.597 0.207   -22.570 1.00 39.17 ? 47   SER A C   1 
ATOM   353  O O   . SER A 1 46  ? -19.142 1.287   -22.770 1.00 37.27 ? 47   SER A O   1 
ATOM   354  C CB  . SER A 1 46  ? -17.445 0.551   -20.363 1.00 42.05 ? 47   SER A CB  1 
ATOM   355  O OG  . SER A 1 46  ? -17.615 0.449   -18.917 1.00 35.71 ? 47   SER A OG  1 
ATOM   356  N N   . SER A 1 51  ? -20.126 -5.073  -25.783 1.00 39.15 ? 52   SER A N   1 
ATOM   357  C CA  . SER A 1 51  ? -20.845 -4.142  -24.923 1.00 45.84 ? 52   SER A CA  1 
ATOM   358  C C   . SER A 1 51  ? -22.126 -4.637  -24.355 1.00 51.50 ? 52   SER A C   1 
ATOM   359  O O   . SER A 1 51  ? -22.882 -5.323  -25.009 1.00 52.20 ? 52   SER A O   1 
ATOM   360  C CB  . SER A 1 51  ? -21.097 -2.821  -25.573 1.00 46.11 ? 52   SER A CB  1 
ATOM   361  O OG  . SER A 1 51  ? -20.271 -1.865  -24.992 1.00 47.18 ? 52   SER A OG  1 
ATOM   362  N N   . ASP A 1 52  ? -22.386 -4.264  -23.107 1.00 51.30 ? 53   ASP A N   1 
ATOM   363  C CA  . ASP A 1 52  ? -23.506 -4.844  -22.413 1.00 51.26 ? 53   ASP A CA  1 
ATOM   364  C C   . ASP A 1 52  ? -23.831 -4.081  -21.183 1.00 51.63 ? 53   ASP A C   1 
ATOM   365  O O   . ASP A 1 52  ? -23.128 -4.187  -20.199 1.00 50.86 ? 53   ASP A O   1 
ATOM   366  C CB  . ASP A 1 52  ? -23.108 -6.234  -22.038 1.00 51.81 ? 53   ASP A CB  1 
ATOM   367  C CG  . ASP A 1 52  ? -24.224 -7.047  -21.558 1.00 51.81 ? 53   ASP A CG  1 
ATOM   368  O OD1 . ASP A 1 52  ? -25.125 -6.505  -20.906 1.00 45.50 ? 53   ASP A OD1 1 
ATOM   369  O OD2 . ASP A 1 52  ? -24.147 -8.250  -21.852 1.00 48.63 ? 53   ASP A OD2 1 
ATOM   370  N N   . GLN A 1 53  ? -24.893 -3.309  -21.228 1.00 49.24 ? 54   GLN A N   1 
ATOM   371  C CA  . GLN A 1 53  ? -25.207 -2.446  -20.132 1.00 50.90 ? 54   GLN A CA  1 
ATOM   372  C C   . GLN A 1 53  ? -25.598 -3.191  -18.897 1.00 54.91 ? 54   GLN A C   1 
ATOM   373  O O   . GLN A 1 53  ? -25.405 -2.681  -17.801 1.00 54.19 ? 54   GLN A O   1 
ATOM   374  C CB  . GLN A 1 53  ? -26.305 -1.443  -20.493 1.00 55.52 ? 54   GLN A CB  1 
ATOM   375  C CG  . GLN A 1 53  ? -26.989 -0.755  -19.322 1.00 58.49 ? 54   GLN A CG  1 
ATOM   376  C CD  . GLN A 1 53  ? -26.594 0.687   -19.170 1.00 68.03 ? 54   GLN A CD  1 
ATOM   377  O OE1 . GLN A 1 53  ? -25.635 1.033   -18.488 1.00 75.74 ? 54   GLN A OE1 1 
ATOM   378  N NE2 . GLN A 1 53  ? -27.360 1.546   -19.780 1.00 68.66 ? 54   GLN A NE2 1 
ATOM   379  N N   . SER A 1 54  ? -26.230 -4.337  -19.042 1.00 50.24 ? 55   SER A N   1 
ATOM   380  C CA  . SER A 1 54  ? -26.764 -5.014  -17.890 1.00 51.93 ? 55   SER A CA  1 
ATOM   381  C C   . SER A 1 54  ? -25.621 -5.230  -16.909 1.00 50.60 ? 55   SER A C   1 
ATOM   382  O O   . SER A 1 54  ? -25.719 -5.058  -15.712 1.00 46.31 ? 55   SER A O   1 
ATOM   383  C CB  . SER A 1 54  ? -27.338 -6.362  -18.348 1.00 49.77 ? 55   SER A CB  1 
ATOM   384  O OG  . SER A 1 54  ? -27.123 -7.414  -17.436 1.00 45.13 ? 55   SER A OG  1 
ATOM   385  N N   . LYS A 1 55  ? -24.527 -5.623  -17.502 1.00 49.69 ? 56   LYS A N   1 
ATOM   386  C CA  . LYS A 1 55  ? -23.367 -6.010  -16.721 1.00 51.72 ? 56   LYS A CA  1 
ATOM   387  C C   . LYS A 1 55  ? -22.691 -4.806  -16.082 1.00 48.45 ? 56   LYS A C   1 
ATOM   388  O O   . LYS A 1 55  ? -22.283 -4.888  -14.925 1.00 48.29 ? 56   LYS A O   1 
ATOM   389  C CB  . LYS A 1 55  ? -22.380 -6.796  -17.572 1.00 55.66 ? 56   LYS A CB  1 
ATOM   390  C CG  . LYS A 1 55  ? -22.969 -8.101  -18.067 1.00 59.82 ? 56   LYS A CG  1 
ATOM   391  C CD  . LYS A 1 55  ? -21.933 -8.985  -18.706 1.00 57.66 ? 56   LYS A CD  1 
ATOM   392  C CE  . LYS A 1 55  ? -22.576 -10.308 -19.029 1.00 61.32 ? 56   LYS A CE  1 
ATOM   393  N NZ  . LYS A 1 55  ? -21.579 -11.283 -19.529 1.00 64.89 ? 56   LYS A NZ  1 
ATOM   394  N N   . VAL A 1 56  ? -22.572 -3.698  -16.816 1.00 42.39 ? 57   VAL A N   1 
ATOM   395  C CA  . VAL A 1 56  ? -22.045 -2.487  -16.209 1.00 40.38 ? 57   VAL A CA  1 
ATOM   396  C C   . VAL A 1 56  ? -22.794 -2.144  -14.914 1.00 42.08 ? 57   VAL A C   1 
ATOM   397  O O   . VAL A 1 56  ? -22.150 -1.908  -13.881 1.00 31.20 ? 57   VAL A O   1 
ATOM   398  C CB  . VAL A 1 56  ? -22.022 -1.285  -17.180 1.00 41.44 ? 57   VAL A CB  1 
ATOM   399  C CG1 . VAL A 1 56  ? -21.777 0.015   -16.438 1.00 39.59 ? 57   VAL A CG1 1 
ATOM   400  C CG2 . VAL A 1 56  ? -20.949 -1.501  -18.223 1.00 40.20 ? 57   VAL A CG2 1 
ATOM   401  N N   . ASN A 1 57  ? -24.131 -2.142  -14.934 1.00 41.40 ? 58   ASN A N   1 
ATOM   402  C CA  . ASN A 1 57  ? -24.893 -1.774  -13.733 1.00 41.57 ? 58   ASN A CA  1 
ATOM   403  C C   . ASN A 1 57  ? -24.722 -2.707  -12.556 1.00 38.10 ? 58   ASN A C   1 
ATOM   404  O O   . ASN A 1 57  ? -24.705 -2.272  -11.415 1.00 38.18 ? 58   ASN A O   1 
ATOM   405  C CB  . ASN A 1 57  ? -26.393 -1.605  -14.032 1.00 49.68 ? 58   ASN A CB  1 
ATOM   406  C CG  . ASN A 1 57  ? -26.741 -0.181  -14.392 1.00 53.47 ? 58   ASN A CG  1 
ATOM   407  O OD1 . ASN A 1 57  ? -25.964 0.497   -15.060 1.00 62.10 ? 58   ASN A OD1 1 
ATOM   408  N ND2 . ASN A 1 57  ? -27.895 0.284   -13.951 1.00 60.07 ? 58   ASN A ND2 1 
ATOM   409  N N   . GLN A 1 58  ? -24.579 -3.987  -12.840 1.00 38.42 ? 59   GLN A N   1 
ATOM   410  C CA  . GLN A 1 58  ? -24.347 -4.985  -11.808 1.00 37.87 ? 59   GLN A CA  1 
ATOM   411  C C   . GLN A 1 58  ? -22.920 -4.896  -11.219 1.00 34.87 ? 59   GLN A C   1 
ATOM   412  O O   . GLN A 1 58  ? -22.696 -5.228  -10.058 1.00 28.81 ? 59   GLN A O   1 
ATOM   413  C CB  . GLN A 1 58  ? -24.580 -6.351  -12.410 1.00 39.35 ? 59   GLN A CB  1 
ATOM   414  C CG  . GLN A 1 58  ? -26.056 -6.465  -12.828 1.00 44.05 ? 59   GLN A CG  1 
ATOM   415  C CD  . GLN A 1 58  ? -26.386 -7.682  -13.651 1.00 44.43 ? 59   GLN A CD  1 
ATOM   416  O OE1 . GLN A 1 58  ? -25.580 -8.603  -13.766 1.00 46.89 ? 59   GLN A OE1 1 
ATOM   417  N NE2 . GLN A 1 58  ? -27.597 -7.691  -14.235 1.00 47.96 ? 59   GLN A NE2 1 
ATOM   418  N N   . ALA A 1 59  ? -21.964 -4.477  -12.042 1.00 28.07 ? 60   ALA A N   1 
ATOM   419  C CA  . ALA A 1 59  ? -20.593 -4.269  -11.560 1.00 26.29 ? 60   ALA A CA  1 
ATOM   420  C C   . ALA A 1 59  ? -20.571 -3.092  -10.630 1.00 25.25 ? 60   ALA A C   1 
ATOM   421  O O   . ALA A 1 59  ? -19.954 -3.168  -9.576  1.00 25.83 ? 60   ALA A O   1 
ATOM   422  C CB  . ALA A 1 59  ? -19.631 -4.033  -12.714 1.00 22.35 ? 60   ALA A CB  1 
ATOM   423  N N   . ILE A 1 60  ? -21.199 -1.991  -11.031 1.00 22.97 ? 61   ILE A N   1 
ATOM   424  C CA  . ILE A 1 60  ? -21.332 -0.822  -10.144 1.00 27.30 ? 61   ILE A CA  1 
ATOM   425  C C   . ILE A 1 60  ? -21.967 -1.184  -8.795  1.00 26.24 ? 61   ILE A C   1 
ATOM   426  O O   . ILE A 1 60  ? -21.474 -0.745  -7.724  1.00 22.25 ? 61   ILE A O   1 
ATOM   427  C CB  . ILE A 1 60  ? -22.170 0.320   -10.786 1.00 28.34 ? 61   ILE A CB  1 
ATOM   428  C CG1 . ILE A 1 60  ? -21.436 0.918   -11.974 1.00 30.90 ? 61   ILE A CG1 1 
ATOM   429  C CG2 . ILE A 1 60  ? -22.493 1.409   -9.774  1.00 31.97 ? 61   ILE A CG2 1 
ATOM   430  C CD1 . ILE A 1 60  ? -20.070 1.456   -11.661 1.00 34.48 ? 61   ILE A CD1 1 
ATOM   431  N N   . SER A 1 61  ? -23.074 -1.940  -8.857  1.00 26.78 ? 62   SER A N   1 
ATOM   432  C CA  . SER A 1 61  ? -23.746 -2.440  -7.663  1.00 28.13 ? 62   SER A CA  1 
ATOM   433  C C   . SER A 1 61  ? -22.796 -3.130  -6.744  1.00 24.63 ? 62   SER A C   1 
ATOM   434  O O   . SER A 1 61  ? -22.912 -2.970  -5.563  1.00 26.15 ? 62   SER A O   1 
ATOM   435  C CB  . SER A 1 61  ? -24.899 -3.419  -7.981  1.00 31.25 ? 62   SER A CB  1 
ATOM   436  O OG  . SER A 1 61  ? -25.906 -2.772  -8.739  1.00 36.41 ? 62   SER A OG  1 
ATOM   437  N N   . ILE A 1 62  ? -21.856 -3.900  -7.278  1.00 26.65 ? 63   ILE A N   1 
ATOM   438  C CA  . ILE A 1 62  ? -20.882 -4.615  -6.456  1.00 24.70 ? 63   ILE A CA  1 
ATOM   439  C C   . ILE A 1 62  ? -19.867 -3.677  -5.722  1.00 21.56 ? 63   ILE A C   1 
ATOM   440  O O   . ILE A 1 62  ? -19.603 -3.863  -4.575  1.00 20.05 ? 63   ILE A O   1 
ATOM   441  C CB  . ILE A 1 62  ? -20.121 -5.671  -7.316  1.00 28.22 ? 63   ILE A CB  1 
ATOM   442  C CG1 . ILE A 1 62  ? -21.070 -6.803  -7.740  1.00 32.17 ? 63   ILE A CG1 1 
ATOM   443  C CG2 . ILE A 1 62  ? -18.957 -6.245  -6.529  1.00 28.43 ? 63   ILE A CG2 1 
ATOM   444  C CD1 . ILE A 1 62  ? -20.437 -7.766  -8.719  1.00 34.09 ? 63   ILE A CD1 1 
ATOM   445  N N   . PHE A 1 63  ? -19.383 -2.638  -6.379  1.00 17.46 ? 64   PHE A N   1 
ATOM   446  C CA  . PHE A 1 63  ? -18.665 -1.663  -5.722  1.00 15.58 ? 64   PHE A CA  1 
ATOM   447  C C   . PHE A 1 63  ? -19.410 -0.860  -4.637  1.00 15.94 ? 64   PHE A C   1 
ATOM   448  O O   . PHE A 1 63  ? -18.846 -0.585  -3.600  1.00 18.51 ? 64   PHE A O   1 
ATOM   449  C CB  . PHE A 1 63  ? -18.162 -0.668  -6.744  1.00 16.49 ? 64   PHE A CB  1 
ATOM   450  C CG  . PHE A 1 63  ? -16.961 -1.112  -7.486  1.00 15.27 ? 64   PHE A CG  1 
ATOM   451  C CD1 . PHE A 1 63  ? -15.685 -0.897  -6.948  1.00 16.30 ? 64   PHE A CD1 1 
ATOM   452  C CD2 . PHE A 1 63  ? -17.070 -1.672  -8.760  1.00 15.87 ? 64   PHE A CD2 1 
ATOM   453  C CE1 . PHE A 1 63  ? -14.525 -1.267  -7.618  1.00 18.54 ? 64   PHE A CE1 1 
ATOM   454  C CE2 . PHE A 1 63  ? -15.887 -2.030  -9.457  1.00 17.72 ? 64   PHE A CE2 1 
ATOM   455  C CZ  . PHE A 1 63  ? -14.621 -1.837  -8.892  1.00 18.91 ? 64   PHE A CZ  1 
ATOM   456  N N   . LYS A 1 64  ? -20.670 -0.507  -4.895  1.00 16.00 ? 65   LYS A N   1 
ATOM   457  C CA  . LYS A 1 64  ? -21.469 0.371   -4.014  1.00 16.35 ? 65   LYS A CA  1 
ATOM   458  C C   . LYS A 1 64  ? -22.074 -0.393  -2.870  1.00 16.21 ? 65   LYS A C   1 
ATOM   459  O O   . LYS A 1 64  ? -22.285 0.196   -1.840  1.00 16.67 ? 65   LYS A O   1 
ATOM   460  C CB  . LYS A 1 64  ? -22.620 0.954   -4.829  1.00 16.48 ? 65   LYS A CB  1 
ATOM   461  C CG  . LYS A 1 64  ? -23.604 1.895   -4.148  1.00 17.24 ? 65   LYS A CG  1 
ATOM   462  C CD  . LYS A 1 64  ? -23.066 3.064   -3.336  1.00 17.14 ? 65   LYS A CD  1 
ATOM   463  C CE  . LYS A 1 64  ? -24.209 3.636   -2.480  1.00 16.46 ? 65   LYS A CE  1 
ATOM   464  N NZ  . LYS A 1 64  ? -23.816 4.618   -1.470  1.00 15.98 ? 65   LYS A NZ  1 
ATOM   465  N N   . LYS A 1 65  ? -22.297 -1.693  -3.026  1.00 18.00 ? 66   LYS A N   1 
ATOM   466  C CA  . LYS A 1 65  ? -23.153 -2.430  -2.071  1.00 20.56 ? 66   LYS A CA  1 
ATOM   467  C C   . LYS A 1 65  ? -22.756 -2.222  -0.594  1.00 19.33 ? 66   LYS A C   1 
ATOM   468  O O   . LYS A 1 65  ? -21.614 -2.538  -0.188  1.00 15.02 ? 66   LYS A O   1 
ATOM   469  C CB  . LYS A 1 65  ? -23.142 -3.883  -2.438  1.00 24.84 ? 66   LYS A CB  1 
ATOM   470  C CG  . LYS A 1 65  ? -23.812 -4.840  -1.514  1.00 30.35 ? 66   LYS A CG  1 
ATOM   471  C CD  . LYS A 1 65  ? -23.565 -6.252  -2.068  1.00 37.83 ? 66   LYS A CD  1 
ATOM   472  C CE  . LYS A 1 65  ? -23.458 -7.294  -0.957  1.00 43.19 ? 66   LYS A CE  1 
ATOM   473  N NZ  . LYS A 1 65  ? -24.808 -7.781  -0.532  1.00 48.92 ? 66   LYS A NZ  1 
ATOM   474  N N   . ASP A 1 66  ? -23.745 -1.756  0.204   1.00 16.19 ? 67   ASP A N   1 
ATOM   475  C CA  . ASP A 1 66  ? -23.614 -1.418  1.640   1.00 16.64 ? 67   ASP A CA  1 
ATOM   476  C C   . ASP A 1 66  ? -22.426 -0.471  1.963   1.00 15.78 ? 67   ASP A C   1 
ATOM   477  O O   . ASP A 1 66  ? -21.998 -0.395  3.103   1.00 13.85 ? 67   ASP A O   1 
ATOM   478  C CB  . ASP A 1 66  ? -23.486 -2.671  2.462   1.00 18.39 ? 67   ASP A CB  1 
ATOM   479  C CG  . ASP A 1 66  ? -24.631 -3.673  2.208   1.00 21.06 ? 67   ASP A CG  1 
ATOM   480  O OD1 . ASP A 1 66  ? -25.776 -3.257  2.254   1.00 21.61 ? 67   ASP A OD1 1 
ATOM   481  O OD2 . ASP A 1 66  ? -24.327 -4.872  2.053   1.00 27.03 ? 67   ASP A OD2 1 
ATOM   482  N N   . ASN A 1 67  ? -21.964 0.255   0.947   1.00 14.29 ? 68   ASN A N   1 
ATOM   483  C CA  . ASN A 1 67  ? -20.758 1.119   1.024   1.00 15.54 ? 68   ASN A CA  1 
ATOM   484  C C   . ASN A 1 67  ? -19.542 0.353   1.560   1.00 14.08 ? 68   ASN A C   1 
ATOM   485  O O   . ASN A 1 67  ? -18.628 0.975   2.102   1.00 13.35 ? 68   ASN A O   1 
ATOM   486  C CB  . ASN A 1 67  ? -20.935 2.379   1.878   1.00 16.14 ? 68   ASN A CB  1 
ATOM   487  C CG  . ASN A 1 67  ? -21.849 3.416   1.237   1.00 15.47 ? 68   ASN A CG  1 
ATOM   488  O OD1 . ASN A 1 67  ? -22.079 3.435   0.054   1.00 13.38 ? 68   ASN A OD1 1 
ATOM   489  N ND2 . ASN A 1 67  ? -22.364 4.283   2.058   1.00 17.98 ? 68   ASN A ND2 1 
ATOM   490  N N   . LYS A 1 68  ? -19.526 -0.944  1.319   1.00 15.66 ? 69   LYS A N   1 
ATOM   491  C CA  . LYS A 1 68  ? -18.604 -1.861  1.938   1.00 16.26 ? 69   LYS A CA  1 
ATOM   492  C C   . LYS A 1 68  ? -17.174 -1.614  1.449   1.00 15.21 ? 69   LYS A C   1 
ATOM   493  O O   . LYS A 1 68  ? -16.245 -1.584  2.272   1.00 14.32 ? 69   LYS A O   1 
ATOM   494  C CB  . LYS A 1 68  ? -18.999 -3.304  1.652   1.00 22.83 ? 69   LYS A CB  1 
ATOM   495  C CG  . LYS A 1 68  ? -18.316 -4.287  2.575   1.00 31.78 ? 69   LYS A CG  1 
ATOM   496  C CD  . LYS A 1 68  ? -17.903 -5.614  1.922   1.00 40.93 ? 69   LYS A CD  1 
ATOM   497  C CE  . LYS A 1 68  ? -19.048 -6.569  1.614   1.00 46.70 ? 69   LYS A CE  1 
ATOM   498  N NZ  . LYS A 1 68  ? -18.493 -7.952  1.380   1.00 47.70 ? 69   LYS A NZ  1 
ATOM   499  N N   . ILE A 1 69  ? -17.008 -1.433  0.142   1.00 13.25 ? 70   ILE A N   1 
ATOM   500  C CA  . ILE A 1 69  ? -15.669 -1.246  -0.423  1.00 12.84 ? 70   ILE A CA  1 
ATOM   501  C C   . ILE A 1 69  ? -15.043 0.091   0.023   1.00 11.32 ? 70   ILE A C   1 
ATOM   502  O O   . ILE A 1 69  ? -13.930 0.127   0.512   1.00 12.01 ? 70   ILE A O   1 
ATOM   503  C CB  . ILE A 1 69  ? -15.620 -1.415  -1.957  1.00 13.05 ? 70   ILE A CB  1 
ATOM   504  C CG1 . ILE A 1 69  ? -15.912 -2.862  -2.414  1.00 15.02 ? 70   ILE A CG1 1 
ATOM   505  C CG2 . ILE A 1 69  ? -14.312 -0.912  -2.526  1.00 14.17 ? 70   ILE A CG2 1 
ATOM   506  C CD1 . ILE A 1 69  ? -15.057 -3.906  -1.814  1.00 15.53 ? 70   ILE A CD1 1 
ATOM   507  N N   . VAL A 1 70  ? -15.808 1.164   -0.041  1.00 12.31 ? 71   VAL A N   1 
ATOM   508  C CA  . VAL A 1 70  ? -15.354 2.468   0.470   1.00 11.77 ? 71   VAL A CA  1 
ATOM   509  C C   . VAL A 1 70  ? -14.993 2.287   1.927   1.00 11.09 ? 71   VAL A C   1 
ATOM   510  O O   . VAL A 1 70  ? -14.014 2.845   2.376   1.00 10.36 ? 71   VAL A O   1 
ATOM   511  C CB  . VAL A 1 70  ? -16.375 3.598   0.216   1.00 12.13 ? 71   VAL A CB  1 
ATOM   512  C CG1 . VAL A 1 70  ? -16.015 4.842   0.990   1.00 13.00 ? 71   VAL A CG1 1 
ATOM   513  C CG2 . VAL A 1 70  ? -16.415 3.898   -1.310  1.00 12.59 ? 71   VAL A CG2 1 
ATOM   514  N N   . ASN A 1 71  ? -15.841 1.578   2.702   1.00 11.75 ? 72   ASN A N   1 
ATOM   515  C CA  . ASN A 1 71  ? -15.557 1.409   4.120   1.00 11.34 ? 72   ASN A CA  1 
ATOM   516  C C   . ASN A 1 71  ? -14.221 0.628   4.361   1.00 11.32 ? 72   ASN A C   1 
ATOM   517  O O   . ASN A 1 71  ? -13.486 0.926   5.329   1.00 10.20 ? 72   ASN A O   1 
ATOM   518  C CB  . ASN A 1 71  ? -16.710 0.725   4.826   1.00 12.03 ? 72   ASN A CB  1 
ATOM   519  C CG  . ASN A 1 71  ? -17.899 1.677   5.045   1.00 14.19 ? 72   ASN A CG  1 
ATOM   520  O OD1 . ASN A 1 71  ? -17.767 2.923   4.939   1.00 13.48 ? 72   ASN A OD1 1 
ATOM   521  N ND2 . ASN A 1 71  ? -19.094 1.067   5.298   1.00 14.86 ? 72   ASN A ND2 1 
ATOM   522  N N   . LYS A 1 72  ? -13.961 -0.380  3.507   1.00 11.44 ? 73   LYS A N   1 
ATOM   523  C CA  . LYS A 1 72  ? -12.685 -1.073  3.534   1.00 12.09 ? 73   LYS A CA  1 
ATOM   524  C C   . LYS A 1 72  ? -11.489 -0.144  3.268   1.00 11.27 ? 73   LYS A C   1 
ATOM   525  O O   . LYS A 1 72  ? -10.419 -0.280  3.962   1.00 11.46 ? 73   LYS A O   1 
ATOM   526  C CB  . LYS A 1 72  ? -12.711 -2.259  2.564   1.00 15.16 ? 73   LYS A CB  1 
ATOM   527  C CG  . LYS A 1 72  ? -13.574 -3.407  3.044   1.00 17.41 ? 73   LYS A CG  1 
ATOM   528  C CD  . LYS A 1 72  ? -13.557 -4.545  2.017   1.00 23.59 ? 73   LYS A CD  1 
ATOM   529  C CE  . LYS A 1 72  ? -14.594 -5.600  2.368   1.00 29.59 ? 73   LYS A CE  1 
ATOM   530  N NZ  . LYS A 1 72  ? -14.076 -6.565  3.350   1.00 31.78 ? 73   LYS A NZ  1 
ATOM   531  N N   . PHE A 1 73  ? -11.612 0.743   2.311   1.00 11.09 ? 74   PHE A N   1 
ATOM   532  C CA  . PHE A 1 73  ? -10.555 1.785   2.148   1.00 11.30 ? 74   PHE A CA  1 
ATOM   533  C C   . PHE A 1 73  ? -10.462 2.686   3.401   1.00 12.88 ? 74   PHE A C   1 
ATOM   534  O O   . PHE A 1 73  ? -9.344  3.011   3.861   1.00 11.34 ? 74   PHE A O   1 
ATOM   535  C CB  . PHE A 1 73  ? -10.792 2.622   0.912   1.00 12.23 ? 74   PHE A CB  1 
ATOM   536  C CG  . PHE A 1 73  ? -10.415 1.916   -0.347  1.00 12.42 ? 74   PHE A CG  1 
ATOM   537  C CD1 . PHE A 1 73  ? -9.079  1.643   -0.621  1.00 12.48 ? 74   PHE A CD1 1 
ATOM   538  C CD2 . PHE A 1 73  ? -11.343 1.563   -1.268  1.00 12.66 ? 74   PHE A CD2 1 
ATOM   539  C CE1 . PHE A 1 73  ? -8.717  0.982   -1.783  1.00 13.42 ? 74   PHE A CE1 1 
ATOM   540  C CE2 . PHE A 1 73  ? -10.972 0.929   -2.467  1.00 14.37 ? 74   PHE A CE2 1 
ATOM   541  C CZ  . PHE A 1 73  ? -9.649  0.646   -2.702  1.00 13.33 ? 74   PHE A CZ  1 
ATOM   542  N N   . LYS A 1 74  ? -11.603 3.083   3.994   1.00 11.80 ? 75   LYS A N   1 
ATOM   543  C CA  . LYS A 1 74  ? -11.529 3.854   5.247   1.00 14.10 ? 75   LYS A CA  1 
ATOM   544  C C   . LYS A 1 74  ? -10.820 3.152   6.408   1.00 12.67 ? 75   LYS A C   1 
ATOM   545  O O   . LYS A 1 74  ? -10.186 3.815   7.264   1.00 14.79 ? 75   LYS A O   1 
ATOM   546  C CB  . LYS A 1 74  ? -12.933 4.319   5.690   1.00 15.52 ? 75   LYS A CB  1 
ATOM   547  C CG  . LYS A 1 74  ? -13.487 5.336   4.701   1.00 16.85 ? 75   LYS A CG  1 
ATOM   548  C CD  . LYS A 1 74  ? -14.919 5.791   4.965   1.00 19.26 ? 75   LYS A CD  1 
ATOM   549  C CE  . LYS A 1 74  ? -15.384 6.816   3.962   1.00 21.92 ? 75   LYS A CE  1 
ATOM   550  N NZ  . LYS A 1 74  ? -14.859 8.174   4.218   1.00 25.92 ? 75   LYS A NZ  1 
ATOM   551  N N   . GLU A 1 75  ? -10.958 1.831   6.467   1.00 12.26 ? 76   GLU A N   1 
ATOM   552  C CA  . GLU A 1 75  ? -10.301 1.005   7.450   1.00 13.77 ? 76   GLU A CA  1 
ATOM   553  C C   . GLU A 1 75  ? -8.782  1.051   7.285   1.00 13.34 ? 76   GLU A C   1 
ATOM   554  O O   . GLU A 1 75  ? -8.036  1.244   8.244   1.00 12.25 ? 76   GLU A O   1 
ATOM   555  C CB  . GLU A 1 75  ? -10.846 -0.420  7.424   1.00 14.97 ? 76   GLU A CB  1 
ATOM   556  C CG  . GLU A 1 75  ? -10.123 -1.324  8.395   1.00 18.60 ? 76   GLU A CG  1 
ATOM   557  C CD  . GLU A 1 75  ? -10.400 -2.827  8.279   1.00 21.84 ? 76   GLU A CD  1 
ATOM   558  O OE1 . GLU A 1 75  ? -10.809 -3.350  7.229   1.00 19.77 ? 76   GLU A OE1 1 
ATOM   559  O OE2 . GLU A 1 75  ? -10.085 -3.538  9.288   1.00 32.68 ? 76   GLU A OE2 1 
ATOM   560  N N   . LEU A 1 76  ? -8.316  0.887   6.057   1.00 12.86 ? 77   LEU A N   1 
ATOM   561  C CA  . LEU A 1 76  ? -6.863  1.073   5.778   1.00 13.49 ? 77   LEU A CA  1 
ATOM   562  C C   . LEU A 1 76  ? -6.351  2.458   6.140   1.00 13.16 ? 77   LEU A C   1 
ATOM   563  O O   . LEU A 1 76  ? -5.277  2.571   6.708   1.00 13.51 ? 77   LEU A O   1 
ATOM   564  C CB  . LEU A 1 76  ? -6.574  0.809   4.327   1.00 12.33 ? 77   LEU A CB  1 
ATOM   565  C CG  . LEU A 1 76  ? -6.717  -0.669  3.964   1.00 14.77 ? 77   LEU A CG  1 
ATOM   566  C CD1 . LEU A 1 76  ? -6.793  -0.900  2.470   1.00 16.41 ? 77   LEU A CD1 1 
ATOM   567  C CD2 . LEU A 1 76  ? -5.559  -1.464  4.474   1.00 15.08 ? 77   LEU A CD2 1 
ATOM   568  N N   . GLU A 1 77  ? -7.145  3.465   5.843   1.00 12.67 ? 78   GLU A N   1 
ATOM   569  C CA  . GLU A 1 77  ? -6.815  4.850   6.154   1.00 14.32 ? 78   GLU A CA  1 
ATOM   570  C C   . GLU A 1 77  ? -6.640  5.010   7.658   1.00 14.66 ? 78   GLU A C   1 
ATOM   571  O O   . GLU A 1 77  ? -5.686  5.632   8.145   1.00 12.69 ? 78   GLU A O   1 
ATOM   572  C CB  . GLU A 1 77  ? -7.892  5.798   5.605   1.00 14.31 ? 78   GLU A CB  1 
ATOM   573  C CG  . GLU A 1 77  ? -7.702  7.276   6.008   1.00 17.50 ? 78   GLU A CG  1 
ATOM   574  C CD  . GLU A 1 77  ? -8.862  8.150   5.645   1.00 18.07 ? 78   GLU A CD  1 
ATOM   575  O OE1 . GLU A 1 77  ? -9.964  7.633   5.442   1.00 19.65 ? 78   GLU A OE1 1 
ATOM   576  O OE2 . GLU A 1 77  ? -8.697  9.366   5.597   1.00 23.73 ? 78   GLU A OE2 1 
ATOM   577  N N   . LYS A 1 78  ? -7.514  4.386   8.418   1.00 15.55 ? 79   LYS A N   1 
ATOM   578  C CA  . LYS A 1 78  ? -7.406  4.480   9.894   1.00 18.45 ? 79   LYS A CA  1 
ATOM   579  C C   . LYS A 1 78  ? -6.188  3.776   10.494  1.00 16.46 ? 79   LYS A C   1 
ATOM   580  O O   . LYS A 1 78  ? -5.643  4.244   11.496  1.00 15.24 ? 79   LYS A O   1 
ATOM   581  C CB  . LYS A 1 78  ? -8.692  3.943   10.550  1.00 20.10 ? 79   LYS A CB  1 
ATOM   582  C CG  . LYS A 1 78  ? -8.778  4.254   12.031  1.00 26.41 ? 79   LYS A CG  1 
ATOM   583  C CD  . LYS A 1 78  ? -8.575  5.757   12.292  1.00 30.06 ? 79   LYS A CD  1 
ATOM   584  C CE  . LYS A 1 78  ? -9.311  6.359   13.476  1.00 34.52 ? 79   LYS A CE  1 
ATOM   585  N NZ  . LYS A 1 78  ? -9.651  7.778   13.135  1.00 32.42 ? 79   LYS A NZ  1 
ATOM   586  N N   . ILE A 1 79  ? -5.782  2.659   9.895   1.00 15.70 ? 80   ILE A N   1 
ATOM   587  C CA  . ILE A 1 79  ? -4.604  1.919   10.298  1.00 15.60 ? 80   ILE A CA  1 
ATOM   588  C C   . ILE A 1 79  ? -3.395  2.917   10.279  1.00 15.48 ? 80   ILE A C   1 
ATOM   589  O O   . ILE A 1 79  ? -2.583  2.903   11.209  1.00 14.42 ? 80   ILE A O   1 
ATOM   590  C CB  . ILE A 1 79  ? -4.396  0.656   9.456   1.00 15.63 ? 80   ILE A CB  1 
ATOM   591  C CG1 . ILE A 1 79  ? -5.492  -0.382  9.786   1.00 16.47 ? 80   ILE A CG1 1 
ATOM   592  C CG2 . ILE A 1 79  ? -2.992  0.047   9.669   1.00 16.95 ? 80   ILE A CG2 1 
ATOM   593  C CD1 . ILE A 1 79  ? -5.579  -1.576  8.842   1.00 16.41 ? 80   ILE A CD1 1 
ATOM   594  N N   . ILE A 1 80  ? -3.325  3.828   9.295   1.00 14.99 ? 81   ILE A N   1 
ATOM   595  C CA  . ILE A 1 80  ? -2.158  4.731   9.193   1.00 15.05 ? 81   ILE A CA  1 
ATOM   596  C C   . ILE A 1 80  ? -2.525  6.176   9.525   1.00 14.83 ? 81   ILE A C   1 
ATOM   597  O O   . ILE A 1 80  ? -1.844  7.130   9.077   1.00 16.59 ? 81   ILE A O   1 
ATOM   598  C CB  . ILE A 1 80  ? -1.527  4.621   7.804   1.00 15.68 ? 81   ILE A CB  1 
ATOM   599  C CG1 . ILE A 1 80  ? -2.564  4.947   6.727   1.00 16.07 ? 81   ILE A CG1 1 
ATOM   600  C CG2 . ILE A 1 80  ? -0.870  3.221   7.645   1.00 15.89 ? 81   ILE A CG2 1 
ATOM   601  C CD1 . ILE A 1 80  ? -1.943  5.269   5.376   1.00 18.30 ? 81   ILE A CD1 1 
ATOM   602  N N   . GLU A 1 81  ? -3.552  6.342   10.343  1.00 14.43 ? 82   GLU A N   1 
ATOM   603  C CA  . GLU A 1 81  ? -4.141  7.697   10.557  1.00 17.60 ? 82   GLU A CA  1 
ATOM   604  C C   . GLU A 1 81  ? -3.102  8.754   10.940  1.00 17.27 ? 82   GLU A C   1 
ATOM   605  O O   . GLU A 1 81  ? -3.147  9.862   10.472  1.00 17.04 ? 82   GLU A O   1 
ATOM   606  C CB  . GLU A 1 81  ? -5.246  7.686   11.629  1.00 20.42 ? 82   GLU A CB  1 
ATOM   607  C CG  . GLU A 1 81  ? -5.878  9.060   11.906  1.00 22.73 ? 82   GLU A CG  1 
ATOM   608  C CD  . GLU A 1 81  ? -6.929  9.539   10.860  1.00 27.09 ? 82   GLU A CD  1 
ATOM   609  O OE1 . GLU A 1 81  ? -7.204  8.852   9.850   1.00 28.89 ? 82   GLU A OE1 1 
ATOM   610  O OE2 . GLU A 1 81  ? -7.449  10.672  11.011  1.00 33.66 ? 82   GLU A OE2 1 
ATOM   611  N N   . GLU A 1 82  ? -2.198  8.392   11.826  1.00 20.13 ? 83   GLU A N   1 
ATOM   612  C CA  . GLU A 1 82  ? -1.266  9.381   12.367  1.00 25.87 ? 83   GLU A CA  1 
ATOM   613  C C   . GLU A 1 82  ? -0.253  9.795   11.326  1.00 23.92 ? 83   GLU A C   1 
ATOM   614  O O   . GLU A 1 82  ? 0.276   10.896  11.363  1.00 25.75 ? 83   GLU A O   1 
ATOM   615  C CB  . GLU A 1 82  ? -0.556  8.829   13.609  1.00 30.22 ? 83   GLU A CB  1 
ATOM   616  C CG  . GLU A 1 82  ? 0.084   10.001  14.380  1.00 38.86 ? 83   GLU A CG  1 
ATOM   617  C CD  . GLU A 1 82  ? 1.010   9.602   15.533  1.00 44.33 ? 83   GLU A CD  1 
ATOM   618  O OE1 . GLU A 1 82  ? 0.758   8.556   16.189  1.00 46.60 ? 83   GLU A OE1 1 
ATOM   619  O OE2 . GLU A 1 82  ? 1.954   10.382  15.811  1.00 43.36 ? 83   GLU A OE2 1 
ATOM   620  N N   . TYR A 1 83  ? 0.026   8.929   10.356  1.00 19.37 ? 84   TYR A N   1 
ATOM   621  C CA  . TYR A 1 83  ? 0.976   9.287   9.243   1.00 19.55 ? 84   TYR A CA  1 
ATOM   622  C C   . TYR A 1 83  ? 0.499   9.538   7.857   1.00 18.78 ? 84   TYR A C   1 
ATOM   623  O O   . TYR A 1 83  ? 1.304   9.830   6.923   1.00 17.76 ? 84   TYR A O   1 
ATOM   624  C CB  . TYR A 1 83  ? 2.003   8.156   9.154   1.00 19.76 ? 84   TYR A CB  1 
ATOM   625  C CG  . TYR A 1 83  ? 2.553   7.820   10.551  1.00 23.05 ? 84   TYR A CG  1 
ATOM   626  C CD1 . TYR A 1 83  ? 3.546   8.618   11.145  1.00 20.84 ? 84   TYR A CD1 1 
ATOM   627  C CD2 . TYR A 1 83  ? 2.148   6.686   11.249  1.00 20.33 ? 84   TYR A CD2 1 
ATOM   628  C CE1 . TYR A 1 83  ? 4.062   8.311   12.423  1.00 22.04 ? 84   TYR A CE1 1 
ATOM   629  C CE2 . TYR A 1 83  ? 2.652   6.405   12.493  1.00 21.02 ? 84   TYR A CE2 1 
ATOM   630  C CZ  . TYR A 1 83  ? 3.598   7.225   13.088  1.00 20.96 ? 84   TYR A CZ  1 
ATOM   631  O OH  . TYR A 1 83  ? 4.123   6.884   14.315  1.00 22.59 ? 84   TYR A OH  1 
ATOM   632  N N   . LYS A 1 84  ? -0.800  9.391   7.648   1.00 18.38 ? 85   LYS A N   1 
ATOM   633  C CA  . LYS A 1 84  ? -1.288  9.287   6.317   1.00 16.84 ? 85   LYS A CA  1 
ATOM   634  C C   . LYS A 1 84  ? -1.008  10.570  5.555   1.00 16.46 ? 85   LYS A C   1 
ATOM   635  O O   . LYS A 1 84  ? -1.081  11.659  6.123   1.00 16.91 ? 85   LYS A O   1 
ATOM   636  C CB  . LYS A 1 84  ? -2.779  9.021   6.311   1.00 16.32 ? 85   LYS A CB  1 
ATOM   637  C CG  . LYS A 1 84  ? -3.530  10.035  7.084   1.00 17.91 ? 85   LYS A CG  1 
ATOM   638  C CD  . LYS A 1 84  ? -5.049  9.879   6.976   1.00 20.67 ? 85   LYS A CD  1 
ATOM   639  C CE  . LYS A 1 84  ? -5.739  11.035  7.638   1.00 20.90 ? 85   LYS A CE  1 
ATOM   640  N NZ  . LYS A 1 84  ? -7.206  10.774  7.750   1.00 25.15 ? 85   LYS A NZ  1 
ATOM   641  N N   . PRO A 1 85  ? -0.781  10.445  4.265   1.00 15.19 ? 86   PRO A N   1 
ATOM   642  C CA  . PRO A 1 85  ? -0.663  11.633  3.409   1.00 16.85 ? 86   PRO A CA  1 
ATOM   643  C C   . PRO A 1 85  ? -1.932  12.412  3.289   1.00 17.28 ? 86   PRO A C   1 
ATOM   644  O O   . PRO A 1 85  ? -3.027  11.840  3.413   1.00 15.84 ? 86   PRO A O   1 
ATOM   645  C CB  . PRO A 1 85  ? -0.290  11.056  2.041   1.00 17.27 ? 86   PRO A CB  1 
ATOM   646  C CG  . PRO A 1 85  ? -0.696  9.648   2.095   1.00 15.41 ? 86   PRO A CG  1 
ATOM   647  C CD  . PRO A 1 85  ? -0.834  9.200   3.493   1.00 17.62 ? 86   PRO A CD  1 
ATOM   648  N N   . MET A 1 86  ? -1.796  13.739  3.120   1.00 17.13 ? 87   MET A N   1 
ATOM   649  C CA  . MET A 1 86  ? -2.948  14.660  3.167   1.00 20.75 ? 87   MET A CA  1 
ATOM   650  C C   . MET A 1 86  ? -4.013  14.321  2.142   1.00 20.81 ? 87   MET A C   1 
ATOM   651  O O   . MET A 1 86  ? -5.203  14.508  2.425   1.00 21.28 ? 87   MET A O   1 
ATOM   652  C CB  . MET A 1 86  ? -2.485  16.123  3.008   1.00 22.78 ? 87   MET A CB  1 
ATOM   653  C CG  . MET A 1 86  ? -3.575  17.163  3.217   1.00 28.23 ? 87   MET A CG  1 
ATOM   654  S SD  . MET A 1 86  ? -4.280  17.139  4.912   1.00 34.27 ? 87   MET A SD  1 
ATOM   655  C CE  . MET A 1 86  ? -2.864  17.491  5.970   1.00 30.52 ? 87   MET A CE  1 
ATOM   656  N N   . PHE A 1 87  ? -3.587  13.799  1.013   1.00 18.59 ? 88   PHE A N   1 
ATOM   657  C CA  . PHE A 1 87  ? -4.449  13.513  -0.148  1.00 21.40 ? 88   PHE A CA  1 
ATOM   658  C C   . PHE A 1 87  ? -5.424  12.330  0.070   1.00 23.06 ? 88   PHE A C   1 
ATOM   659  O O   . PHE A 1 87  ? -6.451  12.226  -0.655  1.00 22.50 ? 88   PHE A O   1 
ATOM   660  C CB  . PHE A 1 87  ? -3.614  13.277  -1.452  1.00 22.19 ? 88   PHE A CB  1 
ATOM   661  C CG  . PHE A 1 87  ? -2.640  12.095  -1.414  1.00 22.61 ? 88   PHE A CG  1 
ATOM   662  C CD1 . PHE A 1 87  ? -3.089  10.765  -1.440  1.00 25.44 ? 88   PHE A CD1 1 
ATOM   663  C CD2 . PHE A 1 87  ? -1.270  12.293  -1.442  1.00 21.27 ? 88   PHE A CD2 1 
ATOM   664  C CE1 . PHE A 1 87  ? -2.176  9.711   -1.433  1.00 25.01 ? 88   PHE A CE1 1 
ATOM   665  C CE2 . PHE A 1 87  ? -0.367  11.241  -1.442  1.00 21.49 ? 88   PHE A CE2 1 
ATOM   666  C CZ  . PHE A 1 87  ? -0.813  9.946   -1.431  1.00 27.37 ? 88   PHE A CZ  1 
ATOM   667  N N   . LEU A 1 88  ? -5.079  11.424  0.990   1.00 19.19 ? 89   LEU A N   1 
ATOM   668  C CA  . LEU A 1 88  ? -5.729  10.087  1.035   1.00 19.45 ? 89   LEU A CA  1 
ATOM   669  C C   . LEU A 1 88  ? -7.213  10.204  1.343   1.00 18.87 ? 89   LEU A C   1 
ATOM   670  O O   . LEU A 1 88  ? -8.050  9.596   0.632   1.00 17.66 ? 89   LEU A O   1 
ATOM   671  C CB  . LEU A 1 88  ? -5.073  9.118   1.984   1.00 19.72 ? 89   LEU A CB  1 
ATOM   672  C CG  . LEU A 1 88  ? -5.701  7.700   2.087   1.00 21.64 ? 89   LEU A CG  1 
ATOM   673  C CD1 . LEU A 1 88  ? -5.755  7.042   0.742   1.00 21.94 ? 89   LEU A CD1 1 
ATOM   674  C CD2 . LEU A 1 88  ? -4.988  6.769   3.035   1.00 23.34 ? 89   LEU A CD2 1 
ATOM   675  N N   . SER A 1 89  ? -7.533  11.074  2.278   1.00 17.84 ? 90   SER A N   1 
ATOM   676  C CA  . SER A 1 89  ? -8.943  11.248  2.680   1.00 22.78 ? 90   SER A CA  1 
ATOM   677  C C   . SER A 1 89  ? -9.797  11.725  1.507   1.00 19.05 ? 90   SER A C   1 
ATOM   678  O O   . SER A 1 89  ? -10.866 11.195  1.252   1.00 17.50 ? 90   SER A O   1 
ATOM   679  C CB  . SER A 1 89  ? -8.989  12.220  3.845   1.00 25.65 ? 90   SER A CB  1 
ATOM   680  O OG  . SER A 1 89  ? -10.307 12.422  4.252   1.00 33.83 ? 90   SER A OG  1 
ATOM   681  N N   . LYS A 1 90  ? -9.310  12.726  0.813   1.00 21.76 ? 91   LYS A N   1 
ATOM   682  C CA  . LYS A 1 90  ? -9.900  13.256  -0.426  1.00 22.90 ? 91   LYS A CA  1 
ATOM   683  C C   . LYS A 1 90  ? -10.064 12.230  -1.553  1.00 20.07 ? 91   LYS A C   1 
ATOM   684  O O   . LYS A 1 90  ? -11.133 12.165  -2.184  1.00 18.61 ? 91   LYS A O   1 
ATOM   685  C CB  . LYS A 1 90  ? -9.014  14.422  -0.900  1.00 26.58 ? 91   LYS A CB  1 
ATOM   686  C CG  . LYS A 1 90  ? -9.407  15.076  -2.194  1.00 32.00 ? 91   LYS A CG  1 
ATOM   687  C CD  . LYS A 1 90  ? -10.844 15.544  -2.212  1.00 35.40 ? 91   LYS A CD  1 
ATOM   688  C CE  . LYS A 1 90  ? -11.018 16.863  -2.987  1.00 38.64 ? 91   LYS A CE  1 
ATOM   689  N NZ  . LYS A 1 90  ? -10.633 16.821  -4.425  1.00 37.10 ? 91   LYS A NZ  1 
ATOM   690  N N   . LEU A 1 91  ? -9.020  11.459  -1.856  1.00 17.26 ? 92   LEU A N   1 
ATOM   691  C CA  . LEU A 1 91  ? -9.146  10.474  -2.885  1.00 16.12 ? 92   LEU A CA  1 
ATOM   692  C C   . LEU A 1 91  ? -10.275 9.475   -2.548  1.00 15.40 ? 92   LEU A C   1 
ATOM   693  O O   . LEU A 1 91  ? -11.010 9.039   -3.453  1.00 14.63 ? 92   LEU A O   1 
ATOM   694  C CB  . LEU A 1 91  ? -7.862  9.714   -3.148  1.00 18.85 ? 92   LEU A CB  1 
ATOM   695  C CG  . LEU A 1 91  ? -6.620  10.371  -3.728  1.00 22.49 ? 92   LEU A CG  1 
ATOM   696  C CD1 . LEU A 1 91  ? -5.459  9.409   -3.936  1.00 23.94 ? 92   LEU A CD1 1 
ATOM   697  C CD2 . LEU A 1 91  ? -6.928  11.069  -5.015  1.00 23.35 ? 92   LEU A CD2 1 
ATOM   698  N N   . ILE A 1 92  ? -10.387 9.095   -1.280  1.00 14.97 ? 93   ILE A N   1 
ATOM   699  C CA  . ILE A 1 92  ? -11.446 8.152   -0.869  1.00 14.71 ? 93   ILE A CA  1 
ATOM   700  C C   . ILE A 1 92  ? -12.829 8.778   -1.090  1.00 16.78 ? 93   ILE A C   1 
ATOM   701  O O   . ILE A 1 92  ? -13.739 8.179   -1.685  1.00 13.18 ? 93   ILE A O   1 
ATOM   702  C CB  . ILE A 1 92  ? -11.258 7.721   0.564   1.00 13.56 ? 93   ILE A CB  1 
ATOM   703  C CG1 . ILE A 1 92  ? -10.029 6.791   0.723   1.00 13.77 ? 93   ILE A CG1 1 
ATOM   704  C CG2 . ILE A 1 92  ? -12.446 6.879   1.049   1.00 15.58 ? 93   ILE A CG2 1 
ATOM   705  C CD1 . ILE A 1 92  ? -9.537  6.574   2.163   1.00 14.58 ? 93   ILE A CD1 1 
ATOM   706  N N   . ASP A 1 93  ? -12.984 9.971   -0.540  1.00 17.80 ? 94   ASP A N   1 
ATOM   707  C CA  . ASP A 1 93  ? -14.226 10.738  -0.799  1.00 21.19 ? 94   ASP A CA  1 
ATOM   708  C C   . ASP A 1 93  ? -14.520 10.967  -2.259  1.00 20.05 ? 94   ASP A C   1 
ATOM   709  O O   . ASP A 1 93  ? -15.666 10.713  -2.720  1.00 18.98 ? 94   ASP A O   1 
ATOM   710  C CB  . ASP A 1 93  ? -14.264 11.994  0.070   1.00 26.17 ? 94   ASP A CB  1 
ATOM   711  C CG  . ASP A 1 93  ? -14.570 11.658  1.542   1.00 35.63 ? 94   ASP A CG  1 
ATOM   712  O OD1 . ASP A 1 93  ? -15.223 10.601  1.892   1.00 38.67 ? 94   ASP A OD1 1 
ATOM   713  O OD2 . ASP A 1 93  ? -14.135 12.456  2.386   1.00 50.50 ? 94   ASP A OD2 1 
ATOM   714  N N   . ASP A 1 94  ? -13.543 11.382  -3.052  1.00 21.32 ? 95   ASP A N   1 
ATOM   715  C CA  . ASP A 1 94  ? -13.814 11.517  -4.483  1.00 23.62 ? 95   ASP A CA  1 
ATOM   716  C C   . ASP A 1 94  ? -14.249 10.243  -5.192  1.00 23.20 ? 95   ASP A C   1 
ATOM   717  O O   . ASP A 1 94  ? -15.167 10.275  -5.980  1.00 22.73 ? 95   ASP A O   1 
ATOM   718  C CB  . ASP A 1 94  ? -12.643 12.172  -5.173  1.00 27.91 ? 95   ASP A CB  1 
ATOM   719  C CG  . ASP A 1 94  ? -12.511 13.636  -4.760  1.00 25.29 ? 95   ASP A CG  1 
ATOM   720  O OD1 . ASP A 1 94  ? -13.387 14.258  -4.071  1.00 32.19 ? 95   ASP A OD1 1 
ATOM   721  O OD2 . ASP A 1 94  ? -11.513 14.154  -5.094  1.00 27.96 ? 95   ASP A OD2 1 
ATOM   722  N N   . PHE A 1 95  ? -13.632 9.099   -4.877  1.00 20.06 ? 96   PHE A N   1 
ATOM   723  C CA  . PHE A 1 95  ? -14.140 7.814   -5.332  1.00 16.92 ? 96   PHE A CA  1 
ATOM   724  C C   . PHE A 1 95  ? -15.590 7.562   -4.928  1.00 17.00 ? 96   PHE A C   1 
ATOM   725  O O   . PHE A 1 95  ? -16.386 7.077   -5.751  1.00 17.89 ? 96   PHE A O   1 
ATOM   726  C CB  . PHE A 1 95  ? -13.260 6.652   -4.792  1.00 16.66 ? 96   PHE A CB  1 
ATOM   727  C CG  . PHE A 1 95  ? -13.741 5.311   -5.216  1.00 15.45 ? 96   PHE A CG  1 
ATOM   728  C CD1 . PHE A 1 95  ? -13.812 4.976   -6.581  1.00 15.29 ? 96   PHE A CD1 1 
ATOM   729  C CD2 . PHE A 1 95  ? -14.039 4.352   -4.286  1.00 15.46 ? 96   PHE A CD2 1 
ATOM   730  C CE1 . PHE A 1 95  ? -14.250 3.729   -6.963  1.00 15.91 ? 96   PHE A CE1 1 
ATOM   731  C CE2 . PHE A 1 95  ? -14.496 3.125   -4.653  1.00 15.88 ? 96   PHE A CE2 1 
ATOM   732  C CZ  . PHE A 1 95  ? -14.602 2.812   -5.997  1.00 16.14 ? 96   PHE A CZ  1 
ATOM   733  N N   . ALA A 1 96  ? -15.889 7.766   -3.669  1.00 15.78 ? 97   ALA A N   1 
ATOM   734  C CA  . ALA A 1 96  ? -17.243 7.575   -3.097  1.00 17.12 ? 97   ALA A CA  1 
ATOM   735  C C   . ALA A 1 96  ? -18.267 8.378   -3.883  1.00 20.69 ? 97   ALA A C   1 
ATOM   736  O O   . ALA A 1 96  ? -19.296 7.876   -4.340  1.00 19.21 ? 97   ALA A O   1 
ATOM   737  C CB  . ALA A 1 96  ? -17.252 8.025   -1.692  1.00 16.32 ? 97   ALA A CB  1 
ATOM   738  N N   . ILE A 1 97  ? -17.900 9.622   -4.129  1.00 23.52 ? 98   ILE A N   1 
ATOM   739  C CA  . ILE A 1 97  ? -18.727 10.524  -4.976  1.00 25.11 ? 98   ILE A CA  1 
ATOM   740  C C   . ILE A 1 97  ? -18.958 10.026  -6.373  1.00 23.97 ? 98   ILE A C   1 
ATOM   741  O O   . ILE A 1 97  ? -20.080 10.025  -6.863  1.00 28.67 ? 98   ILE A O   1 
ATOM   742  C CB  . ILE A 1 97  ? -18.012 11.878  -5.105  1.00 25.77 ? 98   ILE A CB  1 
ATOM   743  C CG1 . ILE A 1 97  ? -18.212 12.663  -3.813  1.00 25.02 ? 98   ILE A CG1 1 
ATOM   744  C CG2 . ILE A 1 97  ? -18.461 12.574  -6.427  1.00 25.91 ? 98   ILE A CG2 1 
ATOM   745  C CD1 . ILE A 1 97  ? -17.222 13.785  -3.599  1.00 27.13 ? 98   ILE A CD1 1 
ATOM   746  N N   . GLU A 1 98  ? -17.914 9.603   -7.052  1.00 25.98 ? 99   GLU A N   1 
ATOM   747  C CA  . GLU A 1 98  ? -18.053 9.159   -8.423  1.00 29.47 ? 99   GLU A CA  1 
ATOM   748  C C   . GLU A 1 98  ? -18.886 7.917   -8.527  1.00 27.71 ? 99   GLU A C   1 
ATOM   749  O O   . GLU A 1 98  ? -19.751 7.817   -9.373  1.00 23.62 ? 99   GLU A O   1 
ATOM   750  C CB  . GLU A 1 98  ? -16.716 8.907   -9.062  1.00 33.29 ? 99   GLU A CB  1 
ATOM   751  C CG  . GLU A 1 98  ? -15.854 10.143  -9.053  1.00 40.81 ? 99   GLU A CG  1 
ATOM   752  C CD  . GLU A 1 98  ? -14.787 10.125  -10.111 1.00 52.32 ? 99   GLU A CD  1 
ATOM   753  O OE1 . GLU A 1 98  ? -15.038 9.525   -11.192 1.00 57.41 ? 99   GLU A OE1 1 
ATOM   754  O OE2 . GLU A 1 98  ? -13.708 10.742  -9.847  1.00 57.00 ? 99   GLU A OE2 1 
ATOM   755  N N   . LEU A 1 99  ? -18.599 6.934   -7.682  1.00 23.82 ? 100  LEU A N   1 
ATOM   756  C CA  . LEU A 1 99  ? -19.448 5.766   -7.602  1.00 21.41 ? 100  LEU A CA  1 
ATOM   757  C C   . LEU A 1 99  ? -20.902 6.175   -7.413  1.00 19.37 ? 100  LEU A C   1 
ATOM   758  O O   . LEU A 1 99  ? -21.788 5.632   -8.091  1.00 23.07 ? 100  LEU A O   1 
ATOM   759  C CB  . LEU A 1 99  ? -18.985 4.924   -6.419  1.00 21.58 ? 100  LEU A CB  1 
ATOM   760  C CG  . LEU A 1 99  ? -19.561 3.542   -6.176  1.00 20.63 ? 100  LEU A CG  1 
ATOM   761  C CD1 . LEU A 1 99  ? -19.522 2.627   -7.363  1.00 21.31 ? 100  LEU A CD1 1 
ATOM   762  C CD2 . LEU A 1 99  ? -18.807 2.926   -4.992  1.00 20.07 ? 100  LEU A CD2 1 
ATOM   763  N N   . ASP A 1 100 ? -21.184 7.066   -6.465  1.00 24.16 ? 101  ASP A N   1 
ATOM   764  C CA  . ASP A 1 100 ? -22.592 7.537   -6.226  1.00 28.23 ? 101  ASP A CA  1 
ATOM   765  C C   . ASP A 1 100 ? -23.251 8.199   -7.448  1.00 30.59 ? 101  ASP A C   1 
ATOM   766  O O   . ASP A 1 100 ? -24.406 7.920   -7.735  1.00 27.07 ? 101  ASP A O   1 
ATOM   767  C CB  . ASP A 1 100 ? -22.720 8.427   -5.004  1.00 31.93 ? 101  ASP A CB  1 
ATOM   768  C CG  . ASP A 1 100 ? -23.126 7.656   -3.774  1.00 40.67 ? 101  ASP A CG  1 
ATOM   769  O OD1 . ASP A 1 100 ? -22.912 6.423   -3.737  1.00 45.12 ? 101  ASP A OD1 1 
ATOM   770  O OD2 . ASP A 1 100 ? -23.670 8.254   -2.842  1.00 44.54 ? 101  ASP A OD2 1 
ATOM   771  N N   . GLN A 1 101 ? -22.524 9.022   -8.188  1.00 35.03 ? 102  GLN A N   1 
ATOM   772  C CA  . GLN A 1 101 ? -23.025 9.513   -9.495  1.00 34.51 ? 102  GLN A CA  1 
ATOM   773  C C   . GLN A 1 101 ? -23.245 8.417   -10.557 1.00 32.89 ? 102  GLN A C   1 
ATOM   774  O O   . GLN A 1 101 ? -24.184 8.485   -11.363 1.00 31.92 ? 102  GLN A O   1 
ATOM   775  C CB  . GLN A 1 101 ? -22.093 10.598  -10.043 1.00 39.91 ? 102  GLN A CB  1 
ATOM   776  C CG  . GLN A 1 101 ? -22.030 11.833  -9.160  1.00 42.58 ? 102  GLN A CG  1 
ATOM   777  C CD  . GLN A 1 101 ? -20.921 12.801  -9.567  1.00 49.10 ? 102  GLN A CD  1 
ATOM   778  O OE1 . GLN A 1 101 ? -20.074 12.497  -10.433 1.00 48.66 ? 102  GLN A OE1 1 
ATOM   779  N NE2 . GLN A 1 101 ? -20.921 13.986  -8.944  1.00 50.87 ? 102  GLN A NE2 1 
ATOM   780  N N   . ALA A 1 102 ? -22.394 7.402   -10.599 1.00 28.04 ? 103  ALA A N   1 
ATOM   781  C CA  . ALA A 1 102 ? -22.593 6.313   -11.518 1.00 28.09 ? 103  ALA A CA  1 
ATOM   782  C C   . ALA A 1 102 ? -23.870 5.521   -11.092 1.00 32.61 ? 103  ALA A C   1 
ATOM   783  O O   . ALA A 1 102 ? -24.651 5.051   -11.929 1.00 30.43 ? 103  ALA A O   1 
ATOM   784  C CB  . ALA A 1 102 ? -21.362 5.423   -11.536 1.00 28.48 ? 103  ALA A CB  1 
ATOM   785  N N   . VAL A 1 103 ? -24.101 5.407   -9.787  1.00 31.44 ? 104  VAL A N   1 
ATOM   786  C CA  . VAL A 1 103 ? -25.308 4.704   -9.358  1.00 35.79 ? 104  VAL A CA  1 
ATOM   787  C C   . VAL A 1 103 ? -26.525 5.546   -9.737  1.00 39.30 ? 104  VAL A C   1 
ATOM   788  O O   . VAL A 1 103 ? -27.470 5.017   -10.335 1.00 40.13 ? 104  VAL A O   1 
ATOM   789  C CB  . VAL A 1 103 ? -25.294 4.386   -7.863  1.00 30.93 ? 104  VAL A CB  1 
ATOM   790  C CG1 . VAL A 1 103 ? -26.600 3.711   -7.444  1.00 30.52 ? 104  VAL A CG1 1 
ATOM   791  C CG2 . VAL A 1 103 ? -24.094 3.483   -7.543  1.00 32.86 ? 104  VAL A CG2 1 
ATOM   792  N N   . ASP A 1 104 ? -26.491 6.831   -9.384  1.00 38.57 ? 105  ASP A N   1 
ATOM   793  C CA  . ASP A 1 104 ? -27.686 7.693   -9.434  1.00 46.62 ? 105  ASP A CA  1 
ATOM   794  C C   . ASP A 1 104 ? -28.113 7.883   -10.866 1.00 47.03 ? 105  ASP A C   1 
ATOM   795  O O   . ASP A 1 104 ? -29.293 7.735   -11.194 1.00 49.66 ? 105  ASP A O   1 
ATOM   796  C CB  . ASP A 1 104 ? -27.462 9.067   -8.756  1.00 47.88 ? 105  ASP A CB  1 
ATOM   797  C CG  . ASP A 1 104 ? -27.515 8.996   -7.227  1.00 54.70 ? 105  ASP A CG  1 
ATOM   798  O OD1 . ASP A 1 104 ? -28.147 8.059   -6.678  1.00 51.69 ? 105  ASP A OD1 1 
ATOM   799  O OD2 . ASP A 1 104 ? -26.930 9.886   -6.555  1.00 56.38 ? 105  ASP A OD2 1 
ATOM   800  N N   . ASN A 1 105 ? -27.135 8.183   -11.713 1.00 48.69 ? 106  ASN A N   1 
ATOM   801  C CA  . ASN A 1 105 ? -27.366 8.538   -13.099 1.00 52.61 ? 106  ASN A CA  1 
ATOM   802  C C   . ASN A 1 105 ? -27.090 7.319   -13.980 1.00 53.62 ? 106  ASN A C   1 
ATOM   803  O O   . ASN A 1 105 ? -26.421 7.439   -15.000 1.00 62.20 ? 106  ASN A O   1 
ATOM   804  C CB  . ASN A 1 105 ? -26.438 9.702   -13.523 1.00 54.22 ? 106  ASN A CB  1 
ATOM   805  C CG  . ASN A 1 105 ? -26.644 10.978  -12.704 1.00 60.62 ? 106  ASN A CG  1 
ATOM   806  O OD1 . ASN A 1 105 ? -26.959 12.046  -13.261 1.00 64.30 ? 106  ASN A OD1 1 
ATOM   807  N ND2 . ASN A 1 105 ? -26.434 10.893  -11.390 1.00 56.38 ? 106  ASN A ND2 1 
ATOM   808  N N   . ASP A 1 106 ? -27.612 6.159   -13.585 1.00 56.69 ? 107  ASP A N   1 
ATOM   809  C CA  . ASP A 1 106 ? -27.262 4.850   -14.188 1.00 64.11 ? 107  ASP A CA  1 
ATOM   810  C C   . ASP A 1 106 ? -26.297 4.891   -15.400 1.00 68.24 ? 107  ASP A C   1 
ATOM   811  O O   . ASP A 1 106 ? -26.431 4.138   -16.370 1.00 72.02 ? 107  ASP A O   1 
ATOM   812  C CB  . ASP A 1 106 ? -28.547 4.082   -14.546 1.00 62.85 ? 107  ASP A CB  1 
ATOM   813  C CG  . ASP A 1 106 ? -29.430 3.858   -13.341 1.00 61.03 ? 107  ASP A CG  1 
ATOM   814  O OD1 . ASP A 1 106 ? -28.947 3.309   -12.334 1.00 60.22 ? 107  ASP A OD1 1 
ATOM   815  O OD2 . ASP A 1 106 ? -30.603 4.259   -13.384 1.00 66.00 ? 107  ASP A OD2 1 
ATOM   816  N N   . SER A 1 108 ? -24.259 4.091   -17.932 1.00 59.34 ? 109  SER A N   1 
ATOM   817  C CA  . SER A 1 108 ? -23.863 3.207   -19.057 1.00 59.73 ? 109  SER A CA  1 
ATOM   818  C C   . SER A 1 108 ? -22.341 3.051   -19.288 1.00 56.97 ? 109  SER A C   1 
ATOM   819  O O   . SER A 1 108 ? -21.862 1.947   -19.544 1.00 51.40 ? 109  SER A O   1 
ATOM   820  C CB  . SER A 1 108 ? -24.519 3.674   -20.361 1.00 60.37 ? 109  SER A CB  1 
ATOM   821  O OG  . SER A 1 108 ? -23.866 3.102   -21.492 1.00 58.00 ? 109  SER A OG  1 
ATOM   822  N N   . ASN A 1 109 ? -21.597 4.153   -19.263 1.00 52.02 ? 110  ASN A N   1 
ATOM   823  C CA  . ASN A 1 109 ? -20.135 4.067   -19.331 1.00 48.90 ? 110  ASN A CA  1 
ATOM   824  C C   . ASN A 1 109 ? -19.544 4.374   -17.960 1.00 43.34 ? 110  ASN A C   1 
ATOM   825  O O   . ASN A 1 109 ? -19.681 5.497   -17.441 1.00 41.27 ? 110  ASN A O   1 
ATOM   826  C CB  . ASN A 1 109 ? -19.516 5.016   -20.364 1.00 44.94 ? 110  ASN A CB  1 
ATOM   827  C CG  . ASN A 1 109 ? -18.043 4.672   -20.642 1.00 44.51 ? 110  ASN A CG  1 
ATOM   828  O OD1 . ASN A 1 109 ? -17.177 4.670   -19.732 1.00 42.09 ? 110  ASN A OD1 1 
ATOM   829  N ND2 . ASN A 1 109 ? -17.756 4.337   -21.886 1.00 40.13 ? 110  ASN A ND2 1 
ATOM   830  N N   . ALA A 1 110 ? -18.910 3.371   -17.364 1.00 41.38 ? 111  ALA A N   1 
ATOM   831  C CA  . ALA A 1 110 ? -18.489 3.544   -15.974 1.00 40.25 ? 111  ALA A CA  1 
ATOM   832  C C   . ALA A 1 110 ? -16.992 3.438   -15.847 1.00 40.21 ? 111  ALA A C   1 
ATOM   833  O O   . ALA A 1 110 ? -16.477 3.251   -14.729 1.00 33.71 ? 111  ALA A O   1 
ATOM   834  C CB  . ALA A 1 110 ? -19.200 2.545   -15.085 1.00 40.71 ? 111  ALA A CB  1 
ATOM   835  N N   . ARG A 1 111 ? -16.282 3.576   -16.974 1.00 35.15 ? 112  ARG A N   1 
ATOM   836  C CA  . ARG A 1 111 ? -14.826 3.476   -16.929 1.00 34.67 ? 112  ARG A CA  1 
ATOM   837  C C   . ARG A 1 111 ? -14.178 4.413   -15.926 1.00 30.37 ? 112  ARG A C   1 
ATOM   838  O O   . ARG A 1 111 ? -13.132 4.060   -15.420 1.00 28.12 ? 112  ARG A O   1 
ATOM   839  C CB  . ARG A 1 111 ? -14.178 3.590   -18.318 1.00 38.53 ? 112  ARG A CB  1 
ATOM   840  C CG  . ARG A 1 111 ? -14.191 2.244   -19.029 1.00 42.16 ? 112  ARG A CG  1 
ATOM   841  C CD  . ARG A 1 111 ? -13.624 2.239   -20.454 1.00 48.95 ? 112  ARG A CD  1 
ATOM   842  N NE  . ARG A 1 111 ? -14.061 1.017   -21.144 1.00 58.94 ? 112  ARG A NE  1 
ATOM   843  C CZ  . ARG A 1 111 ? -14.213 0.851   -22.469 1.00 65.22 ? 112  ARG A CZ  1 
ATOM   844  N NH1 . ARG A 1 111 ? -13.957 1.831   -23.338 1.00 64.67 ? 112  ARG A NH1 1 
ATOM   845  N NH2 . ARG A 1 111 ? -14.641 -0.325  -22.936 1.00 63.84 ? 112  ARG A NH2 1 
ATOM   846  N N   . HIS A 1 112 ? -14.780 5.574   -15.637 1.00 28.75 ? 113  HIS A N   1 
ATOM   847  C CA  . HIS A 1 112 ? -14.179 6.579   -14.731 1.00 30.64 ? 113  HIS A CA  1 
ATOM   848  C C   . HIS A 1 112 ? -14.175 6.134   -13.265 1.00 26.54 ? 113  HIS A C   1 
ATOM   849  O O   . HIS A 1 112 ? -13.293 6.501   -12.516 1.00 21.85 ? 113  HIS A O   1 
ATOM   850  C CB  . HIS A 1 112 ? -14.892 7.928   -14.822 1.00 35.13 ? 113  HIS A CB  1 
ATOM   851  C CG  . HIS A 1 112 ? -16.317 7.905   -14.353 1.00 38.74 ? 113  HIS A CG  1 
ATOM   852  N ND1 . HIS A 1 112 ? -17.280 7.084   -14.909 1.00 46.19 ? 113  HIS A ND1 1 
ATOM   853  C CD2 . HIS A 1 112 ? -16.947 8.618   -13.395 1.00 42.25 ? 113  HIS A CD2 1 
ATOM   854  C CE1 . HIS A 1 112 ? -18.440 7.289   -14.303 1.00 44.71 ? 113  HIS A CE1 1 
ATOM   855  N NE2 . HIS A 1 112 ? -18.263 8.214   -13.376 1.00 43.09 ? 113  HIS A NE2 1 
ATOM   856  N N   . VAL A 1 113 ? -15.184 5.355   -12.896 1.00 24.43 ? 114  VAL A N   1 
ATOM   857  C CA  . VAL A 1 113 ? -15.264 4.699   -11.612 1.00 24.11 ? 114  VAL A CA  1 
ATOM   858  C C   . VAL A 1 113 ? -14.124 3.659   -11.452 1.00 21.72 ? 114  VAL A C   1 
ATOM   859  O O   . VAL A 1 113 ? -13.417 3.668   -10.434 1.00 21.47 ? 114  VAL A O   1 
ATOM   860  C CB  . VAL A 1 113 ? -16.650 4.026   -11.419 1.00 22.75 ? 114  VAL A CB  1 
ATOM   861  C CG1 . VAL A 1 113 ? -16.668 3.226   -10.129 1.00 25.62 ? 114  VAL A CG1 1 
ATOM   862  C CG2 . VAL A 1 113 ? -17.715 5.109   -11.351 1.00 22.71 ? 114  VAL A CG2 1 
ATOM   863  N N   . ALA A 1 114 ? -13.983 2.760   -12.433 1.00 19.37 ? 115  ALA A N   1 
ATOM   864  C CA  . ALA A 1 114 ? -12.892 1.832   -12.467 1.00 21.00 ? 115  ALA A CA  1 
ATOM   865  C C   . ALA A 1 114 ? -11.537 2.527   -12.436 1.00 21.99 ? 115  ALA A C   1 
ATOM   866  O O   . ALA A 1 114 ? -10.660 2.113   -11.666 1.00 22.05 ? 115  ALA A O   1 
ATOM   867  C CB  . ALA A 1 114 ? -12.978 0.900   -13.683 1.00 23.02 ? 115  ALA A CB  1 
ATOM   868  N N   . ASP A 1 115 ? -11.364 3.610   -13.194 1.00 22.70 ? 116  ASP A N   1 
ATOM   869  C CA  . ASP A 1 115 ? -10.070 4.321   -13.174 1.00 25.39 ? 116  ASP A CA  1 
ATOM   870  C C   . ASP A 1 115 ? -9.820  4.951   -11.819 1.00 22.52 ? 116  ASP A C   1 
ATOM   871  O O   . ASP A 1 115 ? -8.656  5.019   -11.337 1.00 19.38 ? 116  ASP A O   1 
ATOM   872  C CB  . ASP A 1 115 ? -9.984  5.458   -14.209 1.00 28.99 ? 116  ASP A CB  1 
ATOM   873  C CG  . ASP A 1 115 ? -10.061 4.954   -15.642 1.00 33.34 ? 116  ASP A CG  1 
ATOM   874  O OD1 . ASP A 1 115 ? -9.681  3.779   -15.896 1.00 34.44 ? 116  ASP A OD1 1 
ATOM   875  O OD2 . ASP A 1 115 ? -10.488 5.750   -16.518 1.00 39.23 ? 116  ASP A OD2 1 
ATOM   876  N N   . SER A 1 116 ? -10.891 5.499   -11.234 1.00 17.86 ? 117  SER A N   1 
ATOM   877  C CA  . SER A 1 116 ? -10.705 6.182   -9.964  1.00 17.72 ? 117  SER A CA  1 
ATOM   878  C C   . SER A 1 116 ? -10.357 5.140   -8.870  1.00 16.00 ? 117  SER A C   1 
ATOM   879  O O   . SER A 1 116 ? -9.549  5.432   -7.981  1.00 14.38 ? 117  SER A O   1 
ATOM   880  C CB  . SER A 1 116 ? -11.908 7.051   -9.664  1.00 18.64 ? 117  SER A CB  1 
ATOM   881  O OG  . SER A 1 116 ? -11.889 7.452   -8.324  1.00 23.14 ? 117  SER A OG  1 
ATOM   882  N N   . TYR A 1 117 ? -10.991 3.964   -8.944  1.00 14.60 ? 118  TYR A N   1 
ATOM   883  C CA  . TYR A 1 117 ? -10.628 2.829   -8.085  1.00 15.40 ? 118  TYR A CA  1 
ATOM   884  C C   . TYR A 1 117 ? -9.167  2.431   -8.196  1.00 15.36 ? 118  TYR A C   1 
ATOM   885  O O   . TYR A 1 117 ? -8.477  2.291   -7.195  1.00 14.58 ? 118  TYR A O   1 
ATOM   886  C CB  . TYR A 1 117 ? -11.539 1.655   -8.393  1.00 13.91 ? 118  TYR A CB  1 
ATOM   887  C CG  . TYR A 1 117 ? -10.962 0.340   -7.921  1.00 15.14 ? 118  TYR A CG  1 
ATOM   888  C CD1 . TYR A 1 117 ? -10.931 -0.007  -6.540  1.00 14.65 ? 118  TYR A CD1 1 
ATOM   889  C CD2 . TYR A 1 117 ? -10.554 -0.626  -8.849  1.00 15.03 ? 118  TYR A CD2 1 
ATOM   890  C CE1 . TYR A 1 117 ? -10.385 -1.219  -6.123  1.00 14.73 ? 118  TYR A CE1 1 
ATOM   891  C CE2 . TYR A 1 117 ? -9.996  -1.828  -8.425  1.00 16.91 ? 118  TYR A CE2 1 
ATOM   892  C CZ  . TYR A 1 117 ? -9.909  -2.113  -7.055  1.00 16.06 ? 118  TYR A CZ  1 
ATOM   893  O OH  . TYR A 1 117 ? -9.420  -3.336  -6.710  1.00 20.54 ? 118  TYR A OH  1 
ATOM   894  N N   . LYS A 1 118 ? -8.674  2.296   -9.422  1.00 16.61 ? 119  LYS A N   1 
ATOM   895  C CA  . LYS A 1 118 ? -7.239  1.954   -9.668  1.00 19.28 ? 119  LYS A CA  1 
ATOM   896  C C   . LYS A 1 118 ? -6.312  2.968   -9.076  1.00 18.12 ? 119  LYS A C   1 
ATOM   897  O O   . LYS A 1 118 ? -5.337  2.616   -8.440  1.00 16.73 ? 119  LYS A O   1 
ATOM   898  C CB  . LYS A 1 118 ? -7.011  1.811   -11.194 1.00 23.82 ? 119  LYS A CB  1 
ATOM   899  C CG  . LYS A 1 118 ? -5.828  0.956   -11.580 1.00 32.58 ? 119  LYS A CG  1 
ATOM   900  C CD  . LYS A 1 118 ? -6.039  -0.536  -11.257 1.00 39.16 ? 119  LYS A CD  1 
ATOM   901  C CE  . LYS A 1 118 ? -5.090  -1.436  -12.075 1.00 45.17 ? 119  LYS A CE  1 
ATOM   902  N NZ  . LYS A 1 118 ? -5.522  -2.867  -12.168 1.00 47.40 ? 119  LYS A NZ  1 
ATOM   903  N N   . LYS A 1 119 ? -6.632  4.253   -9.263  1.00 17.13 ? 120  LYS A N   1 
ATOM   904  C CA  . LYS A 1 119 ? -5.845  5.356   -8.770  1.00 17.02 ? 120  LYS A CA  1 
ATOM   905  C C   . LYS A 1 119 ? -5.804  5.340   -7.260  1.00 15.74 ? 120  LYS A C   1 
ATOM   906  O O   . LYS A 1 119 ? -4.750  5.523   -6.669  1.00 12.95 ? 120  LYS A O   1 
ATOM   907  C CB  . LYS A 1 119 ? -6.457  6.706   -9.234  1.00 18.86 ? 120  LYS A CB  1 
ATOM   908  C CG  . LYS A 1 119 ? -5.796  7.975   -8.695  1.00 23.85 ? 120  LYS A CG  1 
ATOM   909  C CD  . LYS A 1 119 ? -6.589  9.283   -8.993  1.00 27.04 ? 120  LYS A CD  1 
ATOM   910  C CE  . LYS A 1 119 ? -5.863  10.522  -8.464  1.00 30.26 ? 120  LYS A CE  1 
ATOM   911  N NZ  . LYS A 1 119 ? -6.477  11.855  -8.813  1.00 32.32 ? 120  LYS A NZ  1 
ATOM   912  N N   . LEU A 1 120 ? -6.987  5.190   -6.611  1.00 12.76 ? 121  LEU A N   1 
ATOM   913  C CA  . LEU A 1 120 ? -7.051  5.111   -5.170  1.00 11.84 ? 121  LEU A CA  1 
ATOM   914  C C   . LEU A 1 120 ? -6.211  3.919   -4.610  1.00 11.85 ? 121  LEU A C   1 
ATOM   915  O O   . LEU A 1 120 ? -5.538  4.058   -3.615  1.00 12.96 ? 121  LEU A O   1 
ATOM   916  C CB  . LEU A 1 120 ? -8.520  4.872   -4.723  1.00 12.31 ? 121  LEU A CB  1 
ATOM   917  C CG  . LEU A 1 120 ? -8.798  4.715   -3.261  1.00 11.96 ? 121  LEU A CG  1 
ATOM   918  C CD1 . LEU A 1 120 ? -8.283  5.861   -2.431  1.00 13.75 ? 121  LEU A CD1 1 
ATOM   919  C CD2 . LEU A 1 120 ? -10.272 4.608   -2.906  1.00 12.57 ? 121  LEU A CD2 1 
ATOM   920  N N   . ARG A 1 121 ? -6.400  2.756   -5.158  1.00 11.73 ? 122  ARG A N   1 
ATOM   921  C CA  . ARG A 1 121 ? -5.694  1.560   -4.733  1.00 13.40 ? 122  ARG A CA  1 
ATOM   922  C C   . ARG A 1 121 ? -4.142  1.795   -4.760  1.00 12.62 ? 122  ARG A C   1 
ATOM   923  O O   . ARG A 1 121 ? -3.439  1.473   -3.772  1.00 10.72 ? 122  ARG A O   1 
ATOM   924  C CB  . ARG A 1 121 ? -6.045  0.370   -5.604  1.00 13.77 ? 122  ARG A CB  1 
ATOM   925  C CG  . ARG A 1 121 ? -5.644  -0.959  -4.967  1.00 15.38 ? 122  ARG A CG  1 
ATOM   926  C CD  . ARG A 1 121 ? -5.999  -2.157  -5.840  1.00 16.01 ? 122  ARG A CD  1 
ATOM   927  N NE  . ARG A 1 121 ? -5.044  -2.204  -6.904  1.00 17.65 ? 122  ARG A NE  1 
ATOM   928  C CZ  . ARG A 1 121 ? -5.235  -2.716  -8.095  1.00 21.61 ? 122  ARG A CZ  1 
ATOM   929  N NH1 . ARG A 1 121 ? -6.367  -3.298  -8.434  1.00 24.30 ? 122  ARG A NH1 1 
ATOM   930  N NH2 . ARG A 1 121 ? -4.224  -2.721  -8.933  1.00 24.01 ? 122  ARG A NH2 1 
ATOM   931  N N   . LYS A 1 122 ? -3.625  2.367   -5.864  1.00 12.99 ? 123  LYS A N   1 
ATOM   932  C CA  . LYS A 1 122 ? -2.166  2.696   -5.929  1.00 13.45 ? 123  LYS A CA  1 
ATOM   933  C C   . LYS A 1 122 ? -1.744  3.705   -4.839  1.00 13.87 ? 123  LYS A C   1 
ATOM   934  O O   . LYS A 1 122 ? -0.727  3.551   -4.199  1.00 13.91 ? 123  LYS A O   1 
ATOM   935  C CB  . LYS A 1 122 ? -1.845  3.268   -7.331  1.00 15.31 ? 123  LYS A CB  1 
ATOM   936  C CG  . LYS A 1 122 ? -0.429  3.655   -7.618  1.00 19.19 ? 123  LYS A CG  1 
ATOM   937  C CD  . LYS A 1 122 ? -0.254  4.207   -9.038  1.00 23.21 ? 123  LYS A CD  1 
ATOM   938  C CE  . LYS A 1 122 ? 1.114   4.857   -9.220  1.00 26.50 ? 123  LYS A CE  1 
ATOM   939  N NZ  . LYS A 1 122 ? 1.482   4.786   -10.688 1.00 29.48 ? 123  LYS A NZ  1 
ATOM   940  N N   . SER A 1 123 ? -2.607  4.672   -4.579  1.00 12.72 ? 124  SER A N   1 
ATOM   941  C CA  . SER A 1 123 ? -2.357  5.710   -3.637  1.00 12.61 ? 124  SER A CA  1 
ATOM   942  C C   . SER A 1 123 ? -2.395  5.155   -2.212  1.00 11.59 ? 124  SER A C   1 
ATOM   943  O O   . SER A 1 123 ? -1.719  5.629   -1.347  1.00 9.99  ? 124  SER A O   1 
ATOM   944  C CB  . SER A 1 123 ? -3.377  6.828   -3.806  1.00 13.07 ? 124  SER A CB  1 
ATOM   945  O OG  . SER A 1 123 ? -3.091  7.540   -4.995  1.00 16.46 ? 124  SER A OG  1 
ATOM   946  N N   . VAL A 1 124 ? -3.246  4.154   -1.953  1.00 11.94 ? 125  VAL A N   1 
ATOM   947  C CA  . VAL A 1 124 ? -3.203  3.488   -0.657  1.00 12.32 ? 125  VAL A CA  1 
ATOM   948  C C   . VAL A 1 124 ? -1.885  2.729   -0.412  1.00 11.68 ? 125  VAL A C   1 
ATOM   949  O O   . VAL A 1 124 ? -1.377  2.738   0.683   1.00 11.79 ? 125  VAL A O   1 
ATOM   950  C CB  . VAL A 1 124 ? -4.455  2.554   -0.526  1.00 13.69 ? 125  VAL A CB  1 
ATOM   951  C CG1 . VAL A 1 124 ? -4.317  1.497   0.508   1.00 13.47 ? 125  VAL A CG1 1 
ATOM   952  C CG2 . VAL A 1 124 ? -5.688  3.457   -0.324  1.00 15.95 ? 125  VAL A CG2 1 
ATOM   953  N N   . VAL A 1 125 ? -1.361  2.072   -1.438  1.00 11.53 ? 126  VAL A N   1 
ATOM   954  C CA  . VAL A 1 125 ? -0.088  1.429   -1.358  1.00 11.26 ? 126  VAL A CA  1 
ATOM   955  C C   . VAL A 1 125 ? 0.975   2.481   -1.096  1.00 11.05 ? 126  VAL A C   1 
ATOM   956  O O   . VAL A 1 125 ? 1.809   2.320   -0.221  1.00 12.29 ? 126  VAL A O   1 
ATOM   957  C CB  . VAL A 1 125 ? 0.237   0.685   -2.643  1.00 12.87 ? 126  VAL A CB  1 
ATOM   958  C CG1 . VAL A 1 125 ? 1.687   0.192   -2.661  1.00 13.08 ? 126  VAL A CG1 1 
ATOM   959  C CG2 . VAL A 1 125 ? -0.710  -0.476  -2.874  1.00 13.38 ? 126  VAL A CG2 1 
ATOM   960  N N   . LEU A 1 126 ? 0.950   3.594   -1.855  1.00 11.03 ? 127  LEU A N   1 
ATOM   961  C CA  . LEU A 1 126 ? 1.886   4.705   -1.653  1.00 10.36 ? 127  LEU A CA  1 
ATOM   962  C C   . LEU A 1 126 ? 1.759   5.384   -0.293  1.00 10.50 ? 127  LEU A C   1 
ATOM   963  O O   . LEU A 1 126 ? 2.743   5.877   0.273   1.00 10.39 ? 127  LEU A O   1 
ATOM   964  C CB  . LEU A 1 126 ? 1.772   5.750   -2.789  1.00 10.90 ? 127  LEU A CB  1 
ATOM   965  C CG  . LEU A 1 126 ? 2.288   5.239   -4.117  1.00 11.67 ? 127  LEU A CG  1 
ATOM   966  C CD1 . LEU A 1 126 ? 1.798   6.113   -5.224  1.00 12.42 ? 127  LEU A CD1 1 
ATOM   967  C CD2 . LEU A 1 126 ? 3.793   5.021   -4.128  1.00 13.65 ? 127  LEU A CD2 1 
ATOM   968  N N   . ALA A 1 127 ? 0.556   5.396   0.274   1.00 9.49  ? 128  ALA A N   1 
ATOM   969  C CA  . ALA A 1 127 ? 0.399   5.861   1.654   1.00 9.90  ? 128  ALA A CA  1 
ATOM   970  C C   . ALA A 1 127 ? 1.102   5.045   2.719   1.00 10.12 ? 128  ALA A C   1 
ATOM   971  O O   . ALA A 1 127 ? 1.571   5.636   3.696   1.00 12.39 ? 128  ALA A O   1 
ATOM   972  C CB  . ALA A 1 127 ? -1.069  6.080   1.966   1.00 9.88  ? 128  ALA A CB  1 
ATOM   973  N N   . TYR A 1 128 ? 1.158   3.722   2.594   1.00 11.17 ? 129  TYR A N   1 
ATOM   974  C CA  . TYR A 1 128 ? 2.004   2.928   3.464   1.00 10.83 ? 129  TYR A CA  1 
ATOM   975  C C   . TYR A 1 128 ? 3.444   3.381   3.427   1.00 11.03 ? 129  TYR A C   1 
ATOM   976  O O   . TYR A 1 128 ? 4.110   3.622   4.492   1.00 11.53 ? 129  TYR A O   1 
ATOM   977  C CB  . TYR A 1 128 ? 1.835   1.469   3.170   1.00 10.54 ? 129  TYR A CB  1 
ATOM   978  C CG  . TYR A 1 128 ? 2.538   0.588   4.109   1.00 11.16 ? 129  TYR A CG  1 
ATOM   979  C CD1 . TYR A 1 128 ? 3.933   0.396   4.027   1.00 11.22 ? 129  TYR A CD1 1 
ATOM   980  C CD2 . TYR A 1 128 ? 1.871   -0.068  5.118   1.00 12.81 ? 129  TYR A CD2 1 
ATOM   981  C CE1 . TYR A 1 128 ? 4.593   -0.481  4.882   1.00 11.92 ? 129  TYR A CE1 1 
ATOM   982  C CE2 . TYR A 1 128 ? 2.537   -0.935  5.979   1.00 13.32 ? 129  TYR A CE2 1 
ATOM   983  C CZ  . TYR A 1 128 ? 3.915   -1.139  5.835   1.00 12.26 ? 129  TYR A CZ  1 
ATOM   984  O OH  . TYR A 1 128 ? 4.584   -1.943  6.746   1.00 14.76 ? 129  TYR A OH  1 
ATOM   985  N N   . ILE A 1 129 ? 3.950   3.508   2.222   1.00 12.83 ? 130  ILE A N   1 
ATOM   986  C CA  . ILE A 1 129 ? 5.380   3.967   2.024   1.00 11.55 ? 130  ILE A CA  1 
ATOM   987  C C   . ILE A 1 129 ? 5.587   5.363   2.576   1.00 12.58 ? 130  ILE A C   1 
ATOM   988  O O   . ILE A 1 129 ? 6.595   5.665   3.242   1.00 13.61 ? 130  ILE A O   1 
ATOM   989  C CB  . ILE A 1 129 ? 5.749   3.954   0.527   1.00 12.40 ? 130  ILE A CB  1 
ATOM   990  C CG1 . ILE A 1 129 ? 5.679   2.549   -0.068  1.00 13.12 ? 130  ILE A CG1 1 
ATOM   991  C CG2 . ILE A 1 129 ? 7.125   4.560   0.333   1.00 12.72 ? 130  ILE A CG2 1 
ATOM   992  C CD1 . ILE A 1 129 ? 5.831   2.430   -1.603  1.00 13.05 ? 130  ILE A CD1 1 
ATOM   993  N N   . GLU A 1 130 ? 4.647   6.287   2.311   1.00 14.05 ? 131  GLU A N   1 
ATOM   994  C CA  . GLU A 1 130 ? 4.647   7.609   2.956   1.00 14.62 ? 131  GLU A CA  1 
ATOM   995  C C   . GLU A 1 130 ? 4.699   7.600   4.458   1.00 16.34 ? 131  GLU A C   1 
ATOM   996  O O   . GLU A 1 130 ? 5.470   8.341   5.042   1.00 16.92 ? 131  GLU A O   1 
ATOM   997  C CB  . GLU A 1 130 ? 3.447   8.421   2.487   1.00 18.45 ? 131  GLU A CB  1 
ATOM   998  C CG  . GLU A 1 130 ? 3.747   9.864   2.643   1.00 23.22 ? 131  GLU A CG  1 
ATOM   999  C CD  . GLU A 1 130 ? 4.753   10.472  1.635   1.00 21.27 ? 131  GLU A CD  1 
ATOM   1000 O OE1 . GLU A 1 130 ? 5.200   9.881   0.592   1.00 25.39 ? 131  GLU A OE1 1 
ATOM   1001 O OE2 . GLU A 1 130 ? 4.977   11.628  1.896   1.00 26.37 ? 131  GLU A OE2 1 
ATOM   1002 N N   . SER A 1 131 ? 3.908   6.716   5.131   1.00 17.11 ? 132  SER A N   1 
ATOM   1003 C CA  . SER A 1 131 ? 4.033   6.502   6.566   1.00 16.04 ? 132  SER A CA  1 
ATOM   1004 C C   . SER A 1 131 ? 5.469   6.023   6.966   1.00 16.49 ? 132  SER A C   1 
ATOM   1005 O O   . SER A 1 131 ? 6.101   6.590   7.897   1.00 15.69 ? 132  SER A O   1 
ATOM   1006 C CB  . SER A 1 131 ? 2.951   5.503   7.017   1.00 17.51 ? 132  SER A CB  1 
ATOM   1007 O OG  . SER A 1 131 ? 1.680   5.910   6.526   1.00 14.11 ? 132  SER A OG  1 
ATOM   1008 N N   . PHE A 1 132 ? 5.986   5.000   6.308   1.00 15.57 ? 133  PHE A N   1 
ATOM   1009 C CA  . PHE A 1 132 ? 7.350   4.588   6.588   1.00 15.48 ? 133  PHE A CA  1 
ATOM   1010 C C   . PHE A 1 132 ? 8.342   5.764   6.429   1.00 17.73 ? 133  PHE A C   1 
ATOM   1011 O O   . PHE A 1 132 ? 9.360   5.903   7.182   1.00 14.99 ? 133  PHE A O   1 
ATOM   1012 C CB  . PHE A 1 132 ? 7.769   3.419   5.737   1.00 16.99 ? 133  PHE A CB  1 
ATOM   1013 C CG  . PHE A 1 132 ? 9.206   3.102   5.901   1.00 17.00 ? 133  PHE A CG  1 
ATOM   1014 C CD1 . PHE A 1 132 ? 9.610   2.427   7.040   1.00 17.63 ? 133  PHE A CD1 1 
ATOM   1015 C CD2 . PHE A 1 132 ? 10.174  3.575   4.961   1.00 16.21 ? 133  PHE A CD2 1 
ATOM   1016 C CE1 . PHE A 1 132 ? 10.967  2.173   7.237   1.00 17.60 ? 133  PHE A CE1 1 
ATOM   1017 C CE2 . PHE A 1 132 ? 11.496  3.284   5.134   1.00 16.96 ? 133  PHE A CE2 1 
ATOM   1018 C CZ  . PHE A 1 132 ? 11.899  2.592   6.311   1.00 16.91 ? 133  PHE A CZ  1 
ATOM   1019 N N   . ASP A 1 133 ? 8.083   6.582   5.428   1.00 17.02 ? 134  ASP A N   1 
ATOM   1020 C CA  . ASP A 1 133 ? 9.039   7.672   5.090   1.00 19.22 ? 134  ASP A CA  1 
ATOM   1021 C C   . ASP A 1 133 ? 9.107   8.686   6.266   1.00 18.95 ? 134  ASP A C   1 
ATOM   1022 O O   . ASP A 1 133 ? 10.183  9.011   6.765   1.00 20.83 ? 134  ASP A O   1 
ATOM   1023 C CB  . ASP A 1 133 ? 8.598   8.327   3.770   1.00 20.64 ? 134  ASP A CB  1 
ATOM   1024 C CG  . ASP A 1 133 ? 9.699   9.166   3.107   1.00 26.75 ? 134  ASP A CG  1 
ATOM   1025 O OD1 . ASP A 1 133 ? 10.882  9.001   3.480   1.00 29.56 ? 134  ASP A OD1 1 
ATOM   1026 O OD2 . ASP A 1 133 ? 9.375   9.921   2.198   1.00 24.08 ? 134  ASP A OD2 1 
ATOM   1027 N N   . VAL A 1 134 ? 7.951   9.069   6.756   1.00 19.27 ? 135  VAL A N   1 
ATOM   1028 C CA  . VAL A 1 134 ? 7.778   10.023  7.828   1.00 21.43 ? 135  VAL A CA  1 
ATOM   1029 C C   . VAL A 1 134 ? 8.426   9.506   9.077   1.00 20.68 ? 135  VAL A C   1 
ATOM   1030 O O   . VAL A 1 134 ? 9.094   10.232  9.834   1.00 21.95 ? 135  VAL A O   1 
ATOM   1031 C CB  . VAL A 1 134 ? 6.284   10.221  8.071   1.00 21.17 ? 135  VAL A CB  1 
ATOM   1032 C CG1 . VAL A 1 134 ? 5.943   11.006  9.349   1.00 24.42 ? 135  VAL A CG1 1 
ATOM   1033 C CG2 . VAL A 1 134 ? 5.635   10.911  6.873   1.00 22.31 ? 135  VAL A CG2 1 
ATOM   1034 N N   . ILE A 1 135 ? 8.229   8.216   9.327   1.00 17.85 ? 136  ILE A N   1 
ATOM   1035 C CA  . ILE A 1 135 ? 8.786   7.648   10.541  1.00 16.09 ? 136  ILE A CA  1 
ATOM   1036 C C   . ILE A 1 135 ? 10.267  7.616   10.440  1.00 16.22 ? 136  ILE A C   1 
ATOM   1037 O O   . ILE A 1 135 ? 10.952  8.038   11.395  1.00 15.73 ? 136  ILE A O   1 
ATOM   1038 C CB  . ILE A 1 135 ? 8.223   6.273   10.829  1.00 16.10 ? 136  ILE A CB  1 
ATOM   1039 C CG1 . ILE A 1 135 ? 6.748   6.417   11.192  1.00 16.14 ? 136  ILE A CG1 1 
ATOM   1040 C CG2 . ILE A 1 135 ? 8.939   5.618   11.995  1.00 17.56 ? 136  ILE A CG2 1 
ATOM   1041 C CD1 . ILE A 1 135 ? 6.026   5.056   11.359  1.00 17.64 ? 136  ILE A CD1 1 
ATOM   1042 N N   . SER A 1 136 ? 10.763  7.174   9.286   1.00 16.08 ? 137  SER A N   1 
ATOM   1043 C CA  . SER A 1 136 ? 12.190  6.944   9.140   1.00 18.05 ? 137  SER A CA  1 
ATOM   1044 C C   . SER A 1 136 ? 12.974  8.285   9.184   1.00 18.67 ? 137  SER A C   1 
ATOM   1045 O O   . SER A 1 136 ? 14.126  8.317   9.680   1.00 16.89 ? 137  SER A O   1 
ATOM   1046 C CB  . SER A 1 136 ? 12.560  6.137   7.898   1.00 17.38 ? 137  SER A CB  1 
ATOM   1047 O OG  . SER A 1 136 ? 12.137  6.834   6.752   1.00 22.66 ? 137  SER A OG  1 
ATOM   1048 N N   . SER A 1 137 ? 12.337  9.338   8.724   1.00 19.26 ? 138  SER A N   1 
ATOM   1049 C CA  . SER A 1 137 ? 12.945  10.698  8.730   1.00 20.03 ? 138  SER A CA  1 
ATOM   1050 C C   . SER A 1 137 ? 13.131  11.260  10.134  1.00 20.21 ? 138  SER A C   1 
ATOM   1051 O O   . SER A 1 137 ? 13.779  12.295  10.304  1.00 22.85 ? 138  SER A O   1 
ATOM   1052 C CB  . SER A 1 137 ? 12.085  11.631  7.851   1.00 23.97 ? 138  SER A CB  1 
ATOM   1053 O OG  . SER A 1 137 ? 12.008  11.203  6.468   1.00 25.96 ? 138  SER A OG  1 
ATOM   1054 N N   . LYS A 1 138 ? 12.533  10.652  11.159  1.00 18.64 ? 139  LYS A N   1 
ATOM   1055 C CA  . LYS A 1 138 ? 12.830  11.015  12.564  1.00 18.96 ? 139  LYS A CA  1 
ATOM   1056 C C   . LYS A 1 138 ? 14.093  10.397  13.108  1.00 19.10 ? 139  LYS A C   1 
ATOM   1057 O O   . LYS A 1 138 ? 14.494  10.768  14.218  1.00 18.38 ? 139  LYS A O   1 
ATOM   1058 C CB  . LYS A 1 138 ? 11.673  10.628  13.512  1.00 21.08 ? 139  LYS A CB  1 
ATOM   1059 C CG  . LYS A 1 138 ? 10.269  11.119  13.067  1.00 21.94 ? 139  LYS A CG  1 
ATOM   1060 C CD  . LYS A 1 138 ? 9.140   10.627  13.958  1.00 22.41 ? 139  LYS A CD  1 
ATOM   1061 C CE  . LYS A 1 138 ? 7.778   11.292  13.674  1.00 25.32 ? 139  LYS A CE  1 
ATOM   1062 N NZ  . LYS A 1 138 ? 6.770   10.893  14.703  1.00 24.93 ? 139  LYS A NZ  1 
ATOM   1063 N N   . PHE A 1 139 ? 14.726  9.455   12.373  1.00 18.57 ? 140  PHE A N   1 
ATOM   1064 C CA  . PHE A 1 139 ? 15.795  8.689   12.921  1.00 18.29 ? 140  PHE A CA  1 
ATOM   1065 C C   . PHE A 1 139 ? 17.030  9.556   13.028  1.00 19.37 ? 140  PHE A C   1 
ATOM   1066 O O   . PHE A 1 139 ? 17.294  10.343  12.133  1.00 16.11 ? 140  PHE A O   1 
ATOM   1067 C CB  . PHE A 1 139 ? 16.081  7.400   12.130  1.00 18.97 ? 140  PHE A CB  1 
ATOM   1068 C CG  . PHE A 1 139 ? 15.224  6.187   12.579  1.00 18.63 ? 140  PHE A CG  1 
ATOM   1069 C CD1 . PHE A 1 139 ? 13.830  6.206   12.500  1.00 19.75 ? 140  PHE A CD1 1 
ATOM   1070 C CD2 . PHE A 1 139 ? 15.812  5.050   13.004  1.00 17.90 ? 140  PHE A CD2 1 
ATOM   1071 C CE1 . PHE A 1 139 ? 13.054  5.111   12.905  1.00 18.03 ? 140  PHE A CE1 1 
ATOM   1072 C CE2 . PHE A 1 139 ? 15.050  3.931   13.337  1.00 20.12 ? 140  PHE A CE2 1 
ATOM   1073 C CZ  . PHE A 1 139 ? 13.666  3.976   13.295  1.00 19.08 ? 140  PHE A CZ  1 
ATOM   1074 N N   . VAL A 1 140 ? 17.725  9.428   14.159  1.00 21.04 ? 141  VAL A N   1 
ATOM   1075 C CA  . VAL A 1 140 ? 18.945  10.189  14.384  1.00 22.89 ? 141  VAL A CA  1 
ATOM   1076 C C   . VAL A 1 140 ? 20.093  9.527   13.640  1.00 22.67 ? 141  VAL A C   1 
ATOM   1077 O O   . VAL A 1 140 ? 21.013  10.191  13.281  1.00 25.18 ? 141  VAL A O   1 
ATOM   1078 C CB  . VAL A 1 140 ? 19.200  10.449  15.897  1.00 23.16 ? 141  VAL A CB  1 
ATOM   1079 C CG1 . VAL A 1 140 ? 18.063  11.336  16.400  1.00 25.03 ? 141  VAL A CG1 1 
ATOM   1080 C CG2 . VAL A 1 140 ? 19.269  9.162   16.703  1.00 23.74 ? 141  VAL A CG2 1 
ATOM   1081 N N   . ASP A 1 141 ? 19.997  8.213   13.397  1.00 22.65 ? 142  ASP A N   1 
ATOM   1082 C CA  . ASP A 1 141 ? 21.047  7.460   12.802  1.00 20.51 ? 142  ASP A CA  1 
ATOM   1083 C C   . ASP A 1 141 ? 21.124  7.695   11.285  1.00 22.80 ? 142  ASP A C   1 
ATOM   1084 O O   . ASP A 1 141 ? 20.180  7.390   10.539  1.00 20.86 ? 142  ASP A O   1 
ATOM   1085 C CB  . ASP A 1 141 ? 20.858  5.996   13.043  1.00 20.43 ? 142  ASP A CB  1 
ATOM   1086 C CG  . ASP A 1 141 ? 21.996  5.217   12.511  1.00 20.17 ? 142  ASP A CG  1 
ATOM   1087 O OD1 . ASP A 1 141 ? 23.080  5.245   13.160  1.00 21.14 ? 142  ASP A OD1 1 
ATOM   1088 O OD2 . ASP A 1 141 ? 21.878  4.568   11.470  1.00 17.96 ? 142  ASP A OD2 1 
ATOM   1089 N N   . SER A 1 142 ? 22.196  8.292   10.838  1.00 21.30 ? 143  SER A N   1 
ATOM   1090 C CA  . SER A 1 142 ? 22.265  8.746   9.435   1.00 22.70 ? 143  SER A CA  1 
ATOM   1091 C C   . SER A 1 142 ? 22.371  7.597   8.454   1.00 22.89 ? 143  SER A C   1 
ATOM   1092 O O   . SER A 1 142 ? 21.817  7.729   7.365   1.00 21.90 ? 143  SER A O   1 
ATOM   1093 C CB  . SER A 1 142 ? 23.493  9.666   9.209   1.00 27.89 ? 143  SER A CB  1 
ATOM   1094 O OG  . SER A 1 142 ? 24.674  8.928   9.162   1.00 26.18 ? 143  SER A OG  1 
ATOM   1095 N N   . LYS A 1 143 ? 23.036  6.488   8.838   1.00 20.45 ? 144  LYS A N   1 
ATOM   1096 C CA  . LYS A 1 143 ? 23.095  5.281   7.985   1.00 22.96 ? 144  LYS A CA  1 
ATOM   1097 C C   . LYS A 1 143 ? 21.699  4.675   7.721   1.00 18.75 ? 144  LYS A C   1 
ATOM   1098 O O   . LYS A 1 143 ? 21.408  4.378   6.567   1.00 18.10 ? 144  LYS A O   1 
ATOM   1099 C CB  . LYS A 1 143 ? 24.008  4.187   8.565   1.00 26.75 ? 144  LYS A CB  1 
ATOM   1100 C CG  . LYS A 1 143 ? 25.447  4.241   8.029   1.00 36.44 ? 144  LYS A CG  1 
ATOM   1101 C CD  . LYS A 1 143 ? 26.519  3.653   8.967   1.00 42.57 ? 144  LYS A CD  1 
ATOM   1102 C CE  . LYS A 1 143 ? 26.252  2.204   9.369   1.00 48.62 ? 144  LYS A CE  1 
ATOM   1103 N NZ  . LYS A 1 143 ? 25.490  2.031   10.642  1.00 48.22 ? 144  LYS A NZ  1 
ATOM   1104 N N   . PHE A 1 144 ? 20.883  4.600   8.771   1.00 16.85 ? 145  PHE A N   1 
ATOM   1105 C CA  . PHE A 1 144 ? 19.490  4.216   8.674   1.00 16.53 ? 145  PHE A CA  1 
ATOM   1106 C C   . PHE A 1 144 ? 18.700  5.209   7.781   1.00 15.05 ? 145  PHE A C   1 
ATOM   1107 O O   . PHE A 1 144 ? 17.993  4.794   6.874   1.00 13.80 ? 145  PHE A O   1 
ATOM   1108 C CB  . PHE A 1 144 ? 18.842  4.066   10.065  1.00 17.44 ? 145  PHE A CB  1 
ATOM   1109 C CG  . PHE A 1 144 ? 17.431  3.576   9.984   1.00 17.30 ? 145  PHE A CG  1 
ATOM   1110 C CD1 . PHE A 1 144 ? 17.169  2.219   9.909   1.00 17.72 ? 145  PHE A CD1 1 
ATOM   1111 C CD2 . PHE A 1 144 ? 16.381  4.456   9.849   1.00 18.81 ? 145  PHE A CD2 1 
ATOM   1112 C CE1 . PHE A 1 144 ? 15.847  1.744   9.745   1.00 19.81 ? 145  PHE A CE1 1 
ATOM   1113 C CE2 . PHE A 1 144 ? 15.075  4.019   9.643   1.00 19.89 ? 145  PHE A CE2 1 
ATOM   1114 C CZ  . PHE A 1 144 ? 14.811  2.650   9.603   1.00 20.55 ? 145  PHE A CZ  1 
ATOM   1115 N N   . VAL A 1 145 ? 18.924  6.514   7.946   1.00 14.27 ? 146  VAL A N   1 
ATOM   1116 C CA  . VAL A 1 145 ? 18.232  7.481   7.104   1.00 14.20 ? 146  VAL A CA  1 
ATOM   1117 C C   . VAL A 1 145 ? 18.572  7.277   5.632   1.00 14.06 ? 146  VAL A C   1 
ATOM   1118 O O   . VAL A 1 145 ? 17.695  7.244   4.766   1.00 11.85 ? 146  VAL A O   1 
ATOM   1119 C CB  . VAL A 1 145 ? 18.492  8.897   7.605   1.00 14.25 ? 146  VAL A CB  1 
ATOM   1120 C CG1 . VAL A 1 145 ? 17.933  9.940   6.659   1.00 17.01 ? 146  VAL A CG1 1 
ATOM   1121 C CG2 . VAL A 1 145 ? 17.846  9.051   8.968   1.00 14.80 ? 146  VAL A CG2 1 
ATOM   1122 N N   . GLU A 1 146 ? 19.855  7.176   5.317   1.00 12.70 ? 147  GLU A N   1 
ATOM   1123 C CA  . GLU A 1 146 ? 20.287  6.952   3.929   1.00 13.74 ? 147  GLU A CA  1 
ATOM   1124 C C   . GLU A 1 146 ? 19.666  5.684   3.338   1.00 12.67 ? 147  GLU A C   1 
ATOM   1125 O O   . GLU A 1 146 ? 19.059  5.717   2.201   1.00 11.41 ? 147  GLU A O   1 
ATOM   1126 C CB  . GLU A 1 146 ? 21.796  6.824   3.953   1.00 15.61 ? 147  GLU A CB  1 
ATOM   1127 C CG  . GLU A 1 146 ? 22.341  6.480   2.575   1.00 18.78 ? 147  GLU A CG  1 
ATOM   1128 C CD  . GLU A 1 146 ? 23.869  6.480   2.522   1.00 22.53 ? 147  GLU A CD  1 
ATOM   1129 O OE1 . GLU A 1 146 ? 24.419  7.581   2.290   1.00 21.62 ? 147  GLU A OE1 1 
ATOM   1130 O OE2 . GLU A 1 146 ? 24.434  5.353   2.639   1.00 23.16 ? 147  GLU A OE2 1 
ATOM   1131 N N   . ALA A 1 147 ? 19.767  4.570   4.113   1.00 11.85 ? 148  ALA A N   1 
ATOM   1132 C CA  . ALA A 1 147 ? 19.180  3.300   3.666   1.00 12.15 ? 148  ALA A CA  1 
ATOM   1133 C C   . ALA A 1 147 ? 17.622  3.444   3.449   1.00 10.68 ? 148  ALA A C   1 
ATOM   1134 O O   . ALA A 1 147 ? 17.083  2.848   2.485   1.00 10.17 ? 148  ALA A O   1 
ATOM   1135 C CB  . ALA A 1 147 ? 19.474  2.203   4.659   1.00 13.22 ? 148  ALA A CB  1 
ATOM   1136 N N   . SER A 1 148 ? 16.974  4.193   4.302   1.00 10.96 ? 149  SER A N   1 
ATOM   1137 C CA  . SER A 1 148 ? 15.504  4.438   4.187   1.00 11.99 ? 149  SER A CA  1 
ATOM   1138 C C   . SER A 1 148 ? 15.184  5.204   2.924   1.00 11.99 ? 149  SER A C   1 
ATOM   1139 O O   . SER A 1 148 ? 14.272  4.836   2.231   1.00 11.98 ? 149  SER A O   1 
ATOM   1140 C CB  . SER A 1 148 ? 14.943  5.180   5.399   1.00 14.00 ? 149  SER A CB  1 
ATOM   1141 O OG  . SER A 1 148 ? 15.174  4.359   6.536   1.00 18.79 ? 149  SER A OG  1 
ATOM   1142 N N   . LYS A 1 149 ? 15.967  6.239   2.582   1.00 13.24 ? 150  LYS A N   1 
ATOM   1143 C CA  . LYS A 1 149 ? 15.761  6.921   1.314   1.00 13.97 ? 150  LYS A CA  1 
ATOM   1144 C C   . LYS A 1 149 ? 15.894  6.080   0.050   1.00 12.84 ? 150  LYS A C   1 
ATOM   1145 O O   . LYS A 1 149 ? 15.096  6.169   -0.897  1.00 10.88 ? 150  LYS A O   1 
ATOM   1146 C CB  . LYS A 1 149 ? 16.678  8.139   1.227   1.00 18.42 ? 150  LYS A CB  1 
ATOM   1147 C CG  . LYS A 1 149 ? 16.262  9.246   2.160   1.00 21.57 ? 150  LYS A CG  1 
ATOM   1148 C CD  . LYS A 1 149 ? 17.290  10.376  2.080   1.00 24.53 ? 150  LYS A CD  1 
ATOM   1149 C CE  . LYS A 1 149 ? 17.028  11.215  0.847   1.00 30.51 ? 150  LYS A CE  1 
ATOM   1150 N NZ  . LYS A 1 149 ? 17.727  12.567  0.756   1.00 36.79 ? 150  LYS A NZ  1 
ATOM   1151 N N   . LYS A 1 150 ? 16.877  5.175   0.061   1.00 13.50 ? 151  LYS A N   1 
ATOM   1152 C CA  . LYS A 1 150 ? 17.124  4.272   -1.024  1.00 14.21 ? 151  LYS A CA  1 
ATOM   1153 C C   . LYS A 1 150 ? 15.977  3.233   -1.126  1.00 13.10 ? 151  LYS A C   1 
ATOM   1154 O O   . LYS A 1 150 ? 15.464  2.928   -2.211  1.00 12.49 ? 151  LYS A O   1 
ATOM   1155 C CB  . LYS A 1 150 ? 18.499  3.595   -0.776  1.00 15.46 ? 151  LYS A CB  1 
ATOM   1156 C CG  . LYS A 1 150 ? 19.689  4.563   -0.860  1.00 18.85 ? 151  LYS A CG  1 
ATOM   1157 C CD  . LYS A 1 150 ? 21.025  3.859   -0.565  1.00 22.94 ? 151  LYS A CD  1 
ATOM   1158 C CE  . LYS A 1 150 ? 22.209  4.715   -0.930  1.00 28.91 ? 151  LYS A CE  1 
ATOM   1159 N NZ  . LYS A 1 150 ? 23.468  3.963   -0.633  1.00 31.66 ? 151  LYS A NZ  1 
ATOM   1160 N N   . PHE A 1 151 ? 15.558  2.770   0.030   1.00 11.88 ? 152  PHE A N   1 
ATOM   1161 C CA  . PHE A 1 151 ? 14.443  1.839   0.187   1.00 11.71 ? 152  PHE A CA  1 
ATOM   1162 C C   . PHE A 1 151 ? 13.197  2.439   -0.343  1.00 11.19 ? 152  PHE A C   1 
ATOM   1163 O O   . PHE A 1 151 ? 12.457  1.788   -1.096  1.00 10.85 ? 152  PHE A O   1 
ATOM   1164 C CB  . PHE A 1 151 ? 14.314  1.483   1.658   1.00 11.02 ? 152  PHE A CB  1 
ATOM   1165 C CG  . PHE A 1 151 ? 13.176  0.542   1.990   1.00 11.86 ? 152  PHE A CG  1 
ATOM   1166 C CD1 . PHE A 1 151 ? 11.855  1.028   2.278   1.00 13.04 ? 152  PHE A CD1 1 
ATOM   1167 C CD2 . PHE A 1 151 ? 13.396  -0.812  2.049   1.00 11.62 ? 152  PHE A CD2 1 
ATOM   1168 C CE1 . PHE A 1 151 ? 10.845  0.142   2.618   1.00 12.77 ? 152  PHE A CE1 1 
ATOM   1169 C CE2 . PHE A 1 151 ? 12.369  -1.684  2.438   1.00 11.95 ? 152  PHE A CE2 1 
ATOM   1170 C CZ  . PHE A 1 151 ? 11.108  -1.220  2.732   1.00 12.01 ? 152  PHE A CZ  1 
ATOM   1171 N N   . VAL A 1 152 ? 12.890  3.660   0.087   1.00 12.51 ? 153  VAL A N   1 
ATOM   1172 C CA  . VAL A 1 152 ? 11.673  4.330   -0.427  1.00 12.30 ? 153  VAL A CA  1 
ATOM   1173 C C   . VAL A 1 152 ? 11.691  4.470   -1.941  1.00 12.24 ? 153  VAL A C   1 
ATOM   1174 O O   . VAL A 1 152 ? 10.690  4.234   -2.628  1.00 15.10 ? 153  VAL A O   1 
ATOM   1175 C CB  . VAL A 1 152 ? 11.437  5.654   0.324   1.00 12.84 ? 153  VAL A CB  1 
ATOM   1176 C CG1 . VAL A 1 152 ? 10.349  6.509   -0.340  1.00 14.80 ? 153  VAL A CG1 1 
ATOM   1177 C CG2 . VAL A 1 152 ? 11.128  5.409   1.811   1.00 13.96 ? 153  VAL A CG2 1 
ATOM   1178 N N   . ASN A 1 153 ? 12.821  4.883   -2.521  1.00 12.27 ? 154  ASN A N   1 
ATOM   1179 C CA  . ASN A 1 153 ? 12.929  5.045   -3.953  1.00 14.08 ? 154  ASN A CA  1 
ATOM   1180 C C   . ASN A 1 153 ? 12.675  3.707   -4.675  1.00 12.47 ? 154  ASN A C   1 
ATOM   1181 O O   . ASN A 1 153 ? 11.898  3.642   -5.638  1.00 11.39 ? 154  ASN A O   1 
ATOM   1182 C CB  . ASN A 1 153 ? 14.343  5.584   -4.281  1.00 15.70 ? 154  ASN A CB  1 
ATOM   1183 C CG  . ASN A 1 153 ? 14.714  5.405   -5.726  1.00 20.00 ? 154  ASN A CG  1 
ATOM   1184 O OD1 . ASN A 1 153 ? 14.199  6.108   -6.591  1.00 22.03 ? 154  ASN A OD1 1 
ATOM   1185 N ND2 . ASN A 1 153 ? 15.636  4.458   -6.014  1.00 20.32 ? 154  ASN A ND2 1 
ATOM   1186 N N   . LYS A 1 154 ? 13.386  2.652   -4.254  1.00 10.91 ? 155  LYS A N   1 
ATOM   1187 C CA  . LYS A 1 154 ? 13.150  1.300   -4.831  1.00 10.98 ? 155  LYS A CA  1 
ATOM   1188 C C   . LYS A 1 154 ? 11.726  0.827   -4.607  1.00 9.95  ? 155  LYS A C   1 
ATOM   1189 O O   . LYS A 1 154 ? 11.174  0.179   -5.478  1.00 10.51 ? 155  LYS A O   1 
ATOM   1190 C CB  . LYS A 1 154 ? 14.166  0.268   -4.309  1.00 12.30 ? 155  LYS A CB  1 
ATOM   1191 C CG  . LYS A 1 154 ? 15.602  0.572   -4.711  1.00 13.28 ? 155  LYS A CG  1 
ATOM   1192 C CD  . LYS A 1 154 ? 15.800  0.766   -6.217  1.00 14.30 ? 155  LYS A CD  1 
ATOM   1193 C CE  . LYS A 1 154 ? 17.311  0.739   -6.441  1.00 16.97 ? 155  LYS A CE  1 
ATOM   1194 N NZ  . LYS A 1 154 ? 17.485  0.797   -7.882  1.00 17.13 ? 155  LYS A NZ  1 
ATOM   1195 N N   . ALA A 1 155 ? 11.151  1.105   -3.450  1.00 9.52  ? 156  ALA A N   1 
ATOM   1196 C CA  . ALA A 1 155 ? 9.748   0.752   -3.204  1.00 10.11 ? 156  ALA A CA  1 
ATOM   1197 C C   . ALA A 1 155 ? 8.805   1.433   -4.210  1.00 11.61 ? 156  ALA A C   1 
ATOM   1198 O O   . ALA A 1 155 ? 7.873   0.787   -4.754  1.00 12.15 ? 156  ALA A O   1 
ATOM   1199 C CB  . ALA A 1 155 ? 9.383   1.119   -1.777  1.00 9.72  ? 156  ALA A CB  1 
ATOM   1200 N N   . LYS A 1 156 ? 8.965   2.767   -4.379  1.00 11.83 ? 157  LYS A N   1 
ATOM   1201 C CA  . LYS A 1 156 ? 8.109   3.489   -5.310  1.00 13.62 ? 157  LYS A CA  1 
ATOM   1202 C C   . LYS A 1 156 ? 8.249   2.965   -6.738  1.00 13.32 ? 157  LYS A C   1 
ATOM   1203 O O   . LYS A 1 156 ? 7.290   2.849   -7.420  1.00 14.13 ? 157  LYS A O   1 
ATOM   1204 C CB  . LYS A 1 156 ? 8.381   4.996   -5.188  1.00 13.98 ? 157  LYS A CB  1 
ATOM   1205 C CG  . LYS A 1 156 ? 7.841   5.641   -3.941  1.00 14.45 ? 157  LYS A CG  1 
ATOM   1206 C CD  . LYS A 1 156 ? 8.355   7.088   -3.848  1.00 16.29 ? 157  LYS A CD  1 
ATOM   1207 C CE  . LYS A 1 156 ? 7.852   7.819   -2.615  1.00 17.33 ? 157  LYS A CE  1 
ATOM   1208 N NZ  . LYS A 1 156 ? 8.270   9.230   -2.740  1.00 18.14 ? 157  LYS A NZ  1 
ATOM   1209 N N   . GLU A 1 157 ? 9.468   2.672   -7.204  1.00 12.87 ? 158  GLU A N   1 
ATOM   1210 C CA  . GLU A 1 157 ? 9.674   2.114   -8.503  1.00 13.43 ? 158  GLU A CA  1 
ATOM   1211 C C   . GLU A 1 157 ? 8.941   0.763   -8.669  1.00 13.37 ? 158  GLU A C   1 
ATOM   1212 O O   . GLU A 1 157 ? 8.338   0.473   -9.699  1.00 12.37 ? 158  GLU A O   1 
ATOM   1213 C CB  . GLU A 1 157 ? 11.187  2.027   -8.857  1.00 14.89 ? 158  GLU A CB  1 
ATOM   1214 C CG  . GLU A 1 157 ? 11.780  3.432   -8.977  1.00 18.19 ? 158  GLU A CG  1 
ATOM   1215 C CD  . GLU A 1 157 ? 13.266  3.474   -9.304  1.00 23.40 ? 158  GLU A CD  1 
ATOM   1216 O OE1 . GLU A 1 157 ? 13.927  2.422   -9.395  1.00 24.03 ? 158  GLU A OE1 1 
ATOM   1217 O OE2 . GLU A 1 157 ? 13.781  4.609   -9.510  1.00 29.67 ? 158  GLU A OE2 1 
ATOM   1218 N N   . PHE A 1 158 ? 8.958   -0.037  -7.626  1.00 11.69 ? 159  PHE A N   1 
ATOM   1219 C CA  . PHE A 1 158 ? 8.320   -1.344  -7.660  1.00 11.45 ? 159  PHE A CA  1 
ATOM   1220 C C   . PHE A 1 158 ? 6.806   -1.145  -7.730  1.00 11.27 ? 159  PHE A C   1 
ATOM   1221 O O   . PHE A 1 158 ? 6.129   -1.832  -8.506  1.00 12.99 ? 159  PHE A O   1 
ATOM   1222 C CB  . PHE A 1 158 ? 8.743   -2.102  -6.406  1.00 11.49 ? 159  PHE A CB  1 
ATOM   1223 C CG  . PHE A 1 158 ? 8.482   -3.596  -6.409  1.00 11.95 ? 159  PHE A CG  1 
ATOM   1224 C CD1 . PHE A 1 158 ? 7.828   -4.244  -7.438  1.00 11.70 ? 159  PHE A CD1 1 
ATOM   1225 C CD2 . PHE A 1 158 ? 8.830   -4.320  -5.313  1.00 10.94 ? 159  PHE A CD2 1 
ATOM   1226 C CE1 . PHE A 1 158 ? 7.570   -5.591  -7.368  1.00 11.61 ? 159  PHE A CE1 1 
ATOM   1227 C CE2 . PHE A 1 158 ? 8.598   -5.658  -5.243  1.00 10.38 ? 159  PHE A CE2 1 
ATOM   1228 C CZ  . PHE A 1 158 ? 7.959   -6.307  -6.245  1.00 10.55 ? 159  PHE A CZ  1 
ATOM   1229 N N   . VAL A 1 159 ? 6.279   -0.155  -7.007  1.00 13.58 ? 160  VAL A N   1 
ATOM   1230 C CA  . VAL A 1 159 ? 4.830   0.147   -7.038  1.00 13.26 ? 160  VAL A CA  1 
ATOM   1231 C C   . VAL A 1 159 ? 4.349   0.528   -8.436  1.00 13.65 ? 160  VAL A C   1 
ATOM   1232 O O   . VAL A 1 159 ? 3.267   0.118   -8.888  1.00 11.86 ? 160  VAL A O   1 
ATOM   1233 C CB  . VAL A 1 159 ? 4.467   1.279   -6.067  1.00 13.13 ? 160  VAL A CB  1 
ATOM   1234 C CG1 . VAL A 1 159 ? 3.071   1.763   -6.315  1.00 12.85 ? 160  VAL A CG1 1 
ATOM   1235 C CG2 . VAL A 1 159 ? 4.577   0.822   -4.637  1.00 12.78 ? 160  VAL A CG2 1 
ATOM   1236 N N   . GLU A 1 160 ? 5.162   1.300   -9.118  1.00 14.47 ? 161  GLU A N   1 
ATOM   1237 C CA  . GLU A 1 160 ? 4.862   1.652   -10.525 1.00 16.11 ? 161  GLU A CA  1 
ATOM   1238 C C   . GLU A 1 160 ? 4.707   0.418   -11.374 1.00 16.17 ? 161  GLU A C   1 
ATOM   1239 O O   . GLU A 1 160 ? 3.866   0.398   -12.270 1.00 14.12 ? 161  GLU A O   1 
ATOM   1240 C CB  . GLU A 1 160 ? 5.900   2.559   -11.126 1.00 19.09 ? 161  GLU A CB  1 
ATOM   1241 C CG  . GLU A 1 160 ? 5.940   3.954   -10.493 1.00 22.00 ? 161  GLU A CG  1 
ATOM   1242 C CD  . GLU A 1 160 ? 4.667   4.707   -10.787 1.00 24.88 ? 161  GLU A CD  1 
ATOM   1243 O OE1 . GLU A 1 160 ? 4.030   4.403   -11.867 1.00 29.47 ? 161  GLU A OE1 1 
ATOM   1244 O OE2 . GLU A 1 160 ? 4.273   5.488   -9.940  1.00 24.37 ? 161  GLU A OE2 1 
ATOM   1245 N N   . GLU A 1 161 ? 5.543   -0.599  -11.137 1.00 14.27 ? 162  GLU A N   1 
ATOM   1246 C CA  . GLU A 1 161 ? 5.430   -1.827  -11.877 1.00 14.45 ? 162  GLU A CA  1 
ATOM   1247 C C   . GLU A 1 161 ? 4.184   -2.637  -11.472 1.00 14.37 ? 162  GLU A C   1 
ATOM   1248 O O   . GLU A 1 161 ? 3.385   -3.151  -12.329 1.00 13.46 ? 162  GLU A O   1 
ATOM   1249 C CB  . GLU A 1 161 ? 6.728   -2.635  -11.767 1.00 14.53 ? 162  GLU A CB  1 
ATOM   1250 C CG  . GLU A 1 161 ? 6.670   -3.903  -12.576 1.00 14.69 ? 162  GLU A CG  1 
ATOM   1251 C CD  . GLU A 1 161 ? 7.914   -4.694  -12.517 1.00 17.03 ? 162  GLU A CD  1 
ATOM   1252 O OE1 . GLU A 1 161 ? 8.581   -4.765  -11.431 1.00 17.44 ? 162  GLU A OE1 1 
ATOM   1253 O OE2 . GLU A 1 161 ? 8.159   -5.354  -13.518 1.00 17.66 ? 162  GLU A OE2 1 
ATOM   1254 N N   . ASN A 1 162 ? 3.986   -2.806  -10.182 1.00 13.05 ? 163  ASN A N   1 
ATOM   1255 C CA  . ASN A 1 162 ? 2.782   -3.502  -9.760  1.00 13.57 ? 163  ASN A CA  1 
ATOM   1256 C C   . ASN A 1 162 ? 2.443   -3.130  -8.336  1.00 12.19 ? 163  ASN A C   1 
ATOM   1257 O O   . ASN A 1 162 ? 3.213   -3.480  -7.412  1.00 13.43 ? 163  ASN A O   1 
ATOM   1258 C CB  . ASN A 1 162 ? 2.959   -5.000  -9.884  1.00 14.38 ? 163  ASN A CB  1 
ATOM   1259 C CG  . ASN A 1 162 ? 1.661   -5.798  -9.566  1.00 15.32 ? 163  ASN A CG  1 
ATOM   1260 O OD1 . ASN A 1 162 ? 1.116   -5.766  -8.441  1.00 14.95 ? 163  ASN A OD1 1 
ATOM   1261 N ND2 . ASN A 1 162 ? 1.258   -6.607  -10.496 1.00 18.47 ? 163  ASN A ND2 1 
ATOM   1262 N N   . ASP A 1 163 ? 1.305   -2.442  -8.123  1.00 11.48 ? 164  ASP A N   1 
ATOM   1263 C CA  . ASP A 1 163 ? 1.110   -1.837  -6.791  1.00 11.85 ? 164  ASP A CA  1 
ATOM   1264 C C   . ASP A 1 163 ? 0.931   -2.896  -5.650  1.00 11.92 ? 164  ASP A C   1 
ATOM   1265 O O   . ASP A 1 163 ? 1.553   -2.784  -4.579  1.00 10.00 ? 164  ASP A O   1 
ATOM   1266 C CB  . ASP A 1 163 ? -0.028  -0.797  -6.766  1.00 13.60 ? 164  ASP A CB  1 
ATOM   1267 C CG  . ASP A 1 163 ? -1.398  -1.361  -7.201  1.00 15.24 ? 164  ASP A CG  1 
ATOM   1268 O OD1 . ASP A 1 163 ? -1.502  -2.339  -7.971  1.00 15.73 ? 164  ASP A OD1 1 
ATOM   1269 O OD2 . ASP A 1 163 ? -2.423  -0.828  -6.722  1.00 18.95 ? 164  ASP A OD2 1 
ATOM   1270 N N   . LEU A 1 164 ? 0.059   -3.884  -5.886  1.00 11.59 ? 165  LEU A N   1 
ATOM   1271 C CA  . LEU A 1 164 ? -0.241  -4.897  -4.863  1.00 13.70 ? 165  LEU A CA  1 
ATOM   1272 C C   . LEU A 1 164 ? 0.940   -5.821  -4.557  1.00 12.53 ? 165  LEU A C   1 
ATOM   1273 O O   . LEU A 1 164 ? 1.163   -6.171  -3.377  1.00 11.94 ? 165  LEU A O   1 
ATOM   1274 C CB  . LEU A 1 164 ? -1.458  -5.700  -5.247  1.00 16.63 ? 165  LEU A CB  1 
ATOM   1275 C CG  . LEU A 1 164 ? -2.753  -4.880  -5.326  1.00 22.69 ? 165  LEU A CG  1 
ATOM   1276 C CD1 . LEU A 1 164 ? -3.880  -5.848  -5.613  1.00 24.59 ? 165  LEU A CD1 1 
ATOM   1277 C CD2 . LEU A 1 164 ? -2.994  -4.117  -4.060  1.00 23.11 ? 165  LEU A CD2 1 
ATOM   1278 N N   . ILE A 1 165 ? 1.647   -6.201  -5.616  1.00 12.44 ? 166  ILE A N   1 
ATOM   1279 C CA  . ILE A 1 165 ? 2.832   -7.064  -5.391  1.00 13.57 ? 166  ILE A CA  1 
ATOM   1280 C C   . ILE A 1 165 ? 3.914   -6.301  -4.645  1.00 12.00 ? 166  ILE A C   1 
ATOM   1281 O O   . ILE A 1 165 ? 4.498   -6.820  -3.690  1.00 13.51 ? 166  ILE A O   1 
ATOM   1282 C CB  . ILE A 1 165 ? 3.341   -7.692  -6.684  1.00 14.96 ? 166  ILE A CB  1 
ATOM   1283 C CG1 . ILE A 1 165 ? 2.259   -8.650  -7.276  1.00 16.88 ? 166  ILE A CG1 1 
ATOM   1284 C CG2 . ILE A 1 165 ? 4.662   -8.390  -6.425  1.00 14.77 ? 166  ILE A CG2 1 
ATOM   1285 C CD1 . ILE A 1 165 ? 2.189   -9.963  -6.531  1.00 20.62 ? 166  ILE A CD1 1 
ATOM   1286 N N   . ALA A 1 166 ? 4.132   -5.021  -5.024  1.00 12.76 ? 167  ALA A N   1 
ATOM   1287 C CA  . ALA A 1 166 ? 5.076   -4.183  -4.339  1.00 11.29 ? 167  ALA A CA  1 
ATOM   1288 C C   . ALA A 1 166 ? 4.693   -4.073  -2.857  1.00 11.93 ? 167  ALA A C   1 
ATOM   1289 O O   . ALA A 1 166 ? 5.523   -4.255  -1.991  1.00 12.18 ? 167  ALA A O   1 
ATOM   1290 C CB  . ALA A 1 166 ? 5.106   -2.788  -4.988  1.00 11.58 ? 167  ALA A CB  1 
ATOM   1291 N N   . LEU A 1 167 ? 3.414   -3.814  -2.562  1.00 10.68 ? 168  LEU A N   1 
ATOM   1292 C CA  . LEU A 1 167 ? 2.984   -3.678  -1.184  1.00 10.90 ? 168  LEU A CA  1 
ATOM   1293 C C   . LEU A 1 167 ? 3.243   -4.952  -0.419  1.00 11.17 ? 168  LEU A C   1 
ATOM   1294 O O   . LEU A 1 167 ? 3.698   -4.866  0.714   1.00 11.06 ? 168  LEU A O   1 
ATOM   1295 C CB  . LEU A 1 167 ? 1.478   -3.363  -1.077  1.00 11.74 ? 168  LEU A CB  1 
ATOM   1296 C CG  . LEU A 1 167 ? 1.034   -3.157  0.355   1.00 13.02 ? 168  LEU A CG  1 
ATOM   1297 C CD1 . LEU A 1 167 ? 1.655   -1.934  1.012   1.00 13.08 ? 168  LEU A CD1 1 
ATOM   1298 C CD2 . LEU A 1 167 ? -0.495  -3.019  0.281   1.00 15.85 ? 168  LEU A CD2 1 
ATOM   1299 N N   . GLU A 1 168 ? 2.936   -6.100  -1.027  1.00 10.77 ? 169  GLU A N   1 
ATOM   1300 C CA  . GLU A 1 168 ? 3.099   -7.401  -0.365  1.00 13.12 ? 169  GLU A CA  1 
ATOM   1301 C C   . GLU A 1 168 ? 4.599   -7.588  0.065   1.00 11.92 ? 169  GLU A C   1 
ATOM   1302 O O   . GLU A 1 168 ? 4.932   -8.027  1.177   1.00 12.09 ? 169  GLU A O   1 
ATOM   1303 C CB  . GLU A 1 168 ? 2.702   -8.486  -1.310  1.00 16.38 ? 169  GLU A CB  1 
ATOM   1304 C CG  . GLU A 1 168 ? 3.089   -9.875  -0.842  1.00 22.71 ? 169  GLU A CG  1 
ATOM   1305 C CD  . GLU A 1 168 ? 2.741   -10.903 -1.875  1.00 30.17 ? 169  GLU A CD  1 
ATOM   1306 O OE1 . GLU A 1 168 ? 1.521   -11.000 -2.181  1.00 26.47 ? 169  GLU A OE1 1 
ATOM   1307 O OE2 . GLU A 1 168 ? 3.682   -11.552 -2.426  1.00 33.08 ? 169  GLU A OE2 1 
ATOM   1308 N N   . CYS A 1 169 ? 5.461   -7.185  -0.794  1.00 12.72 ? 170  CYS A N   1 
ATOM   1309 C CA  . CYS A 1 169 ? 6.945   -7.321  -0.537  1.00 14.37 ? 170  CYS A CA  1 
ATOM   1310 C C   . CYS A 1 169 ? 7.450   -6.359  0.488   1.00 13.89 ? 170  CYS A C   1 
ATOM   1311 O O   . CYS A 1 169 ? 8.268   -6.720  1.349   1.00 14.14 ? 170  CYS A O   1 
ATOM   1312 C CB  . CYS A 1 169 ? 7.705   -7.141  -1.804  1.00 15.35 ? 170  CYS A CB  1 
ATOM   1313 S SG  . CYS A 1 169 ? 7.491   -8.451  -2.971  1.00 18.76 ? 170  CYS A SG  1 
ATOM   1314 N N   . ILE A 1 170 ? 6.946   -5.118  0.453   1.00 13.43 ? 171  ILE A N   1 
ATOM   1315 C CA  . ILE A 1 170 ? 7.319   -4.060  1.399   1.00 12.94 ? 171  ILE A CA  1 
ATOM   1316 C C   . ILE A 1 170 ? 6.845   -4.467  2.784   1.00 13.39 ? 171  ILE A C   1 
ATOM   1317 O O   . ILE A 1 170 ? 7.604   -4.416  3.790   1.00 13.15 ? 171  ILE A O   1 
ATOM   1318 C CB  . ILE A 1 170 ? 6.672   -2.711  1.002   1.00 13.84 ? 171  ILE A CB  1 
ATOM   1319 C CG1 . ILE A 1 170 ? 7.236   -2.231  -0.345  1.00 13.66 ? 171  ILE A CG1 1 
ATOM   1320 C CG2 . ILE A 1 170 ? 6.872   -1.629  2.052   1.00 13.74 ? 171  ILE A CG2 1 
ATOM   1321 C CD1 . ILE A 1 170 ? 6.416   -1.170  -1.058  1.00 14.09 ? 171  ILE A CD1 1 
ATOM   1322 N N   . VAL A 1 171 ? 5.602   -4.938  2.850   1.00 13.43 ? 172  VAL A N   1 
ATOM   1323 C CA  . VAL A 1 171 ? 5.060   -5.347  4.171   1.00 14.53 ? 172  VAL A CA  1 
ATOM   1324 C C   . VAL A 1 171 ? 5.819   -6.559  4.765   1.00 13.73 ? 172  VAL A C   1 
ATOM   1325 O O   . VAL A 1 171 ? 6.111   -6.590  5.991   1.00 14.30 ? 172  VAL A O   1 
ATOM   1326 C CB  . VAL A 1 171 ? 3.523   -5.588  4.023   1.00 16.47 ? 172  VAL A CB  1 
ATOM   1327 C CG1 . VAL A 1 171 ? 2.952   -6.335  5.208   1.00 17.77 ? 172  VAL A CG1 1 
ATOM   1328 C CG2 . VAL A 1 171 ? 2.849   -4.226  3.890   1.00 15.14 ? 172  VAL A CG2 1 
ATOM   1329 N N   . LYS A 1 172 ? 6.087   -7.530  3.918   1.00 15.59 ? 173  LYS A N   1 
ATOM   1330 C CA  . LYS A 1 172 ? 6.805   -8.788  4.265   1.00 19.15 ? 173  LYS A CA  1 
ATOM   1331 C C   . LYS A 1 172 ? 8.175   -8.399  4.818   1.00 20.11 ? 173  LYS A C   1 
ATOM   1332 O O   . LYS A 1 172 ? 8.573   -8.800  5.914   1.00 18.56 ? 173  LYS A O   1 
ATOM   1333 C CB  . LYS A 1 172 ? 7.050   -9.669  3.019   1.00 21.69 ? 173  LYS A CB  1 
ATOM   1334 C CG  . LYS A 1 172 ? 7.662   -11.036 3.436   1.00 28.83 ? 173  LYS A CG  1 
ATOM   1335 C CD  . LYS A 1 172 ? 8.058   -11.972 2.296   1.00 33.12 ? 173  LYS A CD  1 
ATOM   1336 C CE  . LYS A 1 172 ? 8.756   -13.286 2.763   1.00 36.95 ? 173  LYS A CE  1 
ATOM   1337 N NZ  . LYS A 1 172 ? 9.528   -13.255 4.065   1.00 39.17 ? 173  LYS A NZ  1 
ATOM   1338 N N   . THR A 1 173 ? 8.886   -7.563  4.066   1.00 17.72 ? 174  THR A N   1 
ATOM   1339 C CA  . THR A 1 173 ? 10.298  -7.348  4.342   1.00 18.67 ? 174  THR A CA  1 
ATOM   1340 C C   . THR A 1 173 ? 10.498  -6.469  5.542   1.00 18.16 ? 174  THR A C   1 
ATOM   1341 O O   . THR A 1 173 ? 11.353  -6.763  6.379   1.00 17.01 ? 174  THR A O   1 
ATOM   1342 C CB  . THR A 1 173 ? 11.127  -6.774  3.097   1.00 17.93 ? 174  THR A CB  1 
ATOM   1343 O OG1 . THR A 1 173 ? 10.555  -5.510  2.683   1.00 19.64 ? 174  THR A OG1 1 
ATOM   1344 C CG2 . THR A 1 173 ? 11.132  -7.726  1.981   1.00 18.75 ? 174  THR A CG2 1 
ATOM   1345 N N   . ILE A 1 174 ? 9.714   -5.394  5.679   1.00 17.31 ? 175  ILE A N   1 
ATOM   1346 C CA  . ILE A 1 174 ? 9.745   -4.519  6.805   1.00 18.86 ? 175  ILE A CA  1 
ATOM   1347 C C   . ILE A 1 174 ? 9.336   -5.297  8.079   1.00 16.89 ? 175  ILE A C   1 
ATOM   1348 O O   . ILE A 1 174 ? 9.871   -5.081  9.179   1.00 13.50 ? 175  ILE A O   1 
ATOM   1349 C CB  . ILE A 1 174 ? 8.766   -3.349  6.582   1.00 22.84 ? 175  ILE A CB  1 
ATOM   1350 C CG1 . ILE A 1 174 ? 9.496   -2.140  6.047   1.00 26.53 ? 175  ILE A CG1 1 
ATOM   1351 C CG2 . ILE A 1 174 ? 8.037   -2.905  7.822   1.00 29.96 ? 175  ILE A CG2 1 
ATOM   1352 C CD1 . ILE A 1 174 ? 10.204  -1.383  7.150   1.00 29.05 ? 175  ILE A CD1 1 
ATOM   1353 N N   . GLY A 1 175 ? 8.299   -6.108  7.932   1.00 15.76 ? 176  GLY A N   1 
ATOM   1354 C CA  . GLY A 1 175 ? 7.880   -7.048  9.021   1.00 15.01 ? 176  GLY A CA  1 
ATOM   1355 C C   . GLY A 1 175 ? 9.007   -7.973  9.497   1.00 14.67 ? 176  GLY A C   1 
ATOM   1356 O O   . GLY A 1 175 ? 9.257   -8.035  10.711  1.00 17.65 ? 176  GLY A O   1 
ATOM   1357 N N   . ASP A 1 176 ? 9.677   -8.633  8.574   1.00 15.35 ? 177  ASP A N   1 
ATOM   1358 C CA  . ASP A 1 176 ? 10.835  -9.491  8.851   1.00 15.60 ? 177  ASP A CA  1 
ATOM   1359 C C   . ASP A 1 176 ? 11.888  -8.693  9.623   1.00 17.44 ? 177  ASP A C   1 
ATOM   1360 O O   . ASP A 1 176 ? 12.323  -9.082  10.686  1.00 16.90 ? 177  ASP A O   1 
ATOM   1361 C CB  . ASP A 1 176 ? 11.436  -10.012 7.556   1.00 17.41 ? 177  ASP A CB  1 
ATOM   1362 C CG  . ASP A 1 176 ? 10.646  -11.255 6.964   1.00 19.09 ? 177  ASP A CG  1 
ATOM   1363 O OD1 . ASP A 1 176 ? 9.782   -11.826 7.634   1.00 19.93 ? 177  ASP A OD1 1 
ATOM   1364 O OD2 . ASP A 1 176 ? 10.898  -11.636 5.799   1.00 23.77 ? 177  ASP A OD2 1 
ATOM   1365 N N   . MET A 1 177 ? 12.242  -7.526  9.093   1.00 17.27 ? 178  MET A N   1 
ATOM   1366 C CA  . MET A 1 177 ? 13.218  -6.653  9.788   1.00 17.92 ? 178  MET A CA  1 
ATOM   1367 C C   . MET A 1 177 ? 12.899  -6.311  11.219  1.00 16.46 ? 178  MET A C   1 
ATOM   1368 O O   . MET A 1 177 ? 13.735  -6.543  12.104  1.00 17.36 ? 178  MET A O   1 
ATOM   1369 C CB  . MET A 1 177 ? 13.434  -5.344  8.965   1.00 18.02 ? 178  MET A CB  1 
ATOM   1370 C CG  . MET A 1 177 ? 14.704  -4.634  9.349   1.00 20.11 ? 178  MET A CG  1 
ATOM   1371 S SD  . MET A 1 177 ? 14.756  -3.027  8.439   1.00 19.32 ? 178  MET A SD  1 
ATOM   1372 C CE  . MET A 1 177 ? 13.558  -2.149  9.213   1.00 15.65 ? 178  MET A CE  1 
ATOM   1373 N N   . VAL A 1 178 ? 11.683  -5.812  11.494  1.00 14.00 ? 179  VAL A N   1 
ATOM   1374 C CA  . VAL A 1 178 ? 11.339  -5.386  12.814  1.00 15.68 ? 179  VAL A CA  1 
ATOM   1375 C C   . VAL A 1 178 ? 11.105  -6.557  13.823  1.00 16.27 ? 179  VAL A C   1 
ATOM   1376 O O   . VAL A 1 178 ? 11.080  -6.339  15.013  1.00 17.51 ? 179  VAL A O   1 
ATOM   1377 C CB  . VAL A 1 178 ? 10.189  -4.365  12.907  1.00 16.90 ? 179  VAL A CB  1 
ATOM   1378 C CG1 . VAL A 1 178 ? 10.504  -3.066  12.147  1.00 17.10 ? 179  VAL A CG1 1 
ATOM   1379 C CG2 . VAL A 1 178 ? 8.828   -4.877  12.485  1.00 17.27 ? 179  VAL A CG2 1 
ATOM   1380 N N   . ASN A 1 179 ? 10.979  -7.753  13.301  1.00 15.48 ? 180  ASN A N   1 
ATOM   1381 C CA  . ASN A 1 179 ? 10.826  -8.961  14.130  1.00 16.21 ? 180  ASN A CA  1 
ATOM   1382 C C   . ASN A 1 179 ? 12.130  -9.773  14.130  1.00 16.56 ? 180  ASN A C   1 
ATOM   1383 O O   . ASN A 1 179 ? 12.141  -10.974 14.433  1.00 15.85 ? 180  ASN A O   1 
ATOM   1384 C CB  . ASN A 1 179 ? 9.604   -9.744  13.615  1.00 17.05 ? 180  ASN A CB  1 
ATOM   1385 C CG  . ASN A 1 179 ? 8.314   -9.064  13.994  1.00 17.15 ? 180  ASN A CG  1 
ATOM   1386 O OD1 . ASN A 1 179 ? 8.000   -8.960  15.171  1.00 18.49 ? 180  ASN A OD1 1 
ATOM   1387 N ND2 . ASN A 1 179 ? 7.616   -8.516  13.046  1.00 18.41 ? 180  ASN A ND2 1 
ATOM   1388 N N   . ASP A 1 180 ? 13.267  -9.150  13.768  1.00 18.26 ? 181  ASP A N   1 
ATOM   1389 C CA  . ASP A 1 180 ? 14.541  -9.926  13.730  1.00 19.98 ? 181  ASP A CA  1 
ATOM   1390 C C   . ASP A 1 180 ? 14.562  -11.164 12.911  1.00 24.33 ? 181  ASP A C   1 
ATOM   1391 O O   . ASP A 1 180 ? 15.118  -12.214 13.330  1.00 21.99 ? 181  ASP A O   1 
ATOM   1392 C CB  . ASP A 1 180 ? 14.979  -10.204 15.215  1.00 25.91 ? 181  ASP A CB  1 
ATOM   1393 C CG  . ASP A 1 180 ? 14.842  -8.949  16.098  1.00 26.13 ? 181  ASP A CG  1 
ATOM   1394 O OD1 . ASP A 1 180 ? 15.278  -7.864  15.678  1.00 29.38 ? 181  ASP A OD1 1 
ATOM   1395 O OD2 . ASP A 1 180 ? 14.217  -8.969  17.177  1.00 32.02 ? 181  ASP A OD2 1 
ATOM   1396 N N   . ARG A 1 181 ? 13.974  -11.122 11.710  1.00 19.02 ? 182  ARG A N   1 
ATOM   1397 C CA  . ARG A 1 181 ? 14.073  -12.219 10.799  1.00 19.40 ? 182  ARG A CA  1 
ATOM   1398 C C   . ARG A 1 181 ? 14.886  -11.737 9.627   1.00 19.12 ? 182  ARG A C   1 
ATOM   1399 O O   . ARG A 1 181 ? 14.641  -10.644 9.187   1.00 17.76 ? 182  ARG A O   1 
ATOM   1400 C CB  . ARG A 1 181 ? 12.677  -12.614 10.309  1.00 21.02 ? 182  ARG A CB  1 
ATOM   1401 C CG  . ARG A 1 181 ? 11.806  -13.123 11.434  1.00 19.29 ? 182  ARG A CG  1 
ATOM   1402 C CD  . ARG A 1 181 ? 10.578  -13.730 10.887  1.00 19.86 ? 182  ARG A CD  1 
ATOM   1403 N NE  . ARG A 1 181 ? 9.651   -12.746 10.325  1.00 19.45 ? 182  ARG A NE  1 
ATOM   1404 C CZ  . ARG A 1 181 ? 8.614   -12.261 10.979  1.00 19.19 ? 182  ARG A CZ  1 
ATOM   1405 N NH1 . ARG A 1 181 ? 8.418   -12.607 12.213  1.00 19.82 ? 182  ARG A NH1 1 
ATOM   1406 N NH2 . ARG A 1 181 ? 7.806   -11.386 10.406  1.00 21.79 ? 182  ARG A NH2 1 
ATOM   1407 N N   . GLU A 1 182 ? 15.835  -12.563 9.139   1.00 21.22 ? 183  GLU A N   1 
ATOM   1408 C CA  . GLU A 1 182 ? 16.745  -12.189 8.046   1.00 20.71 ? 183  GLU A CA  1 
ATOM   1409 C C   . GLU A 1 182 ? 15.877  -12.005 6.808   1.00 19.48 ? 183  GLU A C   1 
ATOM   1410 O O   . GLU A 1 182 ? 15.049  -12.863 6.525   1.00 18.66 ? 183  GLU A O   1 
ATOM   1411 C CB  . GLU A 1 182 ? 17.776  -13.286 7.742   1.00 22.64 ? 183  GLU A CB  1 
ATOM   1412 C CG  . GLU A 1 182 ? 18.592  -13.784 8.941   1.00 24.28 ? 183  GLU A CG  1 
ATOM   1413 C CD  . GLU A 1 182 ? 19.525  -12.745 9.470   1.00 26.08 ? 183  GLU A CD  1 
ATOM   1414 O OE1 . GLU A 1 182 ? 20.225  -12.155 8.646   1.00 27.84 ? 183  GLU A OE1 1 
ATOM   1415 O OE2 . GLU A 1 182 ? 19.508  -12.472 10.707  1.00 27.14 ? 183  GLU A OE2 1 
ATOM   1416 N N   . ILE A 1 183 ? 16.127  -10.925 6.054   1.00 18.54 ? 184  ILE A N   1 
ATOM   1417 C CA  . ILE A 1 183 ? 15.418  -10.677 4.825   1.00 17.27 ? 184  ILE A CA  1 
ATOM   1418 C C   . ILE A 1 183 ? 15.925  -11.622 3.769   1.00 14.05 ? 184  ILE A C   1 
ATOM   1419 O O   . ILE A 1 183 ? 17.162  -11.806 3.616   1.00 15.16 ? 184  ILE A O   1 
ATOM   1420 C CB  . ILE A 1 183 ? 15.629  -9.224  4.297   1.00 18.40 ? 184  ILE A CB  1 
ATOM   1421 C CG1 . ILE A 1 183 ? 15.197  -8.051  5.238   1.00 20.88 ? 184  ILE A CG1 1 
ATOM   1422 C CG2 . ILE A 1 183 ? 14.975  -9.089  2.968   1.00 17.72 ? 184  ILE A CG2 1 
ATOM   1423 C CD1 . ILE A 1 183 ? 13.927  -8.093  5.936   1.00 25.01 ? 184  ILE A CD1 1 
ATOM   1424 N N   . ASN A 1 184 ? 15.005  -12.230 3.035   1.00 11.83 ? 185  ASN A N   1 
ATOM   1425 C CA  . ASN A 1 184 ? 15.304  -13.033 1.830   1.00 12.32 ? 185  ASN A CA  1 
ATOM   1426 C C   . ASN A 1 184 ? 15.399  -12.200 0.573   1.00 12.54 ? 185  ASN A C   1 
ATOM   1427 O O   . ASN A 1 184 ? 14.450  -11.458 0.274   1.00 12.70 ? 185  ASN A O   1 
ATOM   1428 C CB  . ASN A 1 184 ? 14.312  -14.177 1.739   1.00 12.73 ? 185  ASN A CB  1 
ATOM   1429 C CG  . ASN A 1 184 ? 14.554  -15.093 0.595   1.00 12.44 ? 185  ASN A CG  1 
ATOM   1430 O OD1 . ASN A 1 184 ? 15.661  -15.129 0.015   1.00 13.97 ? 185  ASN A OD1 1 
ATOM   1431 N ND2 . ASN A 1 184 ? 13.541  -15.899 0.291   1.00 14.35 ? 185  ASN A ND2 1 
ATOM   1432 N N   . SER A 1 185 ? 16.598  -12.139 -0.037  1.00 13.96 ? 186  SER A N   1 
ATOM   1433 C CA  . SER A 1 185 ? 16.781  -11.346 -1.292  1.00 14.90 ? 186  SER A CA  1 
ATOM   1434 C C   . SER A 1 185 ? 16.509  -12.163 -2.536  1.00 14.95 ? 186  SER A C   1 
ATOM   1435 O O   . SER A 1 185 ? 16.658  -11.684 -3.629  1.00 15.56 ? 186  SER A O   1 
ATOM   1436 C CB  . SER A 1 185 ? 18.199  -10.755 -1.341  1.00 17.34 ? 186  SER A CB  1 
ATOM   1437 O OG  . SER A 1 185 ? 19.154  -11.814 -1.410  1.00 16.60 ? 186  SER A OG  1 
ATOM   1438 N N   . ARG A 1 186 ? 16.110  -13.404 -2.386  1.00 15.09 ? 187  ARG A N   1 
ATOM   1439 C CA  . ARG A 1 186 ? 15.698  -14.234 -3.487  1.00 18.89 ? 187  ARG A CA  1 
ATOM   1440 C C   . ARG A 1 186 ? 14.232  -13.875 -3.944  1.00 18.75 ? 187  ARG A C   1 
ATOM   1441 O O   . ARG A 1 186 ? 13.314  -13.716 -3.114  1.00 20.17 ? 187  ARG A O   1 
ATOM   1442 C CB  . ARG A 1 186 ? 15.784  -15.711 -3.072  1.00 20.77 ? 187  ARG A CB  1 
ATOM   1443 C CG  . ARG A 1 186 ? 15.690  -16.660 -4.243  1.00 24.73 ? 187  ARG A CG  1 
ATOM   1444 C CD  . ARG A 1 186 ? 16.061  -18.067 -3.805  1.00 26.91 ? 187  ARG A CD  1 
ATOM   1445 N NE  . ARG A 1 186 ? 16.207  -18.896 -4.983  1.00 31.19 ? 187  ARG A NE  1 
ATOM   1446 C CZ  . ARG A 1 186 ? 16.244  -20.220 -4.981  1.00 37.76 ? 187  ARG A CZ  1 
ATOM   1447 N NH1 . ARG A 1 186 ? 16.178  -20.895 -3.830  1.00 36.74 ? 187  ARG A NH1 1 
ATOM   1448 N NH2 . ARG A 1 186 ? 16.396  -20.867 -6.149  1.00 40.09 ? 187  ARG A NH2 1 
ATOM   1449 N N   . SER A 1 187 ? 14.068  -13.719 -5.240  1.00 19.90 ? 188  SER A N   1 
ATOM   1450 C CA  . SER A 1 187 ? 12.775  -13.388 -5.848  1.00 24.49 ? 188  SER A CA  1 
ATOM   1451 C C   . SER A 1 187 ? 11.754  -14.440 -5.506  1.00 25.43 ? 188  SER A C   1 
ATOM   1452 O O   . SER A 1 187 ? 12.048  -15.616 -5.645  1.00 27.40 ? 188  SER A O   1 
ATOM   1453 C CB  . SER A 1 187 ? 12.846  -13.323 -7.370  1.00 27.44 ? 188  SER A CB  1 
ATOM   1454 O OG  . SER A 1 187 ? 11.489  -13.308 -7.815  1.00 27.48 ? 188  SER A OG  1 
ATOM   1455 N N   . ARG A 1 188 ? 10.571  -14.023 -5.023  1.00 26.26 ? 189  ARG A N   1 
ATOM   1456 C CA  . ARG A 1 188 ? 9.466   -14.970 -4.762  1.00 30.14 ? 189  ARG A CA  1 
ATOM   1457 C C   . ARG A 1 188 ? 8.526   -15.114 -5.985  1.00 30.26 ? 189  ARG A C   1 
ATOM   1458 O O   . ARG A 1 188 ? 7.491   -15.780 -5.890  1.00 30.15 ? 189  ARG A O   1 
ATOM   1459 C CB  . ARG A 1 188 ? 8.662   -14.575 -3.504  1.00 31.79 ? 189  ARG A CB  1 
ATOM   1460 C CG  . ARG A 1 188 ? 9.406   -14.820 -2.189  1.00 35.01 ? 189  ARG A CG  1 
ATOM   1461 C CD  . ARG A 1 188 ? 8.576   -14.429 -0.965  1.00 37.11 ? 189  ARG A CD  1 
ATOM   1462 N NE  . ARG A 1 188 ? 8.110   -13.058 -1.085  1.00 39.13 ? 189  ARG A NE  1 
ATOM   1463 C CZ  . ARG A 1 188 ? 6.833   -12.669 -1.169  1.00 41.75 ? 189  ARG A CZ  1 
ATOM   1464 N NH1 . ARG A 1 188 ? 5.820   -13.554 -1.103  1.00 40.15 ? 189  ARG A NH1 1 
ATOM   1465 N NH2 . ARG A 1 188 ? 6.569   -11.363 -1.318  1.00 40.16 ? 189  ARG A NH2 1 
ATOM   1466 N N   . TYR A 1 189 ? 8.929   -14.563 -7.132  1.00 27.54 ? 190  TYR A N   1 
ATOM   1467 C CA  . TYR A 1 189 ? 8.118   -14.514 -8.384  1.00 27.82 ? 190  TYR A CA  1 
ATOM   1468 C C   . TYR A 1 189 ? 8.904   -14.962 -9.616  1.00 28.74 ? 190  TYR A C   1 
ATOM   1469 O O   . TYR A 1 189 ? 8.700   -14.461 -10.741 1.00 25.58 ? 190  TYR A O   1 
ATOM   1470 C CB  . TYR A 1 189 ? 7.548   -13.078 -8.576  1.00 27.91 ? 190  TYR A CB  1 
ATOM   1471 C CG  . TYR A 1 189 ? 6.518   -12.780 -7.477  1.00 29.04 ? 190  TYR A CG  1 
ATOM   1472 C CD1 . TYR A 1 189 ? 5.270   -13.400 -7.513  1.00 38.16 ? 190  TYR A CD1 1 
ATOM   1473 C CD2 . TYR A 1 189 ? 6.826   -11.979 -6.367  1.00 30.29 ? 190  TYR A CD2 1 
ATOM   1474 C CE1 . TYR A 1 189 ? 4.347   -13.223 -6.514  1.00 35.54 ? 190  TYR A CE1 1 
ATOM   1475 C CE2 . TYR A 1 189 ? 5.897   -11.794 -5.361  1.00 31.85 ? 190  TYR A CE2 1 
ATOM   1476 C CZ  . TYR A 1 189 ? 4.676   -12.428 -5.443  1.00 34.95 ? 190  TYR A CZ  1 
ATOM   1477 O OH  . TYR A 1 189 ? 3.726   -12.280 -4.477  1.00 41.30 ? 190  TYR A OH  1 
ATOM   1478 N N   . ASN A 1 190 ? 9.855   -15.876 -9.410  1.00 30.27 ? 191  ASN A N   1 
ATOM   1479 C CA  . ASN A 1 190 ? 10.801  -16.273 -10.467 1.00 28.50 ? 191  ASN A CA  1 
ATOM   1480 C C   . ASN A 1 190 ? 11.337  -15.110 -11.307 1.00 28.77 ? 191  ASN A C   1 
ATOM   1481 O O   . ASN A 1 190 ? 11.539  -15.210 -12.528 1.00 28.91 ? 191  ASN A O   1 
ATOM   1482 C CB  . ASN A 1 190 ? 10.200  -17.328 -11.378 1.00 32.16 ? 191  ASN A CB  1 
ATOM   1483 C CG  . ASN A 1 190 ? 11.272  -18.041 -12.201 1.00 35.14 ? 191  ASN A CG  1 
ATOM   1484 O OD1 . ASN A 1 190 ? 12.392  -18.264 -11.726 1.00 38.82 ? 191  ASN A OD1 1 
ATOM   1485 N ND2 . ASN A 1 190 ? 10.955  -18.369 -13.434 1.00 38.82 ? 191  ASN A ND2 1 
ATOM   1486 N N   . ASN A 1 191 ? 11.575  -13.991 -10.642 1.00 25.31 ? 192  ASN A N   1 
ATOM   1487 C CA  . ASN A 1 191 ? 12.141  -12.789 -11.273 1.00 24.18 ? 192  ASN A CA  1 
ATOM   1488 C C   . ASN A 1 191 ? 11.288  -12.160 -12.367 1.00 24.03 ? 192  ASN A C   1 
ATOM   1489 O O   . ASN A 1 191 ? 11.783  -11.479 -13.262 1.00 22.13 ? 192  ASN A O   1 
ATOM   1490 C CB  . ASN A 1 191 ? 13.607  -13.038 -11.722 1.00 24.82 ? 192  ASN A CB  1 
ATOM   1491 C CG  . ASN A 1 191 ? 14.568  -12.994 -10.527 1.00 24.25 ? 192  ASN A CG  1 
ATOM   1492 O OD1 . ASN A 1 191 ? 15.137  -11.934 -10.148 1.00 24.60 ? 192  ASN A OD1 1 
ATOM   1493 N ND2 . ASN A 1 191 ? 14.734  -14.112 -9.919  1.00 25.22 ? 192  ASN A ND2 1 
ATOM   1494 N N   . PHE A 1 192 ? 9.973   -12.366 -12.248 1.00 23.47 ? 193  PHE A N   1 
ATOM   1495 C CA  . PHE A 1 192 ? 9.037   -11.882 -13.237 1.00 24.77 ? 193  PHE A CA  1 
ATOM   1496 C C   . PHE A 1 192 ? 8.904   -10.349 -13.214 1.00 24.37 ? 193  PHE A C   1 
ATOM   1497 O O   . PHE A 1 192 ? 8.743   -9.704  -14.243 1.00 25.45 ? 193  PHE A O   1 
ATOM   1498 C CB  . PHE A 1 192 ? 7.621   -12.458 -12.963 1.00 24.32 ? 193  PHE A CB  1 
ATOM   1499 C CG  . PHE A 1 192 ? 6.568   -11.904 -13.906 1.00 25.62 ? 193  PHE A CG  1 
ATOM   1500 C CD1 . PHE A 1 192 ? 6.500   -12.361 -15.209 1.00 31.83 ? 193  PHE A CD1 1 
ATOM   1501 C CD2 . PHE A 1 192 ? 5.673   -10.923 -13.501 1.00 24.28 ? 193  PHE A CD2 1 
ATOM   1502 C CE1 . PHE A 1 192 ? 5.530   -11.835 -16.093 1.00 35.97 ? 193  PHE A CE1 1 
ATOM   1503 C CE2 . PHE A 1 192 ? 4.719   -10.387 -14.361 1.00 27.83 ? 193  PHE A CE2 1 
ATOM   1504 C CZ  . PHE A 1 192 ? 4.635   -10.870 -15.659 1.00 32.07 ? 193  PHE A CZ  1 
ATOM   1505 N N   . TYR A 1 193 ? 8.916   -9.784  -12.006 1.00 22.57 ? 194  TYR A N   1 
ATOM   1506 C CA  . TYR A 1 193 ? 8.780   -8.346  -11.838 1.00 20.54 ? 194  TYR A CA  1 
ATOM   1507 C C   . TYR A 1 193 ? 10.201  -7.809  -11.821 1.00 19.39 ? 194  TYR A C   1 
ATOM   1508 O O   . TYR A 1 193 ? 11.045  -8.201  -10.984 1.00 21.50 ? 194  TYR A O   1 
ATOM   1509 C CB  . TYR A 1 193 ? 8.116   -8.043  -10.521 1.00 19.88 ? 194  TYR A CB  1 
ATOM   1510 C CG  . TYR A 1 193 ? 6.753   -8.609  -10.434 1.00 19.66 ? 194  TYR A CG  1 
ATOM   1511 C CD1 . TYR A 1 193 ? 5.704   -7.992  -11.078 1.00 19.47 ? 194  TYR A CD1 1 
ATOM   1512 C CD2 . TYR A 1 193 ? 6.506   -9.785  -9.770  1.00 22.72 ? 194  TYR A CD2 1 
ATOM   1513 C CE1 . TYR A 1 193 ? 4.432   -8.486  -11.004 1.00 19.07 ? 194  TYR A CE1 1 
ATOM   1514 C CE2 . TYR A 1 193 ? 5.215   -10.291 -9.732  1.00 21.88 ? 194  TYR A CE2 1 
ATOM   1515 C CZ  . TYR A 1 193 ? 4.216   -9.629  -10.381 1.00 20.71 ? 194  TYR A CZ  1 
ATOM   1516 O OH  . TYR A 1 193 ? 2.935   -10.140 -10.343 1.00 20.43 ? 194  TYR A OH  1 
ATOM   1517 N N   . LYS A 1 194 ? 10.430  -6.937  -12.759 1.00 18.57 ? 195  LYS A N   1 
ATOM   1518 C CA  . LYS A 1 194 ? 11.753  -6.380  -13.021 1.00 18.92 ? 195  LYS A CA  1 
ATOM   1519 C C   . LYS A 1 194 ? 12.270  -5.542  -11.857 1.00 17.33 ? 195  LYS A C   1 
ATOM   1520 O O   . LYS A 1 194 ? 13.495  -5.364  -11.746 1.00 18.71 ? 195  LYS A O   1 
ATOM   1521 C CB  . LYS A 1 194 ? 11.663  -5.545  -14.288 1.00 22.21 ? 195  LYS A CB  1 
ATOM   1522 C CG  . LYS A 1 194 ? 11.254  -6.272  -15.604 1.00 25.86 ? 195  LYS A CG  1 
ATOM   1523 C CD  . LYS A 1 194 ? 11.225  -5.242  -16.743 1.00 28.65 ? 195  LYS A CD  1 
ATOM   1524 C CE  . LYS A 1 194 ? 11.073  -5.761  -18.194 1.00 33.34 ? 195  LYS A CE  1 
ATOM   1525 N NZ  . LYS A 1 194 ? 11.776  -7.050  -18.447 1.00 37.05 ? 195  LYS A NZ  1 
ATOM   1526 N N   . LYS A 1 195 ? 11.379  -5.000  -10.995 1.00 15.61 ? 196  LYS A N   1 
ATOM   1527 C CA  . LYS A 1 195 ? 11.818  -4.136  -9.887  1.00 15.49 ? 196  LYS A CA  1 
ATOM   1528 C C   . LYS A 1 195 ? 11.964  -4.858  -8.534  1.00 12.86 ? 196  LYS A C   1 
ATOM   1529 O O   . LYS A 1 195 ? 12.397  -4.244  -7.580  1.00 12.75 ? 196  LYS A O   1 
ATOM   1530 C CB  . LYS A 1 195 ? 10.895  -2.931  -9.743  1.00 17.63 ? 196  LYS A CB  1 
ATOM   1531 C CG  . LYS A 1 195 ? 10.789  -2.064  -10.993 1.00 21.30 ? 196  LYS A CG  1 
ATOM   1532 C CD  . LYS A 1 195 ? 12.094  -1.445  -11.388 1.00 24.99 ? 196  LYS A CD  1 
ATOM   1533 C CE  . LYS A 1 195 ? 12.037  -1.043  -12.819 1.00 32.32 ? 196  LYS A CE  1 
ATOM   1534 N NZ  . LYS A 1 195 ? 13.255  -0.266  -13.173 1.00 39.41 ? 196  LYS A NZ  1 
ATOM   1535 N N   . GLU A 1 196 ? 11.620  -6.146  -8.438  1.00 12.46 ? 197  GLU A N   1 
ATOM   1536 C CA  . GLU A 1 196 ? 11.649  -6.850  -7.152  1.00 12.97 ? 197  GLU A CA  1 
ATOM   1537 C C   . GLU A 1 196 ? 13.051  -6.966  -6.576  1.00 11.25 ? 197  GLU A C   1 
ATOM   1538 O O   . GLU A 1 196 ? 13.274  -6.680  -5.448  1.00 12.67 ? 197  GLU A O   1 
ATOM   1539 C CB  . GLU A 1 196 ? 10.992  -8.269  -7.212  1.00 12.56 ? 197  GLU A CB  1 
ATOM   1540 C CG  . GLU A 1 196 ? 10.993  -8.994  -5.864  1.00 13.93 ? 197  GLU A CG  1 
ATOM   1541 C CD  . GLU A 1 196 ? 10.532  -10.439 -5.993  1.00 15.67 ? 197  GLU A CD  1 
ATOM   1542 O OE1 . GLU A 1 196 ? 10.495  -10.926 -7.130  1.00 21.99 ? 197  GLU A OE1 1 
ATOM   1543 O OE2 . GLU A 1 196 ? 10.296  -11.073 -4.963  1.00 17.62 ? 197  GLU A OE2 1 
ATOM   1544 N N   . ALA A 1 197 ? 13.988  -7.352  -7.413  1.00 12.44 ? 198  ALA A N   1 
ATOM   1545 C CA  . ALA A 1 197 ? 15.326  -7.648  -6.923  1.00 12.79 ? 198  ALA A CA  1 
ATOM   1546 C C   . ALA A 1 197 ? 16.045  -6.470  -6.266  1.00 12.82 ? 198  ALA A C   1 
ATOM   1547 O O   . ALA A 1 197 ? 16.640  -6.625  -5.187  1.00 11.84 ? 198  ALA A O   1 
ATOM   1548 C CB  . ALA A 1 197 ? 16.183  -8.255  -8.021  1.00 13.49 ? 198  ALA A CB  1 
ATOM   1549 N N   . ASP A 1 198 ? 16.012  -5.317  -6.924  1.00 13.92 ? 199  ASP A N   1 
ATOM   1550 C CA  . ASP A 1 198 ? 16.560  -4.085  -6.363  1.00 13.88 ? 199  ASP A CA  1 
ATOM   1551 C C   . ASP A 1 198 ? 15.838  -3.652  -5.139  1.00 13.35 ? 199  ASP A C   1 
ATOM   1552 O O   . ASP A 1 198 ? 16.453  -3.094  -4.248  1.00 13.94 ? 199  ASP A O   1 
ATOM   1553 C CB  . ASP A 1 198 ? 16.508  -2.916  -7.343  1.00 15.43 ? 199  ASP A CB  1 
ATOM   1554 C CG  . ASP A 1 198 ? 17.657  -2.902  -8.344  1.00 19.31 ? 199  ASP A CG  1 
ATOM   1555 O OD1 . ASP A 1 198 ? 18.321  -3.951  -8.638  1.00 16.99 ? 199  ASP A OD1 1 
ATOM   1556 O OD2 . ASP A 1 198 ? 17.852  -1.797  -8.931  1.00 22.76 ? 199  ASP A OD2 1 
ATOM   1557 N N   . PHE A 1 199 ? 14.508  -3.854  -5.085  1.00 12.20 ? 200  PHE A N   1 
ATOM   1558 C CA  . PHE A 1 199 ? 13.802  -3.520  -3.857  1.00 11.12 ? 200  PHE A CA  1 
ATOM   1559 C C   . PHE A 1 199 ? 14.314  -4.408  -2.718  1.00 11.51 ? 200  PHE A C   1 
ATOM   1560 O O   . PHE A 1 199 ? 14.586  -3.944  -1.592  1.00 11.36 ? 200  PHE A O   1 
ATOM   1561 C CB  . PHE A 1 199 ? 12.292  -3.679  -4.018  1.00 11.52 ? 200  PHE A CB  1 
ATOM   1562 C CG  . PHE A 1 199 ? 11.607  -3.603  -2.721  1.00 11.25 ? 200  PHE A CG  1 
ATOM   1563 C CD1 . PHE A 1 199 ? 11.582  -2.406  -2.034  1.00 12.57 ? 200  PHE A CD1 1 
ATOM   1564 C CD2 . PHE A 1 199 ? 11.200  -4.766  -2.070  1.00 11.89 ? 200  PHE A CD2 1 
ATOM   1565 C CE1 . PHE A 1 199 ? 11.073  -2.319  -0.762  1.00 12.87 ? 200  PHE A CE1 1 
ATOM   1566 C CE2 . PHE A 1 199 ? 10.738  -4.706  -0.812  1.00 11.46 ? 200  PHE A CE2 1 
ATOM   1567 C CZ  . PHE A 1 199 ? 10.683  -3.497  -0.124  1.00 12.68 ? 200  PHE A CZ  1 
ATOM   1568 N N   . LEU A 1 200 ? 14.406  -5.705  -2.995  1.00 11.42 ? 201  LEU A N   1 
ATOM   1569 C CA  . LEU A 1 200 ? 14.895  -6.615  -1.969  1.00 12.10 ? 201  LEU A CA  1 
ATOM   1570 C C   . LEU A 1 200 ? 16.321  -6.280  -1.478  1.00 12.84 ? 201  LEU A C   1 
ATOM   1571 O O   . LEU A 1 200 ? 16.598  -6.272  -0.291  1.00 15.30 ? 201  LEU A O   1 
ATOM   1572 C CB  . LEU A 1 200 ? 14.701  -8.032  -2.417  1.00 13.30 ? 201  LEU A CB  1 
ATOM   1573 C CG  . LEU A 1 200 ? 13.269  -8.538  -2.527  1.00 12.83 ? 201  LEU A CG  1 
ATOM   1574 C CD1 . LEU A 1 200 ? 13.311  -9.912  -3.124  1.00 13.27 ? 201  LEU A CD1 1 
ATOM   1575 C CD2 . LEU A 1 200 ? 12.487  -8.504  -1.235  1.00 14.01 ? 201  LEU A CD2 1 
ATOM   1576 N N   . GLY A 1 201 ? 17.165  -5.879  -2.393  1.00 14.67 ? 202  GLY A N   1 
ATOM   1577 C CA  . GLY A 1 201 ? 18.493  -5.340  -2.076  1.00 14.33 ? 202  GLY A CA  1 
ATOM   1578 C C   . GLY A 1 201 ? 18.553  -4.193  -1.175  1.00 14.39 ? 202  GLY A C   1 
ATOM   1579 O O   . GLY A 1 201 ? 19.359  -4.157  -0.238  1.00 14.50 ? 202  GLY A O   1 
ATOM   1580 N N   . ALA A 1 202 ? 17.670  -3.237  -1.418  1.00 15.53 ? 203  ALA A N   1 
ATOM   1581 C CA  . ALA A 1 202 ? 17.516  -2.086  -0.555  1.00 14.78 ? 203  ALA A CA  1 
ATOM   1582 C C   . ALA A 1 202 ? 16.942  -2.458  0.773   1.00 14.03 ? 203  ALA A C   1 
ATOM   1583 O O   . ALA A 1 202 ? 17.300  -1.876  1.744   1.00 13.81 ? 203  ALA A O   1 
ATOM   1584 C CB  . ALA A 1 202 ? 16.649  -1.034  -1.220  1.00 15.24 ? 203  ALA A CB  1 
ATOM   1585 N N   . ALA A 1 203 ? 16.081  -3.470  0.835   1.00 12.50 ? 204  ALA A N   1 
ATOM   1586 C CA  . ALA A 1 203 ? 15.550  -3.931  2.084   1.00 12.81 ? 204  ALA A CA  1 
ATOM   1587 C C   . ALA A 1 203 ? 16.675  -4.571  2.918   1.00 14.84 ? 204  ALA A C   1 
ATOM   1588 O O   . ALA A 1 203 ? 16.723  -4.419  4.134   1.00 15.79 ? 204  ALA A O   1 
ATOM   1589 C CB  . ALA A 1 203 ? 14.421  -4.923  1.782   1.00 12.28 ? 204  ALA A CB  1 
ATOM   1590 N N   . VAL A 1 204 ? 17.603  -5.236  2.226   1.00 16.50 ? 205  VAL A N   1 
ATOM   1591 C CA  . VAL A 1 204 ? 18.737  -5.867  2.930   1.00 18.17 ? 205  VAL A CA  1 
ATOM   1592 C C   . VAL A 1 204 ? 19.698  -4.787  3.452   1.00 17.32 ? 205  VAL A C   1 
ATOM   1593 O O   . VAL A 1 204 ? 20.139  -4.860  4.600   1.00 20.73 ? 205  VAL A O   1 
ATOM   1594 C CB  . VAL A 1 204 ? 19.484  -6.857  2.054   1.00 18.87 ? 205  VAL A CB  1 
ATOM   1595 C CG1 . VAL A 1 204 ? 20.812  -7.248  2.720   1.00 19.88 ? 205  VAL A CG1 1 
ATOM   1596 C CG2 . VAL A 1 204 ? 18.588  -8.066  1.790   1.00 19.77 ? 205  VAL A CG2 1 
ATOM   1597 N N   . GLU A 1 205 ? 19.996  -3.774  2.638   1.00 20.61 ? 206  GLU A N   1 
ATOM   1598 C CA  . GLU A 1 205 ? 20.790  -2.640  3.124   1.00 20.71 ? 206  GLU A CA  1 
ATOM   1599 C C   . GLU A 1 205 ? 20.118  -1.968  4.337   1.00 19.45 ? 206  GLU A C   1 
ATOM   1600 O O   . GLU A 1 205 ? 20.772  -1.624  5.333   1.00 18.74 ? 206  GLU A O   1 
ATOM   1601 C CB  . GLU A 1 205 ? 21.087  -1.694  1.981   1.00 24.95 ? 206  GLU A CB  1 
ATOM   1602 C CG  . GLU A 1 205 ? 21.968  -2.349  0.921   1.00 29.81 ? 206  GLU A CG  1 
ATOM   1603 C CD  . GLU A 1 205 ? 22.562  -1.408  -0.141  1.00 40.18 ? 206  GLU A CD  1 
ATOM   1604 O OE1 . GLU A 1 205 ? 22.337  -0.156  -0.144  1.00 37.95 ? 206  GLU A OE1 1 
ATOM   1605 O OE2 . GLU A 1 205 ? 23.292  -1.950  -0.999  1.00 44.98 ? 206  GLU A OE2 1 
ATOM   1606 N N   . LEU A 1 206 ? 18.800  -1.791  4.294   1.00 16.84 ? 207  LEU A N   1 
ATOM   1607 C CA  . LEU A 1 206 ? 18.025  -1.222  5.397   1.00 17.71 ? 207  LEU A CA  1 
ATOM   1608 C C   . LEU A 1 206 ? 18.121  -2.098  6.640   1.00 20.95 ? 207  LEU A C   1 
ATOM   1609 O O   . LEU A 1 206 ? 18.263  -1.599  7.796   1.00 19.63 ? 207  LEU A O   1 
ATOM   1610 C CB  . LEU A 1 206 ? 16.540  -1.035  5.048   1.00 17.19 ? 207  LEU A CB  1 
ATOM   1611 C CG  . LEU A 1 206 ? 15.637  -0.284  6.045   1.00 17.68 ? 207  LEU A CG  1 
ATOM   1612 C CD1 . LEU A 1 206 ? 16.046  1.200   6.238   1.00 18.80 ? 207  LEU A CD1 1 
ATOM   1613 C CD2 . LEU A 1 206 ? 14.159  -0.348  5.609   1.00 18.85 ? 207  LEU A CD2 1 
ATOM   1614 N N   . GLU A 1 207 ? 18.038  -3.417  6.406   1.00 21.08 ? 208  GLU A N   1 
ATOM   1615 C CA  . GLU A 1 207 ? 18.244  -4.377  7.523   1.00 22.49 ? 208  GLU A CA  1 
ATOM   1616 C C   . GLU A 1 207 ? 19.612  -4.206  8.185   1.00 18.70 ? 208  GLU A C   1 
ATOM   1617 O O   . GLU A 1 207 ? 19.674  -4.191  9.398   1.00 24.53 ? 208  GLU A O   1 
ATOM   1618 C CB  . GLU A 1 207 ? 18.118  -5.824  7.017   1.00 23.48 ? 208  GLU A CB  1 
ATOM   1619 C CG  . GLU A 1 207 ? 18.488  -7.010  7.918   1.00 22.04 ? 208  GLU A CG  1 
ATOM   1620 C CD  . GLU A 1 207 ? 18.357  -8.253  7.039   1.00 24.29 ? 208  GLU A CD  1 
ATOM   1621 O OE1 . GLU A 1 207 ? 18.908  -8.256  5.896   1.00 20.94 ? 208  GLU A OE1 1 
ATOM   1622 O OE2 . GLU A 1 207 ? 17.727  -9.229  7.459   1.00 28.45 ? 208  GLU A OE2 1 
ATOM   1623 N N   . GLY A 1 208 ? 20.670  -4.046  7.407   1.00 25.21 ? 209  GLY A N   1 
ATOM   1624 C CA  . GLY A 1 208 ? 22.061  -3.932  8.012   1.00 25.90 ? 209  GLY A CA  1 
ATOM   1625 C C   . GLY A 1 208 ? 22.159  -2.710  8.912   1.00 25.75 ? 209  GLY A C   1 
ATOM   1626 O O   . GLY A 1 208 ? 22.660  -2.794  10.066  1.00 25.80 ? 209  GLY A O   1 
ATOM   1627 N N   . ALA A 1 209 ? 21.607  -1.586  8.412   1.00 23.62 ? 210  ALA A N   1 
ATOM   1628 C CA  . ALA A 1 209 ? 21.523  -0.332  9.198   1.00 23.60 ? 210  ALA A CA  1 
ATOM   1629 C C   . ALA A 1 209 ? 20.629  -0.402  10.440  1.00 23.91 ? 210  ALA A C   1 
ATOM   1630 O O   . ALA A 1 209 ? 20.983  0.098   11.535  1.00 21.76 ? 210  ALA A O   1 
ATOM   1631 C CB  . ALA A 1 209 ? 21.134  0.840   8.265   1.00 20.63 ? 210  ALA A CB  1 
ATOM   1632 N N   . TYR A 1 210 ? 19.474  -1.081  10.328  1.00 23.41 ? 211  TYR A N   1 
ATOM   1633 C CA  . TYR A 1 210 ? 18.578  -1.274  11.418  1.00 21.43 ? 211  TYR A CA  1 
ATOM   1634 C C   . TYR A 1 210 ? 19.232  -2.190  12.518  1.00 24.72 ? 211  TYR A C   1 
ATOM   1635 O O   . TYR A 1 210 ? 19.128  -1.923  13.713  1.00 26.23 ? 211  TYR A O   1 
ATOM   1636 C CB  . TYR A 1 210 ? 17.329  -2.016  10.909  1.00 22.76 ? 211  TYR A CB  1 
ATOM   1637 C CG  . TYR A 1 210 ? 16.334  -2.285  11.971  1.00 22.61 ? 211  TYR A CG  1 
ATOM   1638 C CD1 . TYR A 1 210 ? 15.526  -1.298  12.460  1.00 23.27 ? 211  TYR A CD1 1 
ATOM   1639 C CD2 . TYR A 1 210 ? 16.155  -3.575  12.466  1.00 23.92 ? 211  TYR A CD2 1 
ATOM   1640 C CE1 . TYR A 1 210 ? 14.549  -1.558  13.433  1.00 24.80 ? 211  TYR A CE1 1 
ATOM   1641 C CE2 . TYR A 1 210 ? 15.202  -3.834  13.426  1.00 23.35 ? 211  TYR A CE2 1 
ATOM   1642 C CZ  . TYR A 1 210 ? 14.426  -2.833  13.922  1.00 23.69 ? 211  TYR A CZ  1 
ATOM   1643 O OH  . TYR A 1 210 ? 13.515  -3.058  14.903  1.00 26.38 ? 211  TYR A OH  1 
ATOM   1644 N N   . LYS A 1 211 ? 19.879  -3.261  12.067  1.00 27.81 ? 212  LYS A N   1 
ATOM   1645 C CA  . LYS A 1 211 ? 20.528  -4.230  12.957  1.00 28.74 ? 212  LYS A CA  1 
ATOM   1646 C C   . LYS A 1 211 ? 21.466  -3.395  13.866  1.00 33.21 ? 212  LYS A C   1 
ATOM   1647 O O   . LYS A 1 211 ? 21.349  -3.439  15.100  1.00 39.33 ? 212  LYS A O   1 
ATOM   1648 C CB  . LYS A 1 211 ? 21.316  -5.269  12.136  1.00 27.02 ? 212  LYS A CB  1 
ATOM   1649 C CG  . LYS A 1 211 ? 20.503  -6.443  11.593  1.00 26.46 ? 212  LYS A CG  1 
ATOM   1650 C CD  . LYS A 1 211 ? 21.227  -7.219  10.494  1.00 25.78 ? 212  LYS A CD  1 
ATOM   1651 C CE  . LYS A 1 211 ? 20.599  -8.605  10.316  1.00 28.26 ? 212  LYS A CE  1 
ATOM   1652 N NZ  . LYS A 1 211 ? 21.171  -9.336  9.168   1.00 29.52 ? 212  LYS A NZ  1 
ATOM   1653 N N   . ALA A 1 212 ? 22.321  -2.593  13.239  1.00 30.03 ? 213  ALA A N   1 
ATOM   1654 C CA  . ALA A 1 212 ? 23.240  -1.680  13.957  1.00 28.52 ? 213  ALA A CA  1 
ATOM   1655 C C   . ALA A 1 212 ? 22.563  -0.884  15.056  1.00 31.97 ? 213  ALA A C   1 
ATOM   1656 O O   . ALA A 1 212 ? 22.986  -0.930  16.222  1.00 34.87 ? 213  ALA A O   1 
ATOM   1657 C CB  . ALA A 1 212 ? 23.947  -0.767  12.984  1.00 30.23 ? 213  ALA A CB  1 
ATOM   1658 N N   . ILE A 1 213 ? 21.497  -0.167  14.740  1.00 26.58 ? 214  ILE A N   1 
ATOM   1659 C CA  . ILE A 1 213 ? 20.810  0.547   15.774  1.00 29.13 ? 214  ILE A CA  1 
ATOM   1660 C C   . ILE A 1 213 ? 20.400  -0.388  16.890  1.00 36.98 ? 214  ILE A C   1 
ATOM   1661 O O   . ILE A 1 213 ? 20.663  -0.125  18.085  1.00 33.94 ? 214  ILE A O   1 
ATOM   1662 C CB  . ILE A 1 213 ? 19.612  1.299   15.260  1.00 29.04 ? 214  ILE A CB  1 
ATOM   1663 C CG1 . ILE A 1 213 ? 20.094  2.309   14.222  1.00 27.69 ? 214  ILE A CG1 1 
ATOM   1664 C CG2 . ILE A 1 213 ? 18.913  1.966   16.429  1.00 29.66 ? 214  ILE A CG2 1 
ATOM   1665 C CD1 . ILE A 1 213 ? 18.957  2.791   13.358  1.00 27.49 ? 214  ILE A CD1 1 
ATOM   1666 N N   . LYS A 1 214 ? 19.812  -1.506  16.499  1.00 34.91 ? 215  LYS A N   1 
ATOM   1667 C CA  . LYS A 1 214 ? 19.253  -2.451  17.468  1.00 38.64 ? 215  LYS A CA  1 
ATOM   1668 C C   . LYS A 1 214 ? 20.315  -3.068  18.410  1.00 33.15 ? 215  LYS A C   1 
ATOM   1669 O O   . LYS A 1 214 ? 20.103  -3.113  19.620  1.00 35.77 ? 215  LYS A O   1 
ATOM   1670 C CB  . LYS A 1 214 ? 18.494  -3.582  16.748  1.00 39.80 ? 215  LYS A CB  1 
ATOM   1671 C CG  . LYS A 1 214 ? 17.168  -3.904  17.416  1.00 49.47 ? 215  LYS A CG  1 
ATOM   1672 C CD  . LYS A 1 214 ? 16.585  -5.253  16.998  1.00 55.46 ? 215  LYS A CD  1 
ATOM   1673 C CE  . LYS A 1 214 ? 15.684  -5.805  18.108  1.00 59.36 ? 215  LYS A CE  1 
ATOM   1674 N NZ  . LYS A 1 214 ? 14.674  -4.791  18.530  1.00 58.14 ? 215  LYS A NZ  1 
ATOM   1675 N N   . GLN A 1 215 ? 21.440  -3.526  17.875  1.00 37.97 ? 216  GLN A N   1 
ATOM   1676 C CA  . GLN A 1 215 ? 22.415  -4.187  18.738  1.00 44.55 ? 216  GLN A CA  1 
ATOM   1677 C C   . GLN A 1 215 ? 23.257  -3.260  19.614  1.00 48.86 ? 216  GLN A C   1 
ATOM   1678 O O   . GLN A 1 215 ? 23.994  -3.754  20.470  1.00 53.03 ? 216  GLN A O   1 
ATOM   1679 C CB  . GLN A 1 215 ? 23.276  -5.219  18.020  1.00 48.79 ? 216  GLN A CB  1 
ATOM   1680 C CG  . GLN A 1 215 ? 24.081  -4.767  16.839  1.00 50.25 ? 216  GLN A CG  1 
ATOM   1681 C CD  . GLN A 1 215 ? 24.110  -5.864  15.800  1.00 57.18 ? 216  GLN A CD  1 
ATOM   1682 O OE1 . GLN A 1 215 ? 23.579  -6.949  16.036  1.00 64.99 ? 216  GLN A OE1 1 
ATOM   1683 N NE2 . GLN A 1 215 ? 24.706  -5.594  14.641  1.00 64.74 ? 216  GLN A NE2 1 
ATOM   1684 N N   . THR A 1 216 ? 23.104  -1.948  19.449  1.00 42.82 ? 217  THR A N   1 
ATOM   1685 C CA  . THR A 1 216 ? 23.676  -0.965  20.380  1.00 44.29 ? 217  THR A CA  1 
ATOM   1686 C C   . THR A 1 216 ? 22.604  -0.600  21.383  1.00 44.01 ? 217  THR A C   1 
ATOM   1687 O O   . THR A 1 216 ? 22.783  0.273   22.242  1.00 46.89 ? 217  THR A O   1 
ATOM   1688 C CB  . THR A 1 216 ? 24.233  0.281   19.659  1.00 40.66 ? 217  THR A CB  1 
ATOM   1689 O OG1 . THR A 1 216 ? 23.168  1.135   19.270  1.00 39.89 ? 217  THR A OG1 1 
ATOM   1690 C CG2 . THR A 1 216 ? 25.091  -0.109  18.433  1.00 39.74 ? 217  THR A CG2 1 
ATOM   1691 N N   . LEU A 1 217 ? 21.472  -1.288  21.297  1.00 43.88 ? 218  LEU A N   1 
ATOM   1692 C CA  . LEU A 1 217 ? 20.475  -1.237  22.363  1.00 41.48 ? 218  LEU A CA  1 
ATOM   1693 C C   . LEU A 1 217 ? 20.360  -2.578  23.101  1.00 40.41 ? 218  LEU A C   1 
ATOM   1694 O O   . LEU A 1 217 ? 19.750  -2.606  24.169  1.00 41.27 ? 218  LEU A O   1 
ATOM   1695 C CB  . LEU A 1 217 ? 19.117  -0.819  21.810  1.00 43.96 ? 218  LEU A CB  1 
ATOM   1696 C CG  . LEU A 1 217 ? 19.017  0.561   21.150  1.00 44.42 ? 218  LEU A CG  1 
ATOM   1697 C CD1 . LEU A 1 217 ? 17.572  0.805   20.703  1.00 46.22 ? 218  LEU A CD1 1 
ATOM   1698 C CD2 . LEU A 1 217 ? 19.493  1.680   22.080  1.00 40.19 ? 218  LEU A CD2 1 
HETATM 1699 O O   . HOH B 2 .   ? -5.709  -4.410  11.144  1.00 31.44 ? 2001 HOH A O   1 
HETATM 1700 O O   . HOH B 2 .   ? -8.971  -5.219  -10.801 1.00 32.64 ? 2002 HOH A O   1 
HETATM 1701 O O   . HOH B 2 .   ? 6.717   -4.580  14.779  1.00 26.22 ? 2003 HOH A O   1 
HETATM 1702 O O   . HOH B 2 .   ? 13.694  -5.597  15.951  1.00 37.18 ? 2004 HOH A O   1 
HETATM 1703 O O   . HOH B 2 .   ? 1.118   -1.737  17.348  1.00 28.31 ? 2005 HOH A O   1 
HETATM 1704 O O   . HOH B 2 .   ? 3.295   -3.667  8.357   1.00 15.86 ? 2006 HOH A O   1 
HETATM 1705 O O   . HOH B 2 .   ? -2.212  -5.561  13.886  1.00 35.48 ? 2007 HOH A O   1 
HETATM 1706 O O   . HOH B 2 .   ? 5.333   -6.544  13.500  1.00 19.13 ? 2008 HOH A O   1 
HETATM 1707 O O   . HOH B 2 .   ? -3.125  -4.205  10.083  1.00 18.25 ? 2009 HOH A O   1 
HETATM 1708 O O   . HOH B 2 .   ? -0.542  -7.901  5.101   1.00 16.82 ? 2010 HOH A O   1 
HETATM 1709 O O   . HOH B 2 .   ? 2.770   -8.695  7.663   1.00 20.64 ? 2011 HOH A O   1 
HETATM 1710 O O   . HOH B 2 .   ? -0.843  -6.244  -1.352  1.00 15.74 ? 2012 HOH A O   1 
HETATM 1711 O O   . HOH B 2 .   ? -10.100 -5.269  3.186   1.00 13.25 ? 2013 HOH A O   1 
HETATM 1712 O O   . HOH B 2 .   ? -20.779 2.504   8.598   1.00 19.83 ? 2014 HOH A O   1 
HETATM 1713 O O   . HOH B 2 .   ? -0.553  -9.063  -3.432  1.00 28.90 ? 2015 HOH A O   1 
HETATM 1714 O O   . HOH B 2 .   ? -4.266  -12.411 -0.303  1.00 22.53 ? 2016 HOH A O   1 
HETATM 1715 O O   . HOH B 2 .   ? -6.901  0.905   13.139  1.00 27.01 ? 2017 HOH A O   1 
HETATM 1716 O O   . HOH B 2 .   ? -12.096 -10.768 -0.553  1.00 37.40 ? 2018 HOH A O   1 
HETATM 1717 O O   . HOH B 2 .   ? -9.951  -5.257  -8.244  1.00 19.85 ? 2019 HOH A O   1 
HETATM 1718 O O   . HOH B 2 .   ? -14.127 -10.696 -8.143  1.00 25.42 ? 2020 HOH A O   1 
HETATM 1719 O O   . HOH B 2 .   ? -5.559  -13.402 -2.605  1.00 19.64 ? 2021 HOH A O   1 
HETATM 1720 O O   . HOH B 2 .   ? -16.230 -8.281  -8.294  1.00 22.82 ? 2022 HOH A O   1 
HETATM 1721 O O   . HOH B 2 .   ? -17.352 -9.506  -4.548  1.00 39.43 ? 2023 HOH A O   1 
HETATM 1722 O O   . HOH B 2 .   ? -8.721  -7.244  -12.531 1.00 35.33 ? 2024 HOH A O   1 
HETATM 1723 O O   . HOH B 2 .   ? -19.057 -9.066  -11.399 1.00 40.96 ? 2025 HOH A O   1 
HETATM 1724 O O   . HOH B 2 .   ? -19.280 -10.642 -13.421 1.00 48.44 ? 2026 HOH A O   1 
HETATM 1725 O O   . HOH B 2 .   ? 19.891  3.129   -4.776  1.00 26.28 ? 2027 HOH A O   1 
HETATM 1726 O O   . HOH B 2 .   ? 7.752   -0.073  -14.346 1.00 34.67 ? 2028 HOH A O   1 
HETATM 1727 O O   . HOH B 2 .   ? -25.482 -2.245  -4.606  1.00 26.71 ? 2029 HOH A O   1 
HETATM 1728 O O   . HOH B 2 .   ? -19.436 -2.632  -1.588  1.00 16.87 ? 2030 HOH A O   1 
HETATM 1729 O O   . HOH B 2 .   ? -18.438 1.162   -1.406  1.00 11.72 ? 2031 HOH A O   1 
HETATM 1730 O O   . HOH B 2 .   ? -19.238 5.473   0.618   1.00 26.15 ? 2032 HOH A O   1 
HETATM 1731 O O   . HOH B 2 .   ? -19.798 3.581   -1.595  1.00 16.54 ? 2033 HOH A O   1 
HETATM 1732 O O   . HOH B 2 .   ? -21.131 5.110   4.597   1.00 16.89 ? 2034 HOH A O   1 
HETATM 1733 O O   . HOH B 2 .   ? -16.809 -3.022  4.817   1.00 27.39 ? 2035 HOH A O   1 
HETATM 1734 O O   . HOH B 2 .   ? 21.527  -10.673 2.681   1.00 28.73 ? 2036 HOH A O   1 
HETATM 1735 O O   . HOH B 2 .   ? 23.406  -11.930 -0.803  1.00 24.78 ? 2037 HOH A O   1 
HETATM 1736 O O   . HOH B 2 .   ? -14.280 1.741   7.699   1.00 21.86 ? 2038 HOH A O   1 
HETATM 1737 O O   . HOH B 2 .   ? -21.526 2.544   5.791   1.00 14.78 ? 2039 HOH A O   1 
HETATM 1738 O O   . HOH B 2 .   ? -18.671 5.003   3.312   1.00 21.61 ? 2040 HOH A O   1 
HETATM 1739 O O   . HOH B 2 .   ? -18.944 -1.829  5.903   1.00 15.02 ? 2041 HOH A O   1 
HETATM 1740 O O   . HOH B 2 .   ? -9.758  -2.928  4.895   1.00 13.97 ? 2042 HOH A O   1 
HETATM 1741 O O   . HOH B 2 .   ? -15.663 -9.016  3.723   1.00 41.40 ? 2043 HOH A O   1 
HETATM 1742 O O   . HOH B 2 .   ? -10.810 -7.146  4.807   1.00 27.99 ? 2044 HOH A O   1 
HETATM 1743 O O   . HOH B 2 .   ? -12.380 2.914   9.638   1.00 27.00 ? 2045 HOH A O   1 
HETATM 1744 O O   . HOH B 2 .   ? -8.595  0.277   10.884  1.00 25.84 ? 2046 HOH A O   1 
HETATM 1745 O O   . HOH B 2 .   ? -8.410  -2.660  10.962  1.00 29.23 ? 2047 HOH A O   1 
HETATM 1746 O O   . HOH B 2 .   ? -20.383 5.658   -2.922  1.00 22.24 ? 2048 HOH A O   1 
HETATM 1747 O O   . HOH B 2 .   ? 12.475  9.490   0.962   1.00 31.09 ? 2049 HOH A O   1 
HETATM 1748 O O   . HOH B 2 .   ? 16.607  12.412  10.487  1.00 29.16 ? 2050 HOH A O   1 
HETATM 1749 O O   . HOH B 2 .   ? 14.159  11.327  4.863   1.00 37.04 ? 2051 HOH A O   1 
HETATM 1750 O O   . HOH B 2 .   ? 24.449  9.373   12.571  1.00 38.65 ? 2052 HOH A O   1 
HETATM 1751 O O   . HOH B 2 .   ? 22.912  2.024   11.440  1.00 23.03 ? 2053 HOH A O   1 
HETATM 1752 O O   . HOH B 2 .   ? 24.806  6.048   11.364  1.00 33.23 ? 2054 HOH A O   1 
HETATM 1753 O O   . HOH B 2 .   ? 25.735  7.454   6.879   1.00 32.58 ? 2055 HOH A O   1 
HETATM 1754 O O   . HOH B 2 .   ? 22.922  9.703   1.671   1.00 21.19 ? 2056 HOH A O   1 
HETATM 1755 O O   . HOH B 2 .   ? 26.065  8.658   4.252   1.00 33.17 ? 2057 HOH A O   1 
HETATM 1756 O O   . HOH B 2 .   ? 18.385  0.661   1.453   1.00 13.22 ? 2058 HOH A O   1 
HETATM 1757 O O   . HOH B 2 .   ? 13.675  8.364   -1.425  1.00 29.45 ? 2059 HOH A O   1 
HETATM 1758 O O   . HOH B 2 .   ? 16.116  11.349  -1.632  1.00 27.88 ? 2060 HOH A O   1 
HETATM 1759 O O   . HOH B 2 .   ? 17.555  3.740   -4.348  1.00 24.49 ? 2061 HOH A O   1 
HETATM 1760 O O   . HOH B 2 .   ? 12.729  8.342   -5.628  1.00 30.72 ? 2062 HOH A O   1 
HETATM 1761 O O   . HOH B 2 .   ? 12.893  -1.424  -7.211  1.00 12.91 ? 2063 HOH A O   1 
HETATM 1762 O O   . HOH B 2 .   ? 14.542  -0.360  -9.200  1.00 21.59 ? 2064 HOH A O   1 
HETATM 1763 O O   . HOH B 2 .   ? 11.313  8.793   -3.108  1.00 33.71 ? 2065 HOH A O   1 
HETATM 1764 O O   . HOH B 2 .   ? 9.137   1.514   -12.136 1.00 23.65 ? 2066 HOH A O   1 
HETATM 1765 O O   . HOH B 2 .   ? 16.356  2.294   -11.120 1.00 35.95 ? 2067 HOH A O   1 
HETATM 1766 O O   . HOH B 2 .   ? 12.123  6.955   -10.437 1.00 33.92 ? 2068 HOH A O   1 
HETATM 1767 O O   . HOH B 2 .   ? 0.929   -9.177  -11.515 1.00 34.79 ? 2069 HOH A O   1 
HETATM 1768 O O   . HOH B 2 .   ? 3.248   -9.637  2.648   1.00 28.67 ? 2070 HOH A O   1 
HETATM 1769 O O   . HOH B 2 .   ? 9.846   -11.099 -2.168  1.00 25.07 ? 2071 HOH A O   1 
HETATM 1770 O O   . HOH B 2 .   ? 4.537   -6.325  8.261   1.00 14.60 ? 2072 HOH A O   1 
HETATM 1771 O O   . HOH B 2 .   ? 6.955   -10.541 7.564   1.00 23.73 ? 2073 HOH A O   1 
HETATM 1772 O O   . HOH B 2 .   ? 12.644  -13.780 5.125   1.00 41.05 ? 2074 HOH A O   1 
HETATM 1773 O O   . HOH B 2 .   ? 12.252  -11.445 3.346   1.00 32.27 ? 2075 HOH A O   1 
HETATM 1774 O O   . HOH B 2 .   ? 11.348  -14.965 7.597   1.00 18.54 ? 2076 HOH A O   1 
HETATM 1775 O O   . HOH B 2 .   ? 16.595  -6.923  11.843  1.00 23.95 ? 2077 HOH A O   1 
HETATM 1776 O O   . HOH B 2 .   ? 9.376   -10.340 17.382  1.00 44.26 ? 2078 HOH A O   1 
HETATM 1777 O O   . HOH B 2 .   ? 7.511   -6.091  16.786  1.00 33.59 ? 2079 HOH A O   1 
HETATM 1778 O O   . HOH B 2 .   ? 5.287   -10.068 10.974  1.00 21.99 ? 2080 HOH A O   1 
HETATM 1779 O O   . HOH B 2 .   ? 4.968   -7.506  10.868  1.00 24.89 ? 2081 HOH A O   1 
HETATM 1780 O O   . HOH B 2 .   ? 17.698  -10.292 11.758  1.00 31.48 ? 2082 HOH A O   1 
HETATM 1781 O O   . HOH B 2 .   ? 17.752  -7.371  14.343  1.00 35.06 ? 2083 HOH A O   1 
HETATM 1782 O O   . HOH B 2 .   ? 6.301   -11.962 13.801  1.00 30.02 ? 2084 HOH A O   1 
HETATM 1783 O O   . HOH B 2 .   ? 15.800  -15.490 10.077  1.00 19.27 ? 2085 HOH A O   1 
HETATM 1784 O O   . HOH B 2 .   ? 14.072  -15.005 7.905   1.00 28.08 ? 2086 HOH A O   1 
HETATM 1785 O O   . HOH B 2 .   ? 19.506  -10.706 4.665   1.00 18.71 ? 2087 HOH A O   1 
HETATM 1786 O O   . HOH B 2 .   ? 18.692  -13.297 1.816   1.00 20.13 ? 2088 HOH A O   1 
HETATM 1787 O O   . HOH B 2 .   ? 12.005  -12.569 -1.131  1.00 19.42 ? 2089 HOH A O   1 
HETATM 1788 O O   . HOH B 2 .   ? 13.536  -18.221 -1.524  1.00 31.86 ? 2090 HOH A O   1 
HETATM 1789 O O   . HOH B 2 .   ? 17.894  -8.903  -4.596  1.00 16.33 ? 2091 HOH A O   1 
HETATM 1790 O O   . HOH B 2 .   ? 20.269  -12.350 -3.946  1.00 21.30 ? 2092 HOH A O   1 
HETATM 1791 O O   . HOH B 2 .   ? 21.338  -10.776 -0.029  1.00 25.87 ? 2093 HOH A O   1 
HETATM 1792 O O   . HOH B 2 .   ? 10.946  -17.475 -7.355  1.00 40.37 ? 2094 HOH A O   1 
HETATM 1793 O O   . HOH B 2 .   ? 10.653  -10.573 -9.750  1.00 19.44 ? 2095 HOH A O   1 
HETATM 1794 O O   . HOH B 2 .   ? 5.857   -17.672 -6.352  1.00 34.23 ? 2096 HOH A O   1 
HETATM 1795 O O   . HOH B 2 .   ? 8.032   -18.679 -7.360  1.00 38.05 ? 2097 HOH A O   1 
HETATM 1796 O O   . HOH B 2 .   ? 9.274   -10.472 -16.864 1.00 33.62 ? 2098 HOH A O   1 
HETATM 1797 O O   . HOH B 2 .   ? 13.575  -8.151  -10.155 1.00 21.14 ? 2099 HOH A O   1 
HETATM 1798 O O   . HOH B 2 .   ? 15.343  -5.168  -9.848  1.00 17.79 ? 2100 HOH A O   1 
HETATM 1799 O O   . HOH B 2 .   ? 19.187  -2.551  -4.591  1.00 37.23 ? 2101 HOH A O   1 
HETATM 1800 O O   . HOH B 2 .   ? 20.645  -3.547  -9.529  1.00 25.79 ? 2102 HOH A O   1 
HETATM 1801 O O   . HOH B 2 .   ? 20.343  -1.948  -6.671  1.00 38.55 ? 2103 HOH A O   1 
HETATM 1802 O O   . HOH B 2 .   ? 15.696  -2.523  -10.779 1.00 27.97 ? 2104 HOH A O   1 
HETATM 1803 O O   . HOH B 2 .   ? 21.751  -5.623  -0.452  1.00 24.83 ? 2105 HOH A O   1 
HETATM 1804 O O   . HOH B 2 .   ? 22.929  -5.676  5.188   1.00 38.16 ? 2106 HOH A O   1 
HETATM 1805 O O   . HOH B 2 .   ? 20.017  0.459   -0.990  1.00 20.33 ? 2107 HOH A O   1 
# 
loop_
_pdbx_poly_seq_scheme.asym_id 
_pdbx_poly_seq_scheme.entity_id 
_pdbx_poly_seq_scheme.seq_id 
_pdbx_poly_seq_scheme.mon_id 
_pdbx_poly_seq_scheme.ndb_seq_num 
_pdbx_poly_seq_scheme.pdb_seq_num 
_pdbx_poly_seq_scheme.auth_seq_num 
_pdbx_poly_seq_scheme.pdb_mon_id 
_pdbx_poly_seq_scheme.auth_mon_id 
_pdbx_poly_seq_scheme.pdb_strand_id 
_pdbx_poly_seq_scheme.pdb_ins_code 
_pdbx_poly_seq_scheme.hetero 
A 1 1   GLY 1   2   ?   ?   ?   A . n 
A 1 2   ALA 2   3   ?   ?   ?   A . n 
A 1 3   MET 3   4   ?   ?   ?   A . n 
A 1 4   GLY 4   5   5   GLY GLY A . n 
A 1 5   ARG 5   6   6   ARG ARG A . n 
A 1 6   LEU 6   7   7   LEU LEU A . n 
A 1 7   ASN 7   8   8   ASN ASN A . n 
A 1 8   GLN 8   9   9   GLN GLN A . n 
A 1 9   ARG 9   10  10  ARG ARG A . n 
A 1 10  ASN 10  11  11  ASN ASN A . n 
A 1 11  ILE 11  12  12  ILE ILE A . n 
A 1 12  ASN 12  13  13  ASN ASN A . n 
A 1 13  GLU 13  14  14  GLU GLU A . n 
A 1 14  LEU 14  15  15  LEU LEU A . n 
A 1 15  LYS 15  16  16  LYS LYS A . n 
A 1 16  ILE 16  17  17  ILE ILE A . n 
A 1 17  PHE 17  18  18  PHE PHE A . n 
A 1 18  VAL 18  19  19  VAL VAL A . n 
A 1 19  GLU 19  20  20  GLU GLU A . n 
A 1 20  LYS 20  21  21  LYS LYS A . n 
A 1 21  ALA 21  22  22  ALA ALA A . n 
A 1 22  LYS 22  23  23  LYS LYS A . n 
A 1 23  TYR 23  24  24  TYR TYR A . n 
A 1 24  TYR 24  25  25  TYR TYR A . n 
A 1 25  SER 25  26  26  SER SER A . n 
A 1 26  ILE 26  27  27  ILE ILE A . n 
A 1 27  LYS 27  28  28  LYS LYS A . n 
A 1 28  LEU 28  29  29  LEU LEU A . n 
A 1 29  ASP 29  30  30  ASP ASP A . n 
A 1 30  ALA 30  31  31  ALA ALA A . n 
A 1 31  ILE 31  32  32  ILE ILE A . n 
A 1 32  TYR 32  33  33  TYR TYR A . n 
A 1 33  ASN 33  34  34  ASN ASN A . n 
A 1 34  GLU 34  35  35  GLU GLU A . n 
A 1 35  CYS 35  36  36  CYS CYS A . n 
A 1 36  THR 36  37  37  THR THR A . n 
A 1 37  GLY 37  38  38  GLY GLY A . n 
A 1 38  ALA 38  39  39  ALA ALA A . n 
A 1 39  TYR 39  40  40  TYR TYR A . n 
A 1 40  ASN 40  41  41  ASN ASN A . n 
A 1 41  ASP 41  42  42  ASP ASP A . n 
A 1 42  ILE 42  43  43  ILE ILE A . n 
A 1 43  MET 43  44  44  MET MET A . n 
A 1 44  THR 44  45  45  THR THR A . n 
A 1 45  TYR 45  46  46  TYR TYR A . n 
A 1 46  SER 46  47  47  SER SER A . n 
A 1 47  GLU 47  48  ?   ?   ?   A . n 
A 1 48  GLY 48  49  ?   ?   ?   A . n 
A 1 49  THR 49  50  ?   ?   ?   A . n 
A 1 50  PHE 50  51  ?   ?   ?   A . n 
A 1 51  SER 51  52  52  SER SER A . n 
A 1 52  ASP 52  53  53  ASP ASP A . n 
A 1 53  GLN 53  54  54  GLN GLN A . n 
A 1 54  SER 54  55  55  SER SER A . n 
A 1 55  LYS 55  56  56  LYS LYS A . n 
A 1 56  VAL 56  57  57  VAL VAL A . n 
A 1 57  ASN 57  58  58  ASN ASN A . n 
A 1 58  GLN 58  59  59  GLN GLN A . n 
A 1 59  ALA 59  60  60  ALA ALA A . n 
A 1 60  ILE 60  61  61  ILE ILE A . n 
A 1 61  SER 61  62  62  SER SER A . n 
A 1 62  ILE 62  63  63  ILE ILE A . n 
A 1 63  PHE 63  64  64  PHE PHE A . n 
A 1 64  LYS 64  65  65  LYS LYS A . n 
A 1 65  LYS 65  66  66  LYS LYS A . n 
A 1 66  ASP 66  67  67  ASP ASP A . n 
A 1 67  ASN 67  68  68  ASN ASN A . n 
A 1 68  LYS 68  69  69  LYS LYS A . n 
A 1 69  ILE 69  70  70  ILE ILE A . n 
A 1 70  VAL 70  71  71  VAL VAL A . n 
A 1 71  ASN 71  72  72  ASN ASN A . n 
A 1 72  LYS 72  73  73  LYS LYS A . n 
A 1 73  PHE 73  74  74  PHE PHE A . n 
A 1 74  LYS 74  75  75  LYS LYS A . n 
A 1 75  GLU 75  76  76  GLU GLU A . n 
A 1 76  LEU 76  77  77  LEU LEU A . n 
A 1 77  GLU 77  78  78  GLU GLU A . n 
A 1 78  LYS 78  79  79  LYS LYS A . n 
A 1 79  ILE 79  80  80  ILE ILE A . n 
A 1 80  ILE 80  81  81  ILE ILE A . n 
A 1 81  GLU 81  82  82  GLU GLU A . n 
A 1 82  GLU 82  83  83  GLU GLU A . n 
A 1 83  TYR 83  84  84  TYR TYR A . n 
A 1 84  LYS 84  85  85  LYS LYS A . n 
A 1 85  PRO 85  86  86  PRO PRO A . n 
A 1 86  MET 86  87  87  MET MET A . n 
A 1 87  PHE 87  88  88  PHE PHE A . n 
A 1 88  LEU 88  89  89  LEU LEU A . n 
A 1 89  SER 89  90  90  SER SER A . n 
A 1 90  LYS 90  91  91  LYS LYS A . n 
A 1 91  LEU 91  92  92  LEU LEU A . n 
A 1 92  ILE 92  93  93  ILE ILE A . n 
A 1 93  ASP 93  94  94  ASP ASP A . n 
A 1 94  ASP 94  95  95  ASP ASP A . n 
A 1 95  PHE 95  96  96  PHE PHE A . n 
A 1 96  ALA 96  97  97  ALA ALA A . n 
A 1 97  ILE 97  98  98  ILE ILE A . n 
A 1 98  GLU 98  99  99  GLU GLU A . n 
A 1 99  LEU 99  100 100 LEU LEU A . n 
A 1 100 ASP 100 101 101 ASP ASP A . n 
A 1 101 GLN 101 102 102 GLN GLN A . n 
A 1 102 ALA 102 103 103 ALA ALA A . n 
A 1 103 VAL 103 104 104 VAL VAL A . n 
A 1 104 ASP 104 105 105 ASP ASP A . n 
A 1 105 ASN 105 106 106 ASN ASN A . n 
A 1 106 ASP 106 107 107 ASP ASP A . n 
A 1 107 VAL 107 108 ?   ?   ?   A . n 
A 1 108 SER 108 109 109 SER SER A . n 
A 1 109 ASN 109 110 110 ASN ASN A . n 
A 1 110 ALA 110 111 111 ALA ALA A . n 
A 1 111 ARG 111 112 112 ARG ARG A . n 
A 1 112 HIS 112 113 113 HIS HIS A . n 
A 1 113 VAL 113 114 114 VAL VAL A . n 
A 1 114 ALA 114 115 115 ALA ALA A . n 
A 1 115 ASP 115 116 116 ASP ASP A . n 
A 1 116 SER 116 117 117 SER SER A . n 
A 1 117 TYR 117 118 118 TYR TYR A . n 
A 1 118 LYS 118 119 119 LYS LYS A . n 
A 1 119 LYS 119 120 120 LYS LYS A . n 
A 1 120 LEU 120 121 121 LEU LEU A . n 
A 1 121 ARG 121 122 122 ARG ARG A . n 
A 1 122 LYS 122 123 123 LYS LYS A . n 
A 1 123 SER 123 124 124 SER SER A . n 
A 1 124 VAL 124 125 125 VAL VAL A . n 
A 1 125 VAL 125 126 126 VAL VAL A . n 
A 1 126 LEU 126 127 127 LEU LEU A . n 
A 1 127 ALA 127 128 128 ALA ALA A . n 
A 1 128 TYR 128 129 129 TYR TYR A . n 
A 1 129 ILE 129 130 130 ILE ILE A . n 
A 1 130 GLU 130 131 131 GLU GLU A . n 
A 1 131 SER 131 132 132 SER SER A . n 
A 1 132 PHE 132 133 133 PHE PHE A . n 
A 1 133 ASP 133 134 134 ASP ASP A . n 
A 1 134 VAL 134 135 135 VAL VAL A . n 
A 1 135 ILE 135 136 136 ILE ILE A . n 
A 1 136 SER 136 137 137 SER SER A . n 
A 1 137 SER 137 138 138 SER SER A . n 
A 1 138 LYS 138 139 139 LYS LYS A . n 
A 1 139 PHE 139 140 140 PHE PHE A . n 
A 1 140 VAL 140 141 141 VAL VAL A . n 
A 1 141 ASP 141 142 142 ASP ASP A . n 
A 1 142 SER 142 143 143 SER SER A . n 
A 1 143 LYS 143 144 144 LYS LYS A . n 
A 1 144 PHE 144 145 145 PHE PHE A . n 
A 1 145 VAL 145 146 146 VAL VAL A . n 
A 1 146 GLU 146 147 147 GLU GLU A . n 
A 1 147 ALA 147 148 148 ALA ALA A . n 
A 1 148 SER 148 149 149 SER SER A . n 
A 1 149 LYS 149 150 150 LYS LYS A . n 
A 1 150 LYS 150 151 151 LYS LYS A . n 
A 1 151 PHE 151 152 152 PHE PHE A . n 
A 1 152 VAL 152 153 153 VAL VAL A . n 
A 1 153 ASN 153 154 154 ASN ASN A . n 
A 1 154 LYS 154 155 155 LYS LYS A . n 
A 1 155 ALA 155 156 156 ALA ALA A . n 
A 1 156 LYS 156 157 157 LYS LYS A . n 
A 1 157 GLU 157 158 158 GLU GLU A . n 
A 1 158 PHE 158 159 159 PHE PHE A . n 
A 1 159 VAL 159 160 160 VAL VAL A . n 
A 1 160 GLU 160 161 161 GLU GLU A . n 
A 1 161 GLU 161 162 162 GLU GLU A . n 
A 1 162 ASN 162 163 163 ASN ASN A . n 
A 1 163 ASP 163 164 164 ASP ASP A . n 
A 1 164 LEU 164 165 165 LEU LEU A . n 
A 1 165 ILE 165 166 166 ILE ILE A . n 
A 1 166 ALA 166 167 167 ALA ALA A . n 
A 1 167 LEU 167 168 168 LEU LEU A . n 
A 1 168 GLU 168 169 169 GLU GLU A . n 
A 1 169 CYS 169 170 170 CYS CYS A . n 
A 1 170 ILE 170 171 171 ILE ILE A . n 
A 1 171 VAL 171 172 172 VAL VAL A . n 
A 1 172 LYS 172 173 173 LYS LYS A . n 
A 1 173 THR 173 174 174 THR THR A . n 
A 1 174 ILE 174 175 175 ILE ILE A . n 
A 1 175 GLY 175 176 176 GLY GLY A . n 
A 1 176 ASP 176 177 177 ASP ASP A . n 
A 1 177 MET 177 178 178 MET MET A . n 
A 1 178 VAL 178 179 179 VAL VAL A . n 
A 1 179 ASN 179 180 180 ASN ASN A . n 
A 1 180 ASP 180 181 181 ASP ASP A . n 
A 1 181 ARG 181 182 182 ARG ARG A . n 
A 1 182 GLU 182 183 183 GLU GLU A . n 
A 1 183 ILE 183 184 184 ILE ILE A . n 
A 1 184 ASN 184 185 185 ASN ASN A . n 
A 1 185 SER 185 186 186 SER SER A . n 
A 1 186 ARG 186 187 187 ARG ARG A . n 
A 1 187 SER 187 188 188 SER SER A . n 
A 1 188 ARG 188 189 189 ARG ARG A . n 
A 1 189 TYR 189 190 190 TYR TYR A . n 
A 1 190 ASN 190 191 191 ASN ASN A . n 
A 1 191 ASN 191 192 192 ASN ASN A . n 
A 1 192 PHE 192 193 193 PHE PHE A . n 
A 1 193 TYR 193 194 194 TYR TYR A . n 
A 1 194 LYS 194 195 195 LYS LYS A . n 
A 1 195 LYS 195 196 196 LYS LYS A . n 
A 1 196 GLU 196 197 197 GLU GLU A . n 
A 1 197 ALA 197 198 198 ALA ALA A . n 
A 1 198 ASP 198 199 199 ASP ASP A . n 
A 1 199 PHE 199 200 200 PHE PHE A . n 
A 1 200 LEU 200 201 201 LEU LEU A . n 
A 1 201 GLY 201 202 202 GLY GLY A . n 
A 1 202 ALA 202 203 203 ALA ALA A . n 
A 1 203 ALA 203 204 204 ALA ALA A . n 
A 1 204 VAL 204 205 205 VAL VAL A . n 
A 1 205 GLU 205 206 206 GLU GLU A . n 
A 1 206 LEU 206 207 207 LEU LEU A . n 
A 1 207 GLU 207 208 208 GLU GLU A . n 
A 1 208 GLY 208 209 209 GLY GLY A . n 
A 1 209 ALA 209 210 210 ALA ALA A . n 
A 1 210 TYR 210 211 211 TYR TYR A . n 
A 1 211 LYS 211 212 212 LYS LYS A . n 
A 1 212 ALA 212 213 213 ALA ALA A . n 
A 1 213 ILE 213 214 214 ILE ILE A . n 
A 1 214 LYS 214 215 215 LYS LYS A . n 
A 1 215 GLN 215 216 216 GLN GLN A . n 
A 1 216 THR 216 217 217 THR THR A . n 
A 1 217 LEU 217 218 218 LEU LEU A . n 
A 1 218 LEU 218 219 ?   ?   ?   A . n 
# 
loop_
_pdbx_nonpoly_scheme.asym_id 
_pdbx_nonpoly_scheme.entity_id 
_pdbx_nonpoly_scheme.mon_id 
_pdbx_nonpoly_scheme.ndb_seq_num 
_pdbx_nonpoly_scheme.pdb_seq_num 
_pdbx_nonpoly_scheme.auth_seq_num 
_pdbx_nonpoly_scheme.pdb_mon_id 
_pdbx_nonpoly_scheme.auth_mon_id 
_pdbx_nonpoly_scheme.pdb_strand_id 
_pdbx_nonpoly_scheme.pdb_ins_code 
B 2 HOH 1   2001 2001 HOH HOH A . 
B 2 HOH 2   2002 2002 HOH HOH A . 
B 2 HOH 3   2003 2003 HOH HOH A . 
B 2 HOH 4   2004 2004 HOH HOH A . 
B 2 HOH 5   2005 2005 HOH HOH A . 
B 2 HOH 6   2006 2006 HOH HOH A . 
B 2 HOH 7   2007 2007 HOH HOH A . 
B 2 HOH 8   2008 2008 HOH HOH A . 
B 2 HOH 9   2009 2009 HOH HOH A . 
B 2 HOH 10  2010 2010 HOH HOH A . 
B 2 HOH 11  2011 2011 HOH HOH A . 
B 2 HOH 12  2012 2012 HOH HOH A . 
B 2 HOH 13  2013 2013 HOH HOH A . 
B 2 HOH 14  2014 2014 HOH HOH A . 
B 2 HOH 15  2015 2015 HOH HOH A . 
B 2 HOH 16  2016 2016 HOH HOH A . 
B 2 HOH 17  2017 2017 HOH HOH A . 
B 2 HOH 18  2018 2018 HOH HOH A . 
B 2 HOH 19  2019 2019 HOH HOH A . 
B 2 HOH 20  2020 2020 HOH HOH A . 
B 2 HOH 21  2021 2021 HOH HOH A . 
B 2 HOH 22  2022 2022 HOH HOH A . 
B 2 HOH 23  2023 2023 HOH HOH A . 
B 2 HOH 24  2024 2024 HOH HOH A . 
B 2 HOH 25  2025 2025 HOH HOH A . 
B 2 HOH 26  2026 2026 HOH HOH A . 
B 2 HOH 27  2027 2027 HOH HOH A . 
B 2 HOH 28  2028 2028 HOH HOH A . 
B 2 HOH 29  2029 2029 HOH HOH A . 
B 2 HOH 30  2030 2030 HOH HOH A . 
B 2 HOH 31  2031 2031 HOH HOH A . 
B 2 HOH 32  2032 2032 HOH HOH A . 
B 2 HOH 33  2033 2033 HOH HOH A . 
B 2 HOH 34  2034 2034 HOH HOH A . 
B 2 HOH 35  2035 2035 HOH HOH A . 
B 2 HOH 36  2036 2036 HOH HOH A . 
B 2 HOH 37  2037 2037 HOH HOH A . 
B 2 HOH 38  2038 2038 HOH HOH A . 
B 2 HOH 39  2039 2039 HOH HOH A . 
B 2 HOH 40  2040 2040 HOH HOH A . 
B 2 HOH 41  2041 2041 HOH HOH A . 
B 2 HOH 42  2042 2042 HOH HOH A . 
B 2 HOH 43  2043 2043 HOH HOH A . 
B 2 HOH 44  2044 2044 HOH HOH A . 
B 2 HOH 45  2045 2045 HOH HOH A . 
B 2 HOH 46  2046 2046 HOH HOH A . 
B 2 HOH 47  2047 2047 HOH HOH A . 
B 2 HOH 48  2048 2048 HOH HOH A . 
B 2 HOH 49  2049 2049 HOH HOH A . 
B 2 HOH 50  2050 2050 HOH HOH A . 
B 2 HOH 51  2051 2051 HOH HOH A . 
B 2 HOH 52  2052 2052 HOH HOH A . 
B 2 HOH 53  2053 2053 HOH HOH A . 
B 2 HOH 54  2054 2054 HOH HOH A . 
B 2 HOH 55  2055 2055 HOH HOH A . 
B 2 HOH 56  2056 2056 HOH HOH A . 
B 2 HOH 57  2057 2057 HOH HOH A . 
B 2 HOH 58  2058 2058 HOH HOH A . 
B 2 HOH 59  2059 2059 HOH HOH A . 
B 2 HOH 60  2060 2060 HOH HOH A . 
B 2 HOH 61  2061 2061 HOH HOH A . 
B 2 HOH 62  2062 2062 HOH HOH A . 
B 2 HOH 63  2063 2063 HOH HOH A . 
B 2 HOH 64  2064 2064 HOH HOH A . 
B 2 HOH 65  2065 2065 HOH HOH A . 
B 2 HOH 66  2066 2066 HOH HOH A . 
B 2 HOH 67  2067 2067 HOH HOH A . 
B 2 HOH 68  2068 2068 HOH HOH A . 
B 2 HOH 69  2069 2069 HOH HOH A . 
B 2 HOH 70  2070 2070 HOH HOH A . 
B 2 HOH 71  2071 2071 HOH HOH A . 
B 2 HOH 72  2072 2072 HOH HOH A . 
B 2 HOH 73  2073 2073 HOH HOH A . 
B 2 HOH 74  2074 2074 HOH HOH A . 
B 2 HOH 75  2075 2075 HOH HOH A . 
B 2 HOH 76  2076 2076 HOH HOH A . 
B 2 HOH 77  2077 2077 HOH HOH A . 
B 2 HOH 78  2078 2078 HOH HOH A . 
B 2 HOH 79  2079 2079 HOH HOH A . 
B 2 HOH 80  2080 2080 HOH HOH A . 
B 2 HOH 81  2081 2081 HOH HOH A . 
B 2 HOH 82  2082 2082 HOH HOH A . 
B 2 HOH 83  2083 2083 HOH HOH A . 
B 2 HOH 84  2084 2084 HOH HOH A . 
B 2 HOH 85  2085 2085 HOH HOH A . 
B 2 HOH 86  2086 2086 HOH HOH A . 
B 2 HOH 87  2087 2087 HOH HOH A . 
B 2 HOH 88  2088 2088 HOH HOH A . 
B 2 HOH 89  2089 2089 HOH HOH A . 
B 2 HOH 90  2090 2090 HOH HOH A . 
B 2 HOH 91  2091 2091 HOH HOH A . 
B 2 HOH 92  2092 2092 HOH HOH A . 
B 2 HOH 93  2093 2093 HOH HOH A . 
B 2 HOH 94  2094 2094 HOH HOH A . 
B 2 HOH 95  2095 2095 HOH HOH A . 
B 2 HOH 96  2096 2096 HOH HOH A . 
B 2 HOH 97  2097 2097 HOH HOH A . 
B 2 HOH 98  2098 2098 HOH HOH A . 
B 2 HOH 99  2099 2099 HOH HOH A . 
B 2 HOH 100 2100 2100 HOH HOH A . 
B 2 HOH 101 2101 2101 HOH HOH A . 
B 2 HOH 102 2102 2102 HOH HOH A . 
B 2 HOH 103 2103 2103 HOH HOH A . 
B 2 HOH 104 2104 2104 HOH HOH A . 
B 2 HOH 105 2105 2105 HOH HOH A . 
B 2 HOH 106 2106 2106 HOH HOH A . 
B 2 HOH 107 2107 2107 HOH HOH A . 
# 
_pdbx_struct_assembly.id                   1 
_pdbx_struct_assembly.details              author_and_software_defined_assembly 
_pdbx_struct_assembly.method_details       PISA 
_pdbx_struct_assembly.oligomeric_details   monomeric 
_pdbx_struct_assembly.oligomeric_count     1 
# 
_pdbx_struct_assembly_gen.assembly_id       1 
_pdbx_struct_assembly_gen.oper_expression   1 
_pdbx_struct_assembly_gen.asym_id_list      A,B 
# 
_pdbx_struct_oper_list.id                   1 
_pdbx_struct_oper_list.type                 'identity operation' 
_pdbx_struct_oper_list.name                 1_555 
_pdbx_struct_oper_list.symmetry_operation   x,y,z 
_pdbx_struct_oper_list.matrix[1][1]         1.0000000000 
_pdbx_struct_oper_list.matrix[1][2]         0.0000000000 
_pdbx_struct_oper_list.matrix[1][3]         0.0000000000 
_pdbx_struct_oper_list.vector[1]            0.0000000000 
_pdbx_struct_oper_list.matrix[2][1]         0.0000000000 
_pdbx_struct_oper_list.matrix[2][2]         1.0000000000 
_pdbx_struct_oper_list.matrix[2][3]         0.0000000000 
_pdbx_struct_oper_list.vector[2]            0.0000000000 
_pdbx_struct_oper_list.matrix[3][1]         0.0000000000 
_pdbx_struct_oper_list.matrix[3][2]         0.0000000000 
_pdbx_struct_oper_list.matrix[3][3]         1.0000000000 
_pdbx_struct_oper_list.vector[3]            0.0000000000 
# 
loop_
_pdbx_audit_revision_history.ordinal 
_pdbx_audit_revision_history.data_content_type 
_pdbx_audit_revision_history.major_revision 
_pdbx_audit_revision_history.minor_revision 
_pdbx_audit_revision_history.revision_date 
1 'Structure model' 1 0 2014-04-16 
2 'Structure model' 1 1 2014-06-18 
3 'Structure model' 1 2 2018-01-17 
4 'Structure model' 1 3 2023-12-20 
# 
_pdbx_audit_revision_details.ordinal             1 
_pdbx_audit_revision_details.revision_ordinal    1 
_pdbx_audit_revision_details.data_content_type   'Structure model' 
_pdbx_audit_revision_details.provider            repository 
_pdbx_audit_revision_details.type                'Initial release' 
_pdbx_audit_revision_details.description         ? 
_pdbx_audit_revision_details.details             ? 
# 
loop_
_pdbx_audit_revision_group.ordinal 
_pdbx_audit_revision_group.revision_ordinal 
_pdbx_audit_revision_group.data_content_type 
_pdbx_audit_revision_group.group 
1 2 'Structure model' 'Database references'    
2 3 'Structure model' 'Data collection'        
3 4 'Structure model' 'Data collection'        
4 4 'Structure model' 'Database references'    
5 4 'Structure model' Other                    
6 4 'Structure model' 'Refinement description' 
# 
loop_
_pdbx_audit_revision_category.ordinal 
_pdbx_audit_revision_category.revision_ordinal 
_pdbx_audit_revision_category.data_content_type 
_pdbx_audit_revision_category.category 
1 3 'Structure model' diffrn_source                 
2 4 'Structure model' chem_comp_atom                
3 4 'Structure model' chem_comp_bond                
4 4 'Structure model' database_2                    
5 4 'Structure model' pdbx_database_status          
6 4 'Structure model' pdbx_initial_refinement_model 
# 
loop_
_pdbx_audit_revision_item.ordinal 
_pdbx_audit_revision_item.revision_ordinal 
_pdbx_audit_revision_item.data_content_type 
_pdbx_audit_revision_item.item 
1 3 'Structure model' '_diffrn_source.pdbx_synchrotron_site' 
2 4 'Structure model' '_database_2.pdbx_DOI'                 
3 4 'Structure model' '_database_2.pdbx_database_accession'  
4 4 'Structure model' '_pdbx_database_status.status_code_sf' 
# 
loop_
_software.name 
_software.classification 
_software.version 
_software.citation_id 
_software.pdbx_ordinal 
REFMAC refinement       5.7.0032 ? 1 
MOSFLM 'data reduction' .        ? 2 
SCALA  'data scaling'   .        ? 3 
PHASER phasing          .        ? 4 
# 
_pdbx_validate_close_contact.id               1 
_pdbx_validate_close_contact.PDB_model_num    1 
_pdbx_validate_close_contact.auth_atom_id_1   OE2 
_pdbx_validate_close_contact.auth_asym_id_1   A 
_pdbx_validate_close_contact.auth_comp_id_1   GLU 
_pdbx_validate_close_contact.auth_seq_id_1    169 
_pdbx_validate_close_contact.PDB_ins_code_1   ? 
_pdbx_validate_close_contact.label_alt_id_1   ? 
_pdbx_validate_close_contact.auth_atom_id_2   OH 
_pdbx_validate_close_contact.auth_asym_id_2   A 
_pdbx_validate_close_contact.auth_comp_id_2   TYR 
_pdbx_validate_close_contact.auth_seq_id_2    190 
_pdbx_validate_close_contact.PDB_ins_code_2   ? 
_pdbx_validate_close_contact.label_alt_id_2   ? 
_pdbx_validate_close_contact.dist             2.18 
# 
loop_
_pdbx_validate_torsion.id 
_pdbx_validate_torsion.PDB_model_num 
_pdbx_validate_torsion.auth_comp_id 
_pdbx_validate_torsion.auth_asym_id 
_pdbx_validate_torsion.auth_seq_id 
_pdbx_validate_torsion.PDB_ins_code 
_pdbx_validate_torsion.label_alt_id 
_pdbx_validate_torsion.phi 
_pdbx_validate_torsion.psi 
1 1 ASP A 53  ? ? -166.21 104.77 
2 1 ASN A 106 ? ? -100.34 46.29  
# 
loop_
_pdbx_unobs_or_zero_occ_residues.id 
_pdbx_unobs_or_zero_occ_residues.PDB_model_num 
_pdbx_unobs_or_zero_occ_residues.polymer_flag 
_pdbx_unobs_or_zero_occ_residues.occupancy_flag 
_pdbx_unobs_or_zero_occ_residues.auth_asym_id 
_pdbx_unobs_or_zero_occ_residues.auth_comp_id 
_pdbx_unobs_or_zero_occ_residues.auth_seq_id 
_pdbx_unobs_or_zero_occ_residues.PDB_ins_code 
_pdbx_unobs_or_zero_occ_residues.label_asym_id 
_pdbx_unobs_or_zero_occ_residues.label_comp_id 
_pdbx_unobs_or_zero_occ_residues.label_seq_id 
1 1 Y 1 A GLY 2   ? A GLY 1   
2 1 Y 1 A ALA 3   ? A ALA 2   
3 1 Y 1 A MET 4   ? A MET 3   
4 1 Y 1 A GLU 48  ? A GLU 47  
5 1 Y 1 A GLY 49  ? A GLY 48  
6 1 Y 1 A THR 50  ? A THR 49  
7 1 Y 1 A PHE 51  ? A PHE 50  
8 1 Y 1 A VAL 108 ? A VAL 107 
9 1 Y 1 A LEU 219 ? A LEU 218 
# 
loop_
_chem_comp_atom.comp_id 
_chem_comp_atom.atom_id 
_chem_comp_atom.type_symbol 
_chem_comp_atom.pdbx_aromatic_flag 
_chem_comp_atom.pdbx_stereo_config 
_chem_comp_atom.pdbx_ordinal 
ALA N    N N N 1   
ALA CA   C N S 2   
ALA C    C N N 3   
ALA O    O N N 4   
ALA CB   C N N 5   
ALA OXT  O N N 6   
ALA H    H N N 7   
ALA H2   H N N 8   
ALA HA   H N N 9   
ALA HB1  H N N 10  
ALA HB2  H N N 11  
ALA HB3  H N N 12  
ALA HXT  H N N 13  
ARG N    N N N 14  
ARG CA   C N S 15  
ARG C    C N N 16  
ARG O    O N N 17  
ARG CB   C N N 18  
ARG CG   C N N 19  
ARG CD   C N N 20  
ARG NE   N N N 21  
ARG CZ   C N N 22  
ARG NH1  N N N 23  
ARG NH2  N N N 24  
ARG OXT  O N N 25  
ARG H    H N N 26  
ARG H2   H N N 27  
ARG HA   H N N 28  
ARG HB2  H N N 29  
ARG HB3  H N N 30  
ARG HG2  H N N 31  
ARG HG3  H N N 32  
ARG HD2  H N N 33  
ARG HD3  H N N 34  
ARG HE   H N N 35  
ARG HH11 H N N 36  
ARG HH12 H N N 37  
ARG HH21 H N N 38  
ARG HH22 H N N 39  
ARG HXT  H N N 40  
ASN N    N N N 41  
ASN CA   C N S 42  
ASN C    C N N 43  
ASN O    O N N 44  
ASN CB   C N N 45  
ASN CG   C N N 46  
ASN OD1  O N N 47  
ASN ND2  N N N 48  
ASN OXT  O N N 49  
ASN H    H N N 50  
ASN H2   H N N 51  
ASN HA   H N N 52  
ASN HB2  H N N 53  
ASN HB3  H N N 54  
ASN HD21 H N N 55  
ASN HD22 H N N 56  
ASN HXT  H N N 57  
ASP N    N N N 58  
ASP CA   C N S 59  
ASP C    C N N 60  
ASP O    O N N 61  
ASP CB   C N N 62  
ASP CG   C N N 63  
ASP OD1  O N N 64  
ASP OD2  O N N 65  
ASP OXT  O N N 66  
ASP H    H N N 67  
ASP H2   H N N 68  
ASP HA   H N N 69  
ASP HB2  H N N 70  
ASP HB3  H N N 71  
ASP HD2  H N N 72  
ASP HXT  H N N 73  
CYS N    N N N 74  
CYS CA   C N R 75  
CYS C    C N N 76  
CYS O    O N N 77  
CYS CB   C N N 78  
CYS SG   S N N 79  
CYS OXT  O N N 80  
CYS H    H N N 81  
CYS H2   H N N 82  
CYS HA   H N N 83  
CYS HB2  H N N 84  
CYS HB3  H N N 85  
CYS HG   H N N 86  
CYS HXT  H N N 87  
GLN N    N N N 88  
GLN CA   C N S 89  
GLN C    C N N 90  
GLN O    O N N 91  
GLN CB   C N N 92  
GLN CG   C N N 93  
GLN CD   C N N 94  
GLN OE1  O N N 95  
GLN NE2  N N N 96  
GLN OXT  O N N 97  
GLN H    H N N 98  
GLN H2   H N N 99  
GLN HA   H N N 100 
GLN HB2  H N N 101 
GLN HB3  H N N 102 
GLN HG2  H N N 103 
GLN HG3  H N N 104 
GLN HE21 H N N 105 
GLN HE22 H N N 106 
GLN HXT  H N N 107 
GLU N    N N N 108 
GLU CA   C N S 109 
GLU C    C N N 110 
GLU O    O N N 111 
GLU CB   C N N 112 
GLU CG   C N N 113 
GLU CD   C N N 114 
GLU OE1  O N N 115 
GLU OE2  O N N 116 
GLU OXT  O N N 117 
GLU H    H N N 118 
GLU H2   H N N 119 
GLU HA   H N N 120 
GLU HB2  H N N 121 
GLU HB3  H N N 122 
GLU HG2  H N N 123 
GLU HG3  H N N 124 
GLU HE2  H N N 125 
GLU HXT  H N N 126 
GLY N    N N N 127 
GLY CA   C N N 128 
GLY C    C N N 129 
GLY O    O N N 130 
GLY OXT  O N N 131 
GLY H    H N N 132 
GLY H2   H N N 133 
GLY HA2  H N N 134 
GLY HA3  H N N 135 
GLY HXT  H N N 136 
HIS N    N N N 137 
HIS CA   C N S 138 
HIS C    C N N 139 
HIS O    O N N 140 
HIS CB   C N N 141 
HIS CG   C Y N 142 
HIS ND1  N Y N 143 
HIS CD2  C Y N 144 
HIS CE1  C Y N 145 
HIS NE2  N Y N 146 
HIS OXT  O N N 147 
HIS H    H N N 148 
HIS H2   H N N 149 
HIS HA   H N N 150 
HIS HB2  H N N 151 
HIS HB3  H N N 152 
HIS HD1  H N N 153 
HIS HD2  H N N 154 
HIS HE1  H N N 155 
HIS HE2  H N N 156 
HIS HXT  H N N 157 
HOH O    O N N 158 
HOH H1   H N N 159 
HOH H2   H N N 160 
ILE N    N N N 161 
ILE CA   C N S 162 
ILE C    C N N 163 
ILE O    O N N 164 
ILE CB   C N S 165 
ILE CG1  C N N 166 
ILE CG2  C N N 167 
ILE CD1  C N N 168 
ILE OXT  O N N 169 
ILE H    H N N 170 
ILE H2   H N N 171 
ILE HA   H N N 172 
ILE HB   H N N 173 
ILE HG12 H N N 174 
ILE HG13 H N N 175 
ILE HG21 H N N 176 
ILE HG22 H N N 177 
ILE HG23 H N N 178 
ILE HD11 H N N 179 
ILE HD12 H N N 180 
ILE HD13 H N N 181 
ILE HXT  H N N 182 
LEU N    N N N 183 
LEU CA   C N S 184 
LEU C    C N N 185 
LEU O    O N N 186 
LEU CB   C N N 187 
LEU CG   C N N 188 
LEU CD1  C N N 189 
LEU CD2  C N N 190 
LEU OXT  O N N 191 
LEU H    H N N 192 
LEU H2   H N N 193 
LEU HA   H N N 194 
LEU HB2  H N N 195 
LEU HB3  H N N 196 
LEU HG   H N N 197 
LEU HD11 H N N 198 
LEU HD12 H N N 199 
LEU HD13 H N N 200 
LEU HD21 H N N 201 
LEU HD22 H N N 202 
LEU HD23 H N N 203 
LEU HXT  H N N 204 
LYS N    N N N 205 
LYS CA   C N S 206 
LYS C    C N N 207 
LYS O    O N N 208 
LYS CB   C N N 209 
LYS CG   C N N 210 
LYS CD   C N N 211 
LYS CE   C N N 212 
LYS NZ   N N N 213 
LYS OXT  O N N 214 
LYS H    H N N 215 
LYS H2   H N N 216 
LYS HA   H N N 217 
LYS HB2  H N N 218 
LYS HB3  H N N 219 
LYS HG2  H N N 220 
LYS HG3  H N N 221 
LYS HD2  H N N 222 
LYS HD3  H N N 223 
LYS HE2  H N N 224 
LYS HE3  H N N 225 
LYS HZ1  H N N 226 
LYS HZ2  H N N 227 
LYS HZ3  H N N 228 
LYS HXT  H N N 229 
MET N    N N N 230 
MET CA   C N S 231 
MET C    C N N 232 
MET O    O N N 233 
MET CB   C N N 234 
MET CG   C N N 235 
MET SD   S N N 236 
MET CE   C N N 237 
MET OXT  O N N 238 
MET H    H N N 239 
MET H2   H N N 240 
MET HA   H N N 241 
MET HB2  H N N 242 
MET HB3  H N N 243 
MET HG2  H N N 244 
MET HG3  H N N 245 
MET HE1  H N N 246 
MET HE2  H N N 247 
MET HE3  H N N 248 
MET HXT  H N N 249 
PHE N    N N N 250 
PHE CA   C N S 251 
PHE C    C N N 252 
PHE O    O N N 253 
PHE CB   C N N 254 
PHE CG   C Y N 255 
PHE CD1  C Y N 256 
PHE CD2  C Y N 257 
PHE CE1  C Y N 258 
PHE CE2  C Y N 259 
PHE CZ   C Y N 260 
PHE OXT  O N N 261 
PHE H    H N N 262 
PHE H2   H N N 263 
PHE HA   H N N 264 
PHE HB2  H N N 265 
PHE HB3  H N N 266 
PHE HD1  H N N 267 
PHE HD2  H N N 268 
PHE HE1  H N N 269 
PHE HE2  H N N 270 
PHE HZ   H N N 271 
PHE HXT  H N N 272 
PRO N    N N N 273 
PRO CA   C N S 274 
PRO C    C N N 275 
PRO O    O N N 276 
PRO CB   C N N 277 
PRO CG   C N N 278 
PRO CD   C N N 279 
PRO OXT  O N N 280 
PRO H    H N N 281 
PRO HA   H N N 282 
PRO HB2  H N N 283 
PRO HB3  H N N 284 
PRO HG2  H N N 285 
PRO HG3  H N N 286 
PRO HD2  H N N 287 
PRO HD3  H N N 288 
PRO HXT  H N N 289 
SER N    N N N 290 
SER CA   C N S 291 
SER C    C N N 292 
SER O    O N N 293 
SER CB   C N N 294 
SER OG   O N N 295 
SER OXT  O N N 296 
SER H    H N N 297 
SER H2   H N N 298 
SER HA   H N N 299 
SER HB2  H N N 300 
SER HB3  H N N 301 
SER HG   H N N 302 
SER HXT  H N N 303 
THR N    N N N 304 
THR CA   C N S 305 
THR C    C N N 306 
THR O    O N N 307 
THR CB   C N R 308 
THR OG1  O N N 309 
THR CG2  C N N 310 
THR OXT  O N N 311 
THR H    H N N 312 
THR H2   H N N 313 
THR HA   H N N 314 
THR HB   H N N 315 
THR HG1  H N N 316 
THR HG21 H N N 317 
THR HG22 H N N 318 
THR HG23 H N N 319 
THR HXT  H N N 320 
TYR N    N N N 321 
TYR CA   C N S 322 
TYR C    C N N 323 
TYR O    O N N 324 
TYR CB   C N N 325 
TYR CG   C Y N 326 
TYR CD1  C Y N 327 
TYR CD2  C Y N 328 
TYR CE1  C Y N 329 
TYR CE2  C Y N 330 
TYR CZ   C Y N 331 
TYR OH   O N N 332 
TYR OXT  O N N 333 
TYR H    H N N 334 
TYR H2   H N N 335 
TYR HA   H N N 336 
TYR HB2  H N N 337 
TYR HB3  H N N 338 
TYR HD1  H N N 339 
TYR HD2  H N N 340 
TYR HE1  H N N 341 
TYR HE2  H N N 342 
TYR HH   H N N 343 
TYR HXT  H N N 344 
VAL N    N N N 345 
VAL CA   C N S 346 
VAL C    C N N 347 
VAL O    O N N 348 
VAL CB   C N N 349 
VAL CG1  C N N 350 
VAL CG2  C N N 351 
VAL OXT  O N N 352 
VAL H    H N N 353 
VAL H2   H N N 354 
VAL HA   H N N 355 
VAL HB   H N N 356 
VAL HG11 H N N 357 
VAL HG12 H N N 358 
VAL HG13 H N N 359 
VAL HG21 H N N 360 
VAL HG22 H N N 361 
VAL HG23 H N N 362 
VAL HXT  H N N 363 
# 
loop_
_chem_comp_bond.comp_id 
_chem_comp_bond.atom_id_1 
_chem_comp_bond.atom_id_2 
_chem_comp_bond.value_order 
_chem_comp_bond.pdbx_aromatic_flag 
_chem_comp_bond.pdbx_stereo_config 
_chem_comp_bond.pdbx_ordinal 
ALA N   CA   sing N N 1   
ALA N   H    sing N N 2   
ALA N   H2   sing N N 3   
ALA CA  C    sing N N 4   
ALA CA  CB   sing N N 5   
ALA CA  HA   sing N N 6   
ALA C   O    doub N N 7   
ALA C   OXT  sing N N 8   
ALA CB  HB1  sing N N 9   
ALA CB  HB2  sing N N 10  
ALA CB  HB3  sing N N 11  
ALA OXT HXT  sing N N 12  
ARG N   CA   sing N N 13  
ARG N   H    sing N N 14  
ARG N   H2   sing N N 15  
ARG CA  C    sing N N 16  
ARG CA  CB   sing N N 17  
ARG CA  HA   sing N N 18  
ARG C   O    doub N N 19  
ARG C   OXT  sing N N 20  
ARG CB  CG   sing N N 21  
ARG CB  HB2  sing N N 22  
ARG CB  HB3  sing N N 23  
ARG CG  CD   sing N N 24  
ARG CG  HG2  sing N N 25  
ARG CG  HG3  sing N N 26  
ARG CD  NE   sing N N 27  
ARG CD  HD2  sing N N 28  
ARG CD  HD3  sing N N 29  
ARG NE  CZ   sing N N 30  
ARG NE  HE   sing N N 31  
ARG CZ  NH1  sing N N 32  
ARG CZ  NH2  doub N N 33  
ARG NH1 HH11 sing N N 34  
ARG NH1 HH12 sing N N 35  
ARG NH2 HH21 sing N N 36  
ARG NH2 HH22 sing N N 37  
ARG OXT HXT  sing N N 38  
ASN N   CA   sing N N 39  
ASN N   H    sing N N 40  
ASN N   H2   sing N N 41  
ASN CA  C    sing N N 42  
ASN CA  CB   sing N N 43  
ASN CA  HA   sing N N 44  
ASN C   O    doub N N 45  
ASN C   OXT  sing N N 46  
ASN CB  CG   sing N N 47  
ASN CB  HB2  sing N N 48  
ASN CB  HB3  sing N N 49  
ASN CG  OD1  doub N N 50  
ASN CG  ND2  sing N N 51  
ASN ND2 HD21 sing N N 52  
ASN ND2 HD22 sing N N 53  
ASN OXT HXT  sing N N 54  
ASP N   CA   sing N N 55  
ASP N   H    sing N N 56  
ASP N   H2   sing N N 57  
ASP CA  C    sing N N 58  
ASP CA  CB   sing N N 59  
ASP CA  HA   sing N N 60  
ASP C   O    doub N N 61  
ASP C   OXT  sing N N 62  
ASP CB  CG   sing N N 63  
ASP CB  HB2  sing N N 64  
ASP CB  HB3  sing N N 65  
ASP CG  OD1  doub N N 66  
ASP CG  OD2  sing N N 67  
ASP OD2 HD2  sing N N 68  
ASP OXT HXT  sing N N 69  
CYS N   CA   sing N N 70  
CYS N   H    sing N N 71  
CYS N   H2   sing N N 72  
CYS CA  C    sing N N 73  
CYS CA  CB   sing N N 74  
CYS CA  HA   sing N N 75  
CYS C   O    doub N N 76  
CYS C   OXT  sing N N 77  
CYS CB  SG   sing N N 78  
CYS CB  HB2  sing N N 79  
CYS CB  HB3  sing N N 80  
CYS SG  HG   sing N N 81  
CYS OXT HXT  sing N N 82  
GLN N   CA   sing N N 83  
GLN N   H    sing N N 84  
GLN N   H2   sing N N 85  
GLN CA  C    sing N N 86  
GLN CA  CB   sing N N 87  
GLN CA  HA   sing N N 88  
GLN C   O    doub N N 89  
GLN C   OXT  sing N N 90  
GLN CB  CG   sing N N 91  
GLN CB  HB2  sing N N 92  
GLN CB  HB3  sing N N 93  
GLN CG  CD   sing N N 94  
GLN CG  HG2  sing N N 95  
GLN CG  HG3  sing N N 96  
GLN CD  OE1  doub N N 97  
GLN CD  NE2  sing N N 98  
GLN NE2 HE21 sing N N 99  
GLN NE2 HE22 sing N N 100 
GLN OXT HXT  sing N N 101 
GLU N   CA   sing N N 102 
GLU N   H    sing N N 103 
GLU N   H2   sing N N 104 
GLU CA  C    sing N N 105 
GLU CA  CB   sing N N 106 
GLU CA  HA   sing N N 107 
GLU C   O    doub N N 108 
GLU C   OXT  sing N N 109 
GLU CB  CG   sing N N 110 
GLU CB  HB2  sing N N 111 
GLU CB  HB3  sing N N 112 
GLU CG  CD   sing N N 113 
GLU CG  HG2  sing N N 114 
GLU CG  HG3  sing N N 115 
GLU CD  OE1  doub N N 116 
GLU CD  OE2  sing N N 117 
GLU OE2 HE2  sing N N 118 
GLU OXT HXT  sing N N 119 
GLY N   CA   sing N N 120 
GLY N   H    sing N N 121 
GLY N   H2   sing N N 122 
GLY CA  C    sing N N 123 
GLY CA  HA2  sing N N 124 
GLY CA  HA3  sing N N 125 
GLY C   O    doub N N 126 
GLY C   OXT  sing N N 127 
GLY OXT HXT  sing N N 128 
HIS N   CA   sing N N 129 
HIS N   H    sing N N 130 
HIS N   H2   sing N N 131 
HIS CA  C    sing N N 132 
HIS CA  CB   sing N N 133 
HIS CA  HA   sing N N 134 
HIS C   O    doub N N 135 
HIS C   OXT  sing N N 136 
HIS CB  CG   sing N N 137 
HIS CB  HB2  sing N N 138 
HIS CB  HB3  sing N N 139 
HIS CG  ND1  sing Y N 140 
HIS CG  CD2  doub Y N 141 
HIS ND1 CE1  doub Y N 142 
HIS ND1 HD1  sing N N 143 
HIS CD2 NE2  sing Y N 144 
HIS CD2 HD2  sing N N 145 
HIS CE1 NE2  sing Y N 146 
HIS CE1 HE1  sing N N 147 
HIS NE2 HE2  sing N N 148 
HIS OXT HXT  sing N N 149 
HOH O   H1   sing N N 150 
HOH O   H2   sing N N 151 
ILE N   CA   sing N N 152 
ILE N   H    sing N N 153 
ILE N   H2   sing N N 154 
ILE CA  C    sing N N 155 
ILE CA  CB   sing N N 156 
ILE CA  HA   sing N N 157 
ILE C   O    doub N N 158 
ILE C   OXT  sing N N 159 
ILE CB  CG1  sing N N 160 
ILE CB  CG2  sing N N 161 
ILE CB  HB   sing N N 162 
ILE CG1 CD1  sing N N 163 
ILE CG1 HG12 sing N N 164 
ILE CG1 HG13 sing N N 165 
ILE CG2 HG21 sing N N 166 
ILE CG2 HG22 sing N N 167 
ILE CG2 HG23 sing N N 168 
ILE CD1 HD11 sing N N 169 
ILE CD1 HD12 sing N N 170 
ILE CD1 HD13 sing N N 171 
ILE OXT HXT  sing N N 172 
LEU N   CA   sing N N 173 
LEU N   H    sing N N 174 
LEU N   H2   sing N N 175 
LEU CA  C    sing N N 176 
LEU CA  CB   sing N N 177 
LEU CA  HA   sing N N 178 
LEU C   O    doub N N 179 
LEU C   OXT  sing N N 180 
LEU CB  CG   sing N N 181 
LEU CB  HB2  sing N N 182 
LEU CB  HB3  sing N N 183 
LEU CG  CD1  sing N N 184 
LEU CG  CD2  sing N N 185 
LEU CG  HG   sing N N 186 
LEU CD1 HD11 sing N N 187 
LEU CD1 HD12 sing N N 188 
LEU CD1 HD13 sing N N 189 
LEU CD2 HD21 sing N N 190 
LEU CD2 HD22 sing N N 191 
LEU CD2 HD23 sing N N 192 
LEU OXT HXT  sing N N 193 
LYS N   CA   sing N N 194 
LYS N   H    sing N N 195 
LYS N   H2   sing N N 196 
LYS CA  C    sing N N 197 
LYS CA  CB   sing N N 198 
LYS CA  HA   sing N N 199 
LYS C   O    doub N N 200 
LYS C   OXT  sing N N 201 
LYS CB  CG   sing N N 202 
LYS CB  HB2  sing N N 203 
LYS CB  HB3  sing N N 204 
LYS CG  CD   sing N N 205 
LYS CG  HG2  sing N N 206 
LYS CG  HG3  sing N N 207 
LYS CD  CE   sing N N 208 
LYS CD  HD2  sing N N 209 
LYS CD  HD3  sing N N 210 
LYS CE  NZ   sing N N 211 
LYS CE  HE2  sing N N 212 
LYS CE  HE3  sing N N 213 
LYS NZ  HZ1  sing N N 214 
LYS NZ  HZ2  sing N N 215 
LYS NZ  HZ3  sing N N 216 
LYS OXT HXT  sing N N 217 
MET N   CA   sing N N 218 
MET N   H    sing N N 219 
MET N   H2   sing N N 220 
MET CA  C    sing N N 221 
MET CA  CB   sing N N 222 
MET CA  HA   sing N N 223 
MET C   O    doub N N 224 
MET C   OXT  sing N N 225 
MET CB  CG   sing N N 226 
MET CB  HB2  sing N N 227 
MET CB  HB3  sing N N 228 
MET CG  SD   sing N N 229 
MET CG  HG2  sing N N 230 
MET CG  HG3  sing N N 231 
MET SD  CE   sing N N 232 
MET CE  HE1  sing N N 233 
MET CE  HE2  sing N N 234 
MET CE  HE3  sing N N 235 
MET OXT HXT  sing N N 236 
PHE N   CA   sing N N 237 
PHE N   H    sing N N 238 
PHE N   H2   sing N N 239 
PHE CA  C    sing N N 240 
PHE CA  CB   sing N N 241 
PHE CA  HA   sing N N 242 
PHE C   O    doub N N 243 
PHE C   OXT  sing N N 244 
PHE CB  CG   sing N N 245 
PHE CB  HB2  sing N N 246 
PHE CB  HB3  sing N N 247 
PHE CG  CD1  doub Y N 248 
PHE CG  CD2  sing Y N 249 
PHE CD1 CE1  sing Y N 250 
PHE CD1 HD1  sing N N 251 
PHE CD2 CE2  doub Y N 252 
PHE CD2 HD2  sing N N 253 
PHE CE1 CZ   doub Y N 254 
PHE CE1 HE1  sing N N 255 
PHE CE2 CZ   sing Y N 256 
PHE CE2 HE2  sing N N 257 
PHE CZ  HZ   sing N N 258 
PHE OXT HXT  sing N N 259 
PRO N   CA   sing N N 260 
PRO N   CD   sing N N 261 
PRO N   H    sing N N 262 
PRO CA  C    sing N N 263 
PRO CA  CB   sing N N 264 
PRO CA  HA   sing N N 265 
PRO C   O    doub N N 266 
PRO C   OXT  sing N N 267 
PRO CB  CG   sing N N 268 
PRO CB  HB2  sing N N 269 
PRO CB  HB3  sing N N 270 
PRO CG  CD   sing N N 271 
PRO CG  HG2  sing N N 272 
PRO CG  HG3  sing N N 273 
PRO CD  HD2  sing N N 274 
PRO CD  HD3  sing N N 275 
PRO OXT HXT  sing N N 276 
SER N   CA   sing N N 277 
SER N   H    sing N N 278 
SER N   H2   sing N N 279 
SER CA  C    sing N N 280 
SER CA  CB   sing N N 281 
SER CA  HA   sing N N 282 
SER C   O    doub N N 283 
SER C   OXT  sing N N 284 
SER CB  OG   sing N N 285 
SER CB  HB2  sing N N 286 
SER CB  HB3  sing N N 287 
SER OG  HG   sing N N 288 
SER OXT HXT  sing N N 289 
THR N   CA   sing N N 290 
THR N   H    sing N N 291 
THR N   H2   sing N N 292 
THR CA  C    sing N N 293 
THR CA  CB   sing N N 294 
THR CA  HA   sing N N 295 
THR C   O    doub N N 296 
THR C   OXT  sing N N 297 
THR CB  OG1  sing N N 298 
THR CB  CG2  sing N N 299 
THR CB  HB   sing N N 300 
THR OG1 HG1  sing N N 301 
THR CG2 HG21 sing N N 302 
THR CG2 HG22 sing N N 303 
THR CG2 HG23 sing N N 304 
THR OXT HXT  sing N N 305 
TYR N   CA   sing N N 306 
TYR N   H    sing N N 307 
TYR N   H2   sing N N 308 
TYR CA  C    sing N N 309 
TYR CA  CB   sing N N 310 
TYR CA  HA   sing N N 311 
TYR C   O    doub N N 312 
TYR C   OXT  sing N N 313 
TYR CB  CG   sing N N 314 
TYR CB  HB2  sing N N 315 
TYR CB  HB3  sing N N 316 
TYR CG  CD1  doub Y N 317 
TYR CG  CD2  sing Y N 318 
TYR CD1 CE1  sing Y N 319 
TYR CD1 HD1  sing N N 320 
TYR CD2 CE2  doub Y N 321 
TYR CD2 HD2  sing N N 322 
TYR CE1 CZ   doub Y N 323 
TYR CE1 HE1  sing N N 324 
TYR CE2 CZ   sing Y N 325 
TYR CE2 HE2  sing N N 326 
TYR CZ  OH   sing N N 327 
TYR OH  HH   sing N N 328 
TYR OXT HXT  sing N N 329 
VAL N   CA   sing N N 330 
VAL N   H    sing N N 331 
VAL N   H2   sing N N 332 
VAL CA  C    sing N N 333 
VAL CA  CB   sing N N 334 
VAL CA  HA   sing N N 335 
VAL C   O    doub N N 336 
VAL C   OXT  sing N N 337 
VAL CB  CG1  sing N N 338 
VAL CB  CG2  sing N N 339 
VAL CB  HB   sing N N 340 
VAL CG1 HG11 sing N N 341 
VAL CG1 HG12 sing N N 342 
VAL CG1 HG13 sing N N 343 
VAL CG2 HG21 sing N N 344 
VAL CG2 HG22 sing N N 345 
VAL CG2 HG23 sing N N 346 
VAL OXT HXT  sing N N 347 
# 
_pdbx_entity_nonpoly.entity_id   2 
_pdbx_entity_nonpoly.name        water 
_pdbx_entity_nonpoly.comp_id     HOH 
# 
_pdbx_initial_refinement_model.id               1 
_pdbx_initial_refinement_model.entity_id_list   ? 
_pdbx_initial_refinement_model.type             'experimental model' 
_pdbx_initial_refinement_model.source_name      PDB 
_pdbx_initial_refinement_model.accession_code   4BG0 
_pdbx_initial_refinement_model.details          'PDB ENTRY 4BG0' 
# 
